data_9B17
#
_entry.id   9B17
#
_cell.length_a   143.61
_cell.length_b   154.014
_cell.length_c   88.58
_cell.angle_alpha   90
_cell.angle_beta   90
_cell.angle_gamma   90
#
_symmetry.space_group_name_H-M   'P 21 21 2'
#
loop_
_entity.id
_entity.type
_entity.pdbx_description
1 polymer 'Tryptophan 2,3-dioxygenase'
2 non-polymer 'PROTOPORPHYRIN IX CONTAINING FE'
3 non-polymer (5P)-5-(1H-indol-3-yl)-1-[2-(piperazin-1-yl)ethyl]-1H-1,2,3-benzotriazole
4 non-polymer alpha-methyl-L-tryptophan
5 water water
#
_entity_poly.entity_id   1
_entity_poly.type   'polypeptide(L)'
_entity_poly.pdbx_seq_one_letter_code
;MLPVEGSEEDKSQTGVNRASKGGLIYGNYLHLEKVLNAQELQSETKGNKIHDEHLFIITHQAYELWFKQILWELDSVREI
FQNGHVRDERNMLKVVSRMHRVSVILKLLVQQFSILETMTALDFNDFREYLSPASGFQSLQFRLLENKIGVLQNMRVPYN
RRHYRDNFKGEENELLLKSEQEKTLLELVEAWLERTPGLEPHGFNFWGKLEKNITRGLEEEFIRIQAKEESEEKEEQVAE
FQKQKEVLLSLFDEKRHEHLLSKGERRLSYRALQGALMIYFYREEPRFQVPFQLLTSLMDIDSLMTKWRYNHVCMVHRML
GSKAGTGGSSGYHYLRSTVSDRYKVFVDLFNLSTYLIPRHWIPKMNPTIHKFLEHHHHHH
;
_entity_poly.pdbx_strand_id   A,B,C,D
#
# COMPACT_ATOMS: atom_id res chain seq x y z
N GLY A 23 -34.53 -13.99 -13.45
CA GLY A 23 -33.07 -13.97 -13.59
C GLY A 23 -32.40 -13.39 -12.36
N LEU A 24 -31.08 -13.59 -12.27
CA LEU A 24 -30.31 -13.29 -11.07
C LEU A 24 -29.92 -11.80 -11.02
N ILE A 25 -30.03 -11.19 -9.83
CA ILE A 25 -29.67 -9.80 -9.63
C ILE A 25 -28.48 -9.74 -8.67
N TYR A 26 -27.56 -8.78 -8.89
CA TYR A 26 -26.37 -8.59 -8.08
C TYR A 26 -26.66 -8.71 -6.58
N GLY A 27 -27.53 -7.84 -6.07
CA GLY A 27 -27.80 -7.82 -4.62
C GLY A 27 -28.24 -9.19 -4.08
N ASN A 28 -28.94 -9.98 -4.90
CA ASN A 28 -29.45 -11.27 -4.51
C ASN A 28 -28.34 -12.32 -4.60
N TYR A 29 -27.56 -12.26 -5.68
CA TYR A 29 -26.42 -13.13 -5.87
C TYR A 29 -25.52 -13.04 -4.64
N LEU A 30 -25.34 -11.82 -4.13
CA LEU A 30 -24.47 -11.56 -3.00
C LEU A 30 -25.22 -11.54 -1.67
N HIS A 31 -26.51 -11.89 -1.66
CA HIS A 31 -27.27 -11.98 -0.42
C HIS A 31 -27.02 -10.75 0.44
N LEU A 32 -27.14 -9.58 -0.17
CA LEU A 32 -26.92 -8.33 0.52
C LEU A 32 -28.07 -8.05 1.48
N GLU A 33 -29.19 -8.78 1.32
CA GLU A 33 -30.30 -8.68 2.26
C GLU A 33 -29.81 -9.08 3.64
N LYS A 34 -28.78 -9.92 3.68
CA LYS A 34 -28.16 -10.31 4.93
C LYS A 34 -27.02 -9.36 5.28
N VAL A 35 -26.10 -9.19 4.32
CA VAL A 35 -24.84 -8.54 4.59
C VAL A 35 -25.09 -7.10 5.02
N LEU A 36 -26.03 -6.44 4.36
CA LEU A 36 -26.23 -5.01 4.56
C LEU A 36 -27.42 -4.75 5.47
N ASN A 37 -27.86 -5.80 6.19
CA ASN A 37 -28.78 -5.63 7.31
C ASN A 37 -28.21 -6.36 8.51
N ALA A 38 -26.93 -6.14 8.79
CA ALA A 38 -26.26 -6.79 9.90
C ALA A 38 -25.58 -5.74 10.78
N GLN A 39 -25.97 -4.48 10.58
CA GLN A 39 -25.33 -3.41 11.32
C GLN A 39 -26.29 -2.89 12.38
N GLU A 40 -26.06 -3.28 13.65
CA GLU A 40 -26.90 -2.83 14.75
C GLU A 40 -26.01 -2.13 15.78
N LEU A 41 -26.06 -0.81 15.80
CA LEU A 41 -25.30 -0.04 16.76
C LEU A 41 -25.89 -0.27 18.14
N GLN A 42 -25.11 -0.83 19.05
CA GLN A 42 -25.59 -1.03 20.41
C GLN A 42 -25.85 0.30 21.08
N SER A 43 -25.00 1.29 20.78
CA SER A 43 -25.19 2.63 21.32
C SER A 43 -26.57 3.14 20.94
N GLU A 44 -27.01 2.82 19.72
CA GLU A 44 -28.30 3.25 19.20
C GLU A 44 -29.42 2.43 19.83
N THR A 45 -29.19 1.13 19.96
CA THR A 45 -30.18 0.23 20.54
C THR A 45 -30.49 0.65 21.98
N LYS A 46 -29.51 1.25 22.67
CA LYS A 46 -29.65 1.65 24.06
C LYS A 46 -29.85 3.16 24.16
N GLY A 47 -30.24 3.80 23.03
CA GLY A 47 -30.80 5.14 23.04
C GLY A 47 -29.75 6.24 23.17
N ASN A 48 -28.56 6.01 22.60
CA ASN A 48 -27.47 6.98 22.64
C ASN A 48 -26.52 6.76 21.47
N LYS A 49 -27.07 6.77 20.25
CA LYS A 49 -26.31 6.44 19.06
C LYS A 49 -24.99 7.21 19.02
N ILE A 50 -23.90 6.47 18.78
CA ILE A 50 -22.58 7.05 18.58
C ILE A 50 -22.13 6.70 17.17
N HIS A 51 -21.70 7.72 16.43
CA HIS A 51 -21.51 7.64 14.99
C HIS A 51 -20.41 6.64 14.66
N ASP A 52 -19.30 6.68 15.40
CA ASP A 52 -18.14 5.90 15.03
C ASP A 52 -18.38 4.42 15.32
N GLU A 53 -19.44 4.07 16.05
CA GLU A 53 -19.70 2.66 16.32
C GLU A 53 -19.93 1.94 15.00
N HIS A 54 -20.57 2.63 14.06
CA HIS A 54 -20.86 2.02 12.78
C HIS A 54 -19.57 1.52 12.12
N LEU A 55 -18.53 2.36 12.17
CA LEU A 55 -17.23 2.01 11.60
C LEU A 55 -16.69 0.76 12.24
N PHE A 56 -16.77 0.71 13.57
CA PHE A 56 -16.23 -0.39 14.35
C PHE A 56 -16.88 -1.68 13.91
N ILE A 57 -18.19 -1.60 13.63
CA ILE A 57 -18.94 -2.79 13.27
C ILE A 57 -18.48 -3.29 11.90
N ILE A 58 -18.49 -2.36 10.92
CA ILE A 58 -18.18 -2.69 9.55
C ILE A 58 -16.76 -3.26 9.48
N THR A 59 -15.82 -2.59 10.14
CA THR A 59 -14.44 -3.03 10.07
C THR A 59 -14.37 -4.52 10.38
N HIS A 60 -14.91 -4.90 11.53
CA HIS A 60 -14.84 -6.27 12.00
C HIS A 60 -15.54 -7.19 10.99
N GLN A 61 -16.68 -6.74 10.47
CA GLN A 61 -17.45 -7.57 9.57
C GLN A 61 -16.62 -7.86 8.31
N ALA A 62 -15.86 -6.86 7.85
CA ALA A 62 -15.00 -7.05 6.70
C ALA A 62 -13.89 -8.05 7.03
N TYR A 63 -13.27 -7.89 8.20
CA TYR A 63 -12.26 -8.82 8.66
C TYR A 63 -12.82 -10.24 8.61
N GLU A 64 -14.06 -10.40 9.10
CA GLU A 64 -14.63 -11.73 9.20
C GLU A 64 -14.91 -12.29 7.81
N LEU A 65 -15.33 -11.43 6.87
CA LEU A 65 -15.53 -11.89 5.51
C LEU A 65 -14.23 -12.49 4.99
N TRP A 66 -13.13 -11.76 5.22
CA TRP A 66 -11.86 -12.15 4.65
C TRP A 66 -11.30 -13.38 5.36
N PHE A 67 -11.54 -13.49 6.67
CA PHE A 67 -11.15 -14.70 7.38
C PHE A 67 -11.86 -15.89 6.75
N LYS A 68 -13.14 -15.70 6.39
CA LYS A 68 -13.93 -16.77 5.81
C LYS A 68 -13.27 -17.19 4.51
N GLN A 69 -12.82 -16.21 3.74
CA GLN A 69 -12.20 -16.48 2.46
C GLN A 69 -10.90 -17.21 2.68
N ILE A 70 -10.13 -16.77 3.68
CA ILE A 70 -8.84 -17.38 3.94
C ILE A 70 -9.08 -18.83 4.33
N LEU A 71 -10.08 -19.09 5.17
CA LEU A 71 -10.40 -20.45 5.58
C LEU A 71 -10.76 -21.29 4.37
N TRP A 72 -11.47 -20.67 3.44
CA TRP A 72 -11.89 -21.31 2.21
C TRP A 72 -10.67 -21.78 1.43
N GLU A 73 -9.69 -20.89 1.30
CA GLU A 73 -8.50 -21.21 0.53
C GLU A 73 -7.74 -22.28 1.29
N LEU A 74 -7.55 -22.05 2.57
CA LEU A 74 -6.70 -22.88 3.41
C LEU A 74 -7.24 -24.29 3.51
N ASP A 75 -8.56 -24.40 3.75
CA ASP A 75 -9.21 -25.68 3.83
C ASP A 75 -9.06 -26.43 2.50
N SER A 76 -9.12 -25.70 1.39
CA SER A 76 -9.01 -26.32 0.08
C SER A 76 -7.62 -26.92 -0.09
N VAL A 77 -6.60 -26.23 0.41
CA VAL A 77 -5.23 -26.65 0.24
C VAL A 77 -4.96 -27.80 1.18
N ARG A 78 -5.51 -27.73 2.39
CA ARG A 78 -5.40 -28.86 3.30
C ARG A 78 -5.96 -30.13 2.64
N GLU A 79 -7.09 -30.01 1.96
CA GLU A 79 -7.72 -31.15 1.33
C GLU A 79 -6.85 -31.73 0.20
N ILE A 80 -6.16 -30.86 -0.53
CA ILE A 80 -5.31 -31.28 -1.65
C ILE A 80 -4.19 -32.18 -1.15
N PHE A 81 -3.68 -31.82 0.04
CA PHE A 81 -2.65 -32.59 0.70
C PHE A 81 -3.25 -33.86 1.26
N GLN A 82 -4.33 -33.71 2.04
CA GLN A 82 -4.94 -34.79 2.80
C GLN A 82 -5.37 -35.92 1.88
N ASN A 83 -5.86 -35.57 0.70
CA ASN A 83 -6.43 -36.55 -0.22
C ASN A 83 -5.42 -36.97 -1.28
N GLY A 84 -4.16 -36.57 -1.12
CA GLY A 84 -3.09 -37.10 -1.95
C GLY A 84 -3.02 -36.48 -3.34
N HIS A 85 -3.75 -35.39 -3.59
CA HIS A 85 -3.72 -34.78 -4.91
C HIS A 85 -2.39 -34.08 -5.13
N VAL A 86 -1.78 -33.64 -4.05
CA VAL A 86 -0.52 -32.93 -4.11
C VAL A 86 0.56 -33.85 -4.67
N ARG A 87 0.31 -35.16 -4.62
CA ARG A 87 1.27 -36.10 -5.16
C ARG A 87 1.40 -35.88 -6.66
N ASP A 88 0.29 -35.49 -7.30
CA ASP A 88 0.30 -35.14 -8.71
C ASP A 88 0.74 -33.71 -8.83
N GLU A 89 1.94 -33.50 -9.41
CA GLU A 89 2.63 -32.21 -9.33
C GLU A 89 1.96 -31.14 -10.20
N ARG A 90 0.96 -31.52 -11.01
CA ARG A 90 0.19 -30.56 -11.76
C ARG A 90 -0.52 -29.62 -10.80
N ASN A 91 -0.74 -30.10 -9.57
CA ASN A 91 -1.58 -29.39 -8.62
C ASN A 91 -0.76 -28.36 -7.85
N MET A 92 0.55 -28.28 -8.10
CA MET A 92 1.39 -27.40 -7.32
C MET A 92 1.09 -25.94 -7.64
N LEU A 93 0.74 -25.65 -8.91
CA LEU A 93 0.42 -24.28 -9.30
C LEU A 93 -0.77 -23.79 -8.49
N LYS A 94 -1.81 -24.62 -8.44
CA LYS A 94 -3.01 -24.31 -7.69
C LYS A 94 -2.70 -24.07 -6.22
N VAL A 95 -1.82 -24.91 -5.65
CA VAL A 95 -1.52 -24.84 -4.23
C VAL A 95 -0.82 -23.52 -3.92
N VAL A 96 0.20 -23.20 -4.72
CA VAL A 96 0.96 -21.98 -4.51
C VAL A 96 0.10 -20.74 -4.77
N SER A 97 -0.81 -20.79 -5.77
CA SER A 97 -1.66 -19.66 -6.10
C SER A 97 -2.54 -19.32 -4.92
N ARG A 98 -3.10 -20.37 -4.29
CA ARG A 98 -4.07 -20.14 -3.24
C ARG A 98 -3.34 -19.66 -2.00
N MET A 99 -2.16 -20.24 -1.74
CA MET A 99 -1.39 -19.79 -0.59
C MET A 99 -0.98 -18.33 -0.80
N HIS A 100 -0.59 -18.01 -2.03
CA HIS A 100 -0.17 -16.66 -2.34
C HIS A 100 -1.36 -15.73 -2.18
N ARG A 101 -2.53 -16.22 -2.57
CA ARG A 101 -3.74 -15.43 -2.45
C ARG A 101 -3.99 -15.15 -0.99
N VAL A 102 -3.75 -16.14 -0.13
CA VAL A 102 -3.93 -15.91 1.29
C VAL A 102 -3.00 -14.79 1.73
N SER A 103 -1.75 -14.81 1.28
CA SER A 103 -0.84 -13.77 1.77
C SER A 103 -1.26 -12.42 1.21
N VAL A 104 -1.87 -12.37 0.03
CA VAL A 104 -2.36 -11.09 -0.50
C VAL A 104 -3.52 -10.57 0.34
N ILE A 105 -4.40 -11.46 0.77
CA ILE A 105 -5.52 -11.06 1.59
C ILE A 105 -4.97 -10.53 2.90
N LEU A 106 -4.01 -11.24 3.47
CA LEU A 106 -3.50 -10.86 4.78
C LEU A 106 -2.84 -9.50 4.67
N LYS A 107 -2.17 -9.23 3.54
CA LYS A 107 -1.51 -7.97 3.34
C LYS A 107 -2.54 -6.87 3.44
N LEU A 108 -3.73 -7.15 2.91
CA LEU A 108 -4.81 -6.18 2.90
C LEU A 108 -5.32 -5.97 4.31
N LEU A 109 -5.50 -7.09 5.04
CA LEU A 109 -6.05 -7.04 6.38
C LEU A 109 -5.16 -6.24 7.30
N VAL A 110 -3.86 -6.27 7.01
CA VAL A 110 -2.96 -5.45 7.77
C VAL A 110 -3.25 -3.99 7.45
N GLN A 111 -3.42 -3.67 6.17
CA GLN A 111 -3.62 -2.28 5.79
C GLN A 111 -4.96 -1.79 6.33
N GLN A 112 -5.90 -2.70 6.53
CA GLN A 112 -7.26 -2.35 6.90
C GLN A 112 -7.28 -1.69 8.28
N PHE A 113 -6.25 -1.90 9.09
CA PHE A 113 -6.18 -1.25 10.39
C PHE A 113 -6.14 0.27 10.23
N SER A 114 -5.62 0.73 9.10
CA SER A 114 -5.53 2.15 8.84
C SER A 114 -6.92 2.78 8.89
N ILE A 115 -7.95 2.01 8.56
CA ILE A 115 -9.29 2.57 8.53
C ILE A 115 -9.72 2.86 9.96
N LEU A 116 -9.39 1.92 10.85
CA LEU A 116 -9.89 2.04 12.21
C LEU A 116 -9.00 3.01 13.00
N GLU A 117 -7.83 3.31 12.47
CA GLU A 117 -6.98 4.33 13.06
C GLU A 117 -7.58 5.70 12.85
N THR A 118 -8.64 5.81 12.04
CA THR A 118 -9.30 7.09 11.84
C THR A 118 -10.21 7.38 13.01
N MET A 119 -10.45 6.40 13.88
CA MET A 119 -11.32 6.55 15.03
C MET A 119 -10.48 6.95 16.24
N THR A 120 -10.83 8.06 16.92
CA THR A 120 -9.99 8.48 18.03
C THR A 120 -10.33 7.62 19.24
N ALA A 121 -9.39 7.56 20.19
CA ALA A 121 -9.67 6.87 21.44
C ALA A 121 -10.82 7.56 22.14
N LEU A 122 -10.84 8.89 22.08
CA LEU A 122 -11.87 9.67 22.74
C LEU A 122 -13.25 9.25 22.23
N ASP A 123 -13.35 9.00 20.93
CA ASP A 123 -14.63 8.73 20.30
C ASP A 123 -15.02 7.28 20.55
N PHE A 124 -14.01 6.40 20.60
CA PHE A 124 -14.26 4.99 20.85
C PHE A 124 -14.77 4.83 22.27
N ASN A 125 -14.22 5.66 23.17
CA ASN A 125 -14.62 5.70 24.56
C ASN A 125 -16.11 5.94 24.70
N ASP A 126 -16.75 6.51 23.69
CA ASP A 126 -18.14 6.91 23.83
C ASP A 126 -19.09 5.76 23.56
N PHE A 127 -18.59 4.59 23.19
CA PHE A 127 -19.50 3.48 22.96
C PHE A 127 -18.91 2.17 23.48
N ARG A 128 -17.71 2.21 24.05
CA ARG A 128 -17.03 1.00 24.46
C ARG A 128 -17.86 0.27 25.50
N GLU A 129 -18.59 1.04 26.31
CA GLU A 129 -19.39 0.48 27.39
C GLU A 129 -20.46 -0.47 26.84
N TYR A 130 -21.05 -0.12 25.69
CA TYR A 130 -22.18 -0.88 25.15
C TYR A 130 -21.67 -2.18 24.52
N LEU A 131 -20.37 -2.41 24.55
CA LEU A 131 -19.79 -3.59 23.91
C LEU A 131 -19.56 -4.70 24.93
N SER A 132 -19.23 -4.32 26.17
CA SER A 132 -18.98 -5.27 27.24
C SER A 132 -20.13 -6.29 27.29
N PRO A 133 -19.80 -7.60 27.42
CA PRO A 133 -18.43 -8.05 27.63
C PRO A 133 -17.79 -8.72 26.43
N ALA A 134 -18.13 -8.26 25.23
CA ALA A 134 -17.73 -8.95 24.01
C ALA A 134 -16.30 -8.54 23.63
N SER A 135 -15.63 -9.40 22.85
CA SER A 135 -14.27 -9.14 22.41
C SER A 135 -13.97 -9.91 21.14
N GLY A 136 -12.91 -9.48 20.44
CA GLY A 136 -12.43 -10.15 19.24
C GLY A 136 -12.01 -11.57 19.59
N PHE A 137 -11.65 -11.76 20.85
CA PHE A 137 -11.26 -13.06 21.36
C PHE A 137 -12.28 -14.11 20.94
N GLN A 138 -13.54 -13.68 20.77
CA GLN A 138 -14.62 -14.59 20.50
C GLN A 138 -14.77 -14.82 19.00
N SER A 139 -13.74 -14.51 18.21
CA SER A 139 -13.77 -14.78 16.78
C SER A 139 -13.48 -16.24 16.55
N LEU A 140 -14.54 -17.00 16.29
CA LEU A 140 -14.41 -18.42 15.98
C LEU A 140 -13.45 -18.57 14.81
N GLN A 141 -13.64 -17.73 13.79
CA GLN A 141 -12.88 -17.88 12.56
C GLN A 141 -11.40 -17.62 12.81
N PHE A 142 -11.09 -16.60 13.59
CA PHE A 142 -9.69 -16.30 13.84
C PHE A 142 -9.05 -17.54 14.47
N ARG A 143 -9.79 -18.22 15.35
CA ARG A 143 -9.26 -19.36 16.05
C ARG A 143 -9.13 -20.52 15.08
N LEU A 144 -10.16 -20.72 14.25
CA LEU A 144 -10.13 -21.77 13.25
C LEU A 144 -8.89 -21.60 12.38
N LEU A 145 -8.59 -20.36 12.07
CA LEU A 145 -7.48 -20.04 11.20
C LEU A 145 -6.15 -20.38 11.89
N GLU A 146 -6.00 -19.95 13.14
CA GLU A 146 -4.82 -20.28 13.92
C GLU A 146 -4.62 -21.80 13.94
N ASN A 147 -5.71 -22.52 14.23
CA ASN A 147 -5.65 -23.95 14.42
C ASN A 147 -5.30 -24.66 13.10
N LYS A 148 -5.96 -24.23 12.02
CA LYS A 148 -5.85 -24.95 10.76
C LYS A 148 -4.46 -24.76 10.18
N ILE A 149 -3.84 -23.62 10.46
CA ILE A 149 -2.48 -23.40 10.02
C ILE A 149 -1.57 -24.31 10.84
N GLY A 150 -1.76 -24.33 12.16
CA GLY A 150 -1.06 -25.31 12.98
C GLY A 150 -0.52 -24.76 14.30
N VAL A 151 -1.20 -23.75 14.84
CA VAL A 151 -0.89 -23.28 16.19
C VAL A 151 -1.26 -24.39 17.15
N LEU A 152 -0.32 -24.82 17.99
CA LEU A 152 -0.55 -25.92 18.92
C LEU A 152 -0.97 -25.39 20.30
N GLN A 153 -1.84 -26.12 20.98
CA GLN A 153 -2.35 -25.66 22.27
C GLN A 153 -1.23 -25.52 23.31
N ASN A 154 -0.29 -26.47 23.33
CA ASN A 154 0.78 -26.40 24.32
C ASN A 154 1.61 -25.14 24.09
N MET A 155 1.65 -24.63 22.85
CA MET A 155 2.43 -23.44 22.52
C MET A 155 1.61 -22.15 22.65
N ARG A 156 0.38 -22.25 23.17
CA ARG A 156 -0.47 -21.09 23.29
C ARG A 156 -0.24 -20.40 24.63
N VAL A 157 -0.18 -19.07 24.62
CA VAL A 157 -0.20 -18.33 25.87
C VAL A 157 -1.63 -18.32 26.39
N PRO A 158 -1.87 -18.75 27.65
CA PRO A 158 -3.21 -18.67 28.25
C PRO A 158 -3.57 -17.23 28.58
N TYR A 159 -4.85 -16.88 28.42
CA TYR A 159 -5.36 -15.59 28.82
C TYR A 159 -6.19 -15.76 30.08
N ASN A 160 -5.83 -15.01 31.14
CA ASN A 160 -6.52 -15.14 32.42
C ASN A 160 -6.48 -16.60 32.87
N ARG A 161 -5.29 -17.21 32.72
CA ARG A 161 -5.05 -18.60 33.07
C ARG A 161 -6.17 -19.52 32.61
N ARG A 162 -6.62 -19.37 31.34
CA ARG A 162 -7.73 -20.17 30.83
C ARG A 162 -7.46 -20.59 29.39
N HIS A 163 -8.14 -21.65 28.92
CA HIS A 163 -8.03 -22.10 27.54
C HIS A 163 -8.91 -21.20 26.67
N TYR A 164 -8.45 -20.91 25.44
CA TYR A 164 -9.17 -20.03 24.55
C TYR A 164 -10.56 -20.60 24.26
N ARG A 165 -10.66 -21.94 24.20
CA ARG A 165 -11.89 -22.60 23.78
C ARG A 165 -12.98 -22.53 24.85
N ASP A 166 -12.59 -22.28 26.11
CA ASP A 166 -13.53 -22.26 27.22
C ASP A 166 -14.50 -21.08 27.07
N ASN A 167 -14.23 -20.16 26.13
CA ASN A 167 -15.10 -19.03 25.86
C ASN A 167 -16.18 -19.43 24.85
N PHE A 168 -16.12 -20.65 24.30
CA PHE A 168 -16.99 -21.05 23.20
C PHE A 168 -17.80 -22.25 23.66
N LYS A 169 -19.04 -22.39 23.17
CA LYS A 169 -19.92 -23.50 23.51
C LYS A 169 -20.75 -23.94 22.31
N GLY A 170 -21.19 -25.21 22.35
CA GLY A 170 -22.10 -25.74 21.35
C GLY A 170 -21.37 -26.18 20.09
N GLU A 171 -22.04 -26.08 18.93
CA GLU A 171 -21.47 -26.39 17.63
C GLU A 171 -20.15 -25.64 17.43
N GLU A 172 -20.06 -24.42 17.98
CA GLU A 172 -18.84 -23.64 17.94
C GLU A 172 -17.69 -24.42 18.57
N ASN A 173 -17.89 -24.89 19.80
CA ASN A 173 -16.83 -25.62 20.48
C ASN A 173 -16.54 -26.87 19.65
N GLU A 174 -17.55 -27.47 19.03
CA GLU A 174 -17.38 -28.64 18.19
C GLU A 174 -16.48 -28.32 16.99
N LEU A 175 -16.80 -27.24 16.27
CA LEU A 175 -15.99 -26.81 15.12
C LEU A 175 -14.53 -26.60 15.54
N LEU A 176 -14.34 -25.91 16.66
CA LEU A 176 -13.00 -25.60 17.14
C LEU A 176 -12.24 -26.88 17.44
N LEU A 177 -12.94 -27.90 17.95
CA LEU A 177 -12.33 -29.18 18.25
C LEU A 177 -11.88 -29.80 16.95
N LYS A 178 -12.79 -29.89 15.96
CA LYS A 178 -12.47 -30.45 14.67
C LYS A 178 -11.22 -29.77 14.15
N SER A 179 -11.16 -28.44 14.28
CA SER A 179 -10.04 -27.68 13.77
C SER A 179 -8.74 -28.09 14.47
N GLU A 180 -8.84 -28.44 15.75
CA GLU A 180 -7.68 -28.85 16.55
C GLU A 180 -7.27 -30.27 16.20
N GLN A 181 -8.26 -31.14 15.93
CA GLN A 181 -8.08 -32.56 15.80
C GLN A 181 -7.70 -32.96 14.38
N GLU A 182 -8.41 -32.40 13.38
CA GLU A 182 -8.07 -32.63 11.98
C GLU A 182 -6.66 -32.14 11.71
N LYS A 183 -6.10 -32.68 10.63
CA LYS A 183 -4.72 -32.42 10.25
C LYS A 183 -4.55 -30.95 9.91
N THR A 184 -3.51 -30.35 10.48
CA THR A 184 -3.18 -28.96 10.22
C THR A 184 -2.36 -28.89 8.94
N LEU A 185 -2.24 -27.67 8.42
CA LEU A 185 -1.39 -27.41 7.27
C LEU A 185 0.04 -27.81 7.58
N LEU A 186 0.52 -27.48 8.78
CA LEU A 186 1.85 -27.84 9.22
C LEU A 186 2.06 -29.35 9.08
N GLU A 187 1.11 -30.11 9.60
CA GLU A 187 1.23 -31.56 9.65
C GLU A 187 1.27 -32.12 8.23
N LEU A 188 0.45 -31.54 7.36
CA LEU A 188 0.26 -32.03 6.00
C LEU A 188 1.48 -31.69 5.14
N VAL A 189 2.02 -30.49 5.36
CA VAL A 189 3.24 -30.05 4.72
C VAL A 189 4.42 -30.89 5.21
N GLU A 190 4.46 -31.13 6.53
CA GLU A 190 5.49 -31.96 7.10
C GLU A 190 5.54 -33.30 6.37
N ALA A 191 4.36 -33.93 6.24
CA ALA A 191 4.24 -35.24 5.63
C ALA A 191 4.80 -35.20 4.21
N TRP A 192 4.42 -34.14 3.48
CA TRP A 192 4.81 -33.97 2.09
C TRP A 192 6.30 -33.72 2.00
N LEU A 193 6.84 -32.91 2.93
CA LEU A 193 8.27 -32.59 2.94
C LEU A 193 9.10 -33.85 3.17
N GLU A 194 8.58 -34.80 3.95
CA GLU A 194 9.28 -36.03 4.26
C GLU A 194 9.49 -36.85 2.99
N ARG A 195 8.58 -36.68 2.02
CA ARG A 195 8.62 -37.42 0.77
C ARG A 195 9.43 -36.69 -0.29
N THR A 196 10.11 -35.60 0.07
CA THR A 196 10.90 -34.85 -0.88
C THR A 196 11.94 -35.77 -1.54
N PRO A 197 12.02 -35.80 -2.89
CA PRO A 197 13.02 -36.60 -3.58
C PRO A 197 14.45 -36.10 -3.33
N GLY A 198 15.39 -37.05 -3.18
CA GLY A 198 16.79 -36.70 -2.99
C GLY A 198 17.33 -37.11 -1.63
N LEU A 199 16.44 -37.37 -0.66
CA LEU A 199 16.85 -37.72 0.69
C LEU A 199 17.18 -39.22 0.77
N GLU A 200 16.66 -39.99 -0.19
CA GLU A 200 16.86 -41.42 -0.26
C GLU A 200 18.34 -41.71 -0.12
N PRO A 201 18.76 -42.46 0.93
CA PRO A 201 20.16 -42.86 1.09
C PRO A 201 20.65 -43.71 -0.08
N HIS A 202 19.72 -44.49 -0.64
CA HIS A 202 19.99 -45.31 -1.81
C HIS A 202 20.05 -44.47 -3.09
N GLY A 203 19.72 -43.17 -2.98
CA GLY A 203 19.67 -42.27 -4.11
C GLY A 203 20.76 -41.21 -4.06
N PHE A 204 20.32 -39.94 -4.03
CA PHE A 204 21.25 -38.82 -4.04
C PHE A 204 21.92 -38.70 -2.66
N ASN A 205 21.30 -39.27 -1.62
CA ASN A 205 21.85 -39.24 -0.28
C ASN A 205 22.29 -37.81 0.06
N PHE A 206 21.32 -36.89 0.10
CA PHE A 206 21.61 -35.48 0.31
C PHE A 206 22.25 -35.29 1.67
N TRP A 207 21.63 -35.85 2.71
CA TRP A 207 22.06 -35.57 4.07
C TRP A 207 23.48 -36.07 4.24
N GLY A 208 23.77 -37.26 3.68
CA GLY A 208 25.11 -37.80 3.75
C GLY A 208 26.11 -36.87 3.07
N LYS A 209 25.84 -36.56 1.80
CA LYS A 209 26.73 -35.75 1.01
C LYS A 209 26.92 -34.42 1.71
N LEU A 210 25.86 -33.90 2.35
CA LEU A 210 25.89 -32.60 2.99
C LEU A 210 26.81 -32.62 4.20
N GLU A 211 26.63 -33.62 5.08
CA GLU A 211 27.46 -33.76 6.25
C GLU A 211 28.92 -33.82 5.84
N LYS A 212 29.21 -34.66 4.83
CA LYS A 212 30.55 -34.84 4.34
C LYS A 212 31.09 -33.49 3.87
N ASN A 213 30.34 -32.83 2.97
CA ASN A 213 30.84 -31.63 2.32
C ASN A 213 31.05 -30.54 3.37
N ILE A 214 30.16 -30.48 4.38
CA ILE A 214 30.31 -29.45 5.40
C ILE A 214 31.52 -29.77 6.27
N THR A 215 31.65 -31.02 6.69
CA THR A 215 32.77 -31.41 7.52
C THR A 215 34.07 -31.10 6.79
N ARG A 216 34.13 -31.50 5.51
CA ARG A 216 35.29 -31.23 4.67
C ARG A 216 35.53 -29.72 4.59
N GLY A 217 34.49 -28.97 4.24
CA GLY A 217 34.59 -27.55 4.04
C GLY A 217 35.10 -26.83 5.28
N LEU A 218 34.60 -27.24 6.43
CA LEU A 218 34.98 -26.62 7.69
C LEU A 218 36.47 -26.88 7.94
N GLU A 219 36.91 -28.11 7.74
CA GLU A 219 38.32 -28.47 7.87
C GLU A 219 39.17 -27.50 7.03
N GLU A 220 38.77 -27.35 5.76
CA GLU A 220 39.50 -26.52 4.81
C GLU A 220 39.63 -25.10 5.35
N GLU A 221 38.53 -24.60 5.92
CA GLU A 221 38.47 -23.24 6.39
C GLU A 221 39.43 -23.07 7.56
N PHE A 222 39.46 -24.06 8.46
CA PHE A 222 40.29 -23.98 9.63
C PHE A 222 41.74 -23.89 9.20
N ILE A 223 42.11 -24.67 8.18
CA ILE A 223 43.47 -24.64 7.66
C ILE A 223 43.77 -23.19 7.26
N ARG A 224 42.86 -22.62 6.49
CA ARG A 224 43.02 -21.27 5.97
C ARG A 224 43.30 -20.30 7.12
N ILE A 225 42.49 -20.40 8.18
CA ILE A 225 42.56 -19.45 9.28
C ILE A 225 43.89 -19.66 10.02
N GLN A 226 44.22 -20.94 10.29
CA GLN A 226 45.46 -21.25 10.99
C GLN A 226 46.63 -20.57 10.26
N ALA A 227 46.57 -20.57 8.93
CA ALA A 227 47.62 -20.02 8.10
C ALA A 227 47.80 -18.52 8.33
N LYS A 228 46.67 -17.84 8.63
CA LYS A 228 46.69 -16.40 8.83
C LYS A 228 47.75 -16.04 9.87
N GLU A 229 48.42 -14.89 9.65
CA GLU A 229 49.53 -14.47 10.50
C GLU A 229 48.95 -13.94 11.82
N GLU A 230 49.49 -14.43 12.95
CA GLU A 230 48.91 -14.13 14.26
C GLU A 230 48.48 -12.67 14.29
N SER A 231 47.16 -12.44 14.39
CA SER A 231 46.59 -11.10 14.40
C SER A 231 45.39 -11.10 15.35
N GLU A 232 44.70 -9.95 15.47
CA GLU A 232 43.44 -9.92 16.21
C GLU A 232 42.33 -10.31 15.25
N GLU A 233 42.42 -9.88 13.98
CA GLU A 233 41.48 -10.35 12.98
C GLU A 233 41.41 -11.89 13.01
N LYS A 234 42.59 -12.54 12.94
CA LYS A 234 42.66 -13.99 13.02
C LYS A 234 41.92 -14.45 14.27
N GLU A 235 42.30 -13.90 15.42
CA GLU A 235 41.70 -14.34 16.68
C GLU A 235 40.18 -14.33 16.53
N GLU A 236 39.68 -13.25 15.92
CA GLU A 236 38.25 -13.07 15.72
C GLU A 236 37.75 -14.19 14.80
N GLN A 237 38.40 -14.31 13.63
CA GLN A 237 38.04 -15.32 12.65
C GLN A 237 38.02 -16.70 13.30
N VAL A 238 38.97 -16.98 14.21
CA VAL A 238 39.01 -18.28 14.87
C VAL A 238 37.72 -18.49 15.67
N ALA A 239 37.38 -17.48 16.47
CA ALA A 239 36.23 -17.57 17.35
C ALA A 239 34.95 -17.71 16.52
N GLU A 240 34.85 -16.93 15.45
CA GLU A 240 33.74 -17.06 14.50
C GLU A 240 33.65 -18.51 14.01
N PHE A 241 34.78 -19.09 13.58
CA PHE A 241 34.80 -20.41 13.00
C PHE A 241 34.20 -21.39 14.00
N GLN A 242 34.65 -21.26 15.26
CA GLN A 242 34.19 -22.18 16.29
C GLN A 242 32.66 -22.15 16.35
N LYS A 243 32.12 -20.93 16.38
CA LYS A 243 30.68 -20.71 16.44
C LYS A 243 29.98 -21.39 15.26
N GLN A 244 30.45 -21.07 14.05
CA GLN A 244 29.82 -21.58 12.85
C GLN A 244 29.89 -23.10 12.81
N LYS A 245 31.07 -23.65 13.08
CA LYS A 245 31.27 -25.09 13.09
C LYS A 245 30.24 -25.75 13.99
N GLU A 246 30.05 -25.18 15.19
CA GLU A 246 29.11 -25.75 16.16
C GLU A 246 27.72 -25.83 15.53
N VAL A 247 27.27 -24.68 15.01
CA VAL A 247 25.94 -24.55 14.44
C VAL A 247 25.80 -25.55 13.31
N LEU A 248 26.73 -25.48 12.36
CA LEU A 248 26.61 -26.25 11.14
C LEU A 248 26.53 -27.74 11.46
N LEU A 249 27.31 -28.19 12.43
CA LEU A 249 27.34 -29.61 12.72
C LEU A 249 26.11 -30.01 13.54
N SER A 250 25.59 -29.07 14.35
CA SER A 250 24.39 -29.31 15.14
C SER A 250 23.23 -29.76 14.23
N LEU A 251 23.32 -29.44 12.95
CA LEU A 251 22.28 -29.80 12.00
C LEU A 251 22.15 -31.33 11.91
N PHE A 252 23.24 -32.05 12.18
CA PHE A 252 23.23 -33.48 11.97
C PHE A 252 23.02 -34.22 13.28
N ASP A 253 22.69 -33.50 14.35
CA ASP A 253 22.38 -34.11 15.64
C ASP A 253 20.87 -34.30 15.74
N GLU A 254 20.39 -35.49 15.38
CA GLU A 254 18.96 -35.76 15.35
C GLU A 254 18.36 -35.63 16.75
N LYS A 255 19.16 -35.91 17.77
CA LYS A 255 18.70 -35.89 19.14
C LYS A 255 18.54 -34.45 19.63
N ARG A 256 19.46 -33.57 19.22
CA ARG A 256 19.33 -32.14 19.50
C ARG A 256 17.98 -31.67 18.97
N HIS A 257 17.67 -32.11 17.76
CA HIS A 257 16.44 -31.74 17.09
C HIS A 257 15.23 -32.24 17.90
N GLU A 258 15.24 -33.53 18.25
CA GLU A 258 14.17 -34.16 19.01
C GLU A 258 13.95 -33.39 20.31
N HIS A 259 15.05 -32.89 20.87
CA HIS A 259 15.02 -32.16 22.12
C HIS A 259 14.37 -30.80 21.89
N LEU A 260 14.83 -30.10 20.83
CA LEU A 260 14.33 -28.79 20.52
C LEU A 260 12.87 -28.89 20.09
N LEU A 261 12.50 -30.05 19.56
CA LEU A 261 11.12 -30.32 19.18
C LEU A 261 10.24 -30.35 20.44
N SER A 262 10.69 -31.08 21.46
CA SER A 262 9.94 -31.19 22.70
C SER A 262 9.80 -29.84 23.37
N LYS A 263 10.80 -28.97 23.20
CA LYS A 263 10.76 -27.65 23.82
C LYS A 263 9.91 -26.70 23.00
N GLY A 264 9.51 -27.11 21.79
CA GLY A 264 8.67 -26.28 20.95
C GLY A 264 9.44 -25.15 20.28
N GLU A 265 10.78 -25.25 20.27
CA GLU A 265 11.60 -24.31 19.55
C GLU A 265 11.67 -24.71 18.08
N ARG A 266 11.36 -25.98 17.80
CA ARG A 266 11.14 -26.47 16.46
C ARG A 266 9.78 -27.15 16.40
N ARG A 267 9.29 -27.37 15.18
CA ARG A 267 7.98 -27.95 14.96
C ARG A 267 8.05 -29.11 13.96
N LEU A 268 8.97 -29.06 12.98
CA LEU A 268 9.02 -30.03 11.90
C LEU A 268 9.84 -31.23 12.31
N SER A 269 9.41 -32.40 11.82
CA SER A 269 10.21 -33.61 11.93
C SER A 269 11.59 -33.38 11.34
N TYR A 270 12.55 -34.18 11.77
CA TYR A 270 13.92 -34.06 11.29
C TYR A 270 13.94 -34.32 9.79
N ARG A 271 13.13 -35.26 9.33
CA ARG A 271 13.14 -35.60 7.92
C ARG A 271 12.49 -34.49 7.11
N ALA A 272 11.43 -33.88 7.63
CA ALA A 272 10.79 -32.78 6.94
C ALA A 272 11.79 -31.64 6.78
N LEU A 273 12.62 -31.44 7.80
CA LEU A 273 13.62 -30.40 7.78
C LEU A 273 14.62 -30.64 6.64
N GLN A 274 14.95 -31.91 6.42
CA GLN A 274 15.86 -32.32 5.37
C GLN A 274 15.23 -32.00 4.02
N GLY A 275 13.96 -32.37 3.87
CA GLY A 275 13.24 -32.08 2.65
C GLY A 275 13.23 -30.58 2.34
N ALA A 276 12.98 -29.76 3.36
CA ALA A 276 12.88 -28.31 3.19
C ALA A 276 14.21 -27.73 2.72
N LEU A 277 15.30 -28.21 3.34
CA LEU A 277 16.62 -27.69 3.02
C LEU A 277 17.03 -28.18 1.63
N MET A 278 16.61 -29.39 1.28
CA MET A 278 16.79 -29.92 -0.06
C MET A 278 16.22 -28.91 -1.07
N ILE A 279 15.01 -28.46 -0.79
CA ILE A 279 14.28 -27.63 -1.73
C ILE A 279 14.96 -26.27 -1.77
N TYR A 280 15.44 -25.77 -0.62
CA TYR A 280 16.11 -24.49 -0.57
C TYR A 280 17.31 -24.50 -1.52
N PHE A 281 18.14 -25.53 -1.36
CA PHE A 281 19.44 -25.58 -1.98
C PHE A 281 19.29 -25.87 -3.45
N TYR A 282 18.30 -26.68 -3.84
CA TYR A 282 18.14 -27.06 -5.23
C TYR A 282 16.93 -26.40 -5.88
N ARG A 283 16.58 -25.18 -5.46
CA ARG A 283 15.31 -24.56 -5.81
C ARG A 283 15.20 -24.27 -7.30
N GLU A 284 16.34 -24.05 -7.96
CA GLU A 284 16.35 -23.75 -9.38
C GLU A 284 16.00 -25.00 -10.20
N GLU A 285 16.23 -26.20 -9.66
CA GLU A 285 15.90 -27.41 -10.38
C GLU A 285 14.40 -27.43 -10.63
N PRO A 286 13.95 -27.72 -11.87
CA PRO A 286 12.55 -27.59 -12.25
C PRO A 286 11.53 -28.12 -11.27
N ARG A 287 11.80 -29.29 -10.69
CA ARG A 287 10.81 -29.96 -9.86
C ARG A 287 10.63 -29.22 -8.55
N PHE A 288 11.63 -28.40 -8.18
CA PHE A 288 11.64 -27.69 -6.92
C PHE A 288 11.30 -26.21 -7.07
N GLN A 289 11.06 -25.73 -8.30
CA GLN A 289 10.81 -24.30 -8.50
C GLN A 289 9.54 -23.86 -7.77
N VAL A 290 8.42 -24.55 -8.03
CA VAL A 290 7.18 -24.15 -7.39
C VAL A 290 7.18 -24.59 -5.92
N PRO A 291 7.70 -25.77 -5.53
CA PRO A 291 7.84 -26.10 -4.12
C PRO A 291 8.57 -25.06 -3.29
N PHE A 292 9.59 -24.42 -3.87
CA PHE A 292 10.31 -23.38 -3.16
C PHE A 292 9.42 -22.17 -2.97
N GLN A 293 8.60 -21.88 -3.97
CA GLN A 293 7.63 -20.79 -3.88
C GLN A 293 6.65 -21.05 -2.75
N LEU A 294 6.24 -22.31 -2.58
CA LEU A 294 5.30 -22.66 -1.53
C LEU A 294 5.92 -22.37 -0.17
N LEU A 295 7.20 -22.72 -0.01
CA LEU A 295 7.86 -22.52 1.26
C LEU A 295 7.91 -21.04 1.59
N THR A 296 8.19 -20.25 0.56
CA THR A 296 8.26 -18.81 0.71
C THR A 296 6.90 -18.28 1.16
N SER A 297 5.83 -18.82 0.57
CA SER A 297 4.49 -18.34 0.87
C SER A 297 4.09 -18.70 2.30
N LEU A 298 4.52 -19.88 2.76
CA LEU A 298 4.20 -20.31 4.10
C LEU A 298 4.84 -19.37 5.11
N MET A 299 6.09 -18.98 4.84
CA MET A 299 6.78 -18.02 5.68
C MET A 299 6.10 -16.66 5.60
N ASP A 300 5.58 -16.30 4.42
CA ASP A 300 4.90 -15.03 4.22
C ASP A 300 3.63 -15.01 5.07
N ILE A 301 2.93 -16.14 5.14
CA ILE A 301 1.70 -16.20 5.91
C ILE A 301 2.02 -16.00 7.39
N ASP A 302 3.07 -16.66 7.87
CA ASP A 302 3.48 -16.50 9.25
C ASP A 302 3.84 -15.05 9.53
N SER A 303 4.59 -14.44 8.63
CA SER A 303 5.04 -13.07 8.80
C SER A 303 3.85 -12.13 8.90
N LEU A 304 2.89 -12.32 7.99
CA LEU A 304 1.79 -11.39 7.88
C LEU A 304 0.85 -11.60 9.05
N MET A 305 0.69 -12.85 9.51
CA MET A 305 -0.14 -13.13 10.66
C MET A 305 0.47 -12.42 11.86
N THR A 306 1.79 -12.43 11.98
CA THR A 306 2.40 -11.78 13.14
C THR A 306 2.28 -10.26 12.95
N LYS A 307 2.35 -9.76 11.72
CA LYS A 307 2.19 -8.34 11.48
C LYS A 307 0.77 -7.93 11.82
N TRP A 308 -0.19 -8.82 11.58
CA TRP A 308 -1.56 -8.56 11.95
C TRP A 308 -1.66 -8.44 13.47
N ARG A 309 -1.00 -9.35 14.17
CA ARG A 309 -1.06 -9.37 15.62
C ARG A 309 -0.43 -8.10 16.17
N TYR A 310 0.66 -7.65 15.55
CA TYR A 310 1.38 -6.48 16.03
C TYR A 310 0.54 -5.24 15.79
N ASN A 311 -0.09 -5.14 14.62
CA ASN A 311 -0.87 -3.96 14.31
C ASN A 311 -2.10 -3.94 15.21
N HIS A 312 -2.59 -5.11 15.61
CA HIS A 312 -3.73 -5.18 16.50
C HIS A 312 -3.32 -4.63 17.86
N VAL A 313 -2.19 -5.13 18.39
CA VAL A 313 -1.62 -4.65 19.64
C VAL A 313 -1.45 -3.13 19.61
N CYS A 314 -0.79 -2.61 18.58
CA CYS A 314 -0.48 -1.19 18.48
C CYS A 314 -1.76 -0.38 18.57
N MET A 315 -2.88 -0.95 18.13
CA MET A 315 -4.13 -0.20 18.16
C MET A 315 -4.78 -0.27 19.54
N VAL A 316 -4.87 -1.48 20.09
CA VAL A 316 -5.46 -1.65 21.41
C VAL A 316 -4.76 -0.70 22.38
N HIS A 317 -3.45 -0.49 22.19
CA HIS A 317 -2.71 0.43 23.03
C HIS A 317 -3.21 1.85 22.85
N ARG A 318 -3.39 2.26 21.60
CA ARG A 318 -3.82 3.61 21.27
C ARG A 318 -5.23 3.83 21.84
N MET A 319 -6.01 2.76 21.94
CA MET A 319 -7.42 2.89 22.30
C MET A 319 -7.63 2.71 23.81
N LEU A 320 -7.07 1.66 24.41
CA LEU A 320 -7.35 1.33 25.80
C LEU A 320 -6.21 1.73 26.73
N GLY A 321 -5.04 2.06 26.19
CA GLY A 321 -3.85 2.29 27.02
C GLY A 321 -3.27 0.97 27.51
N SER A 322 -2.36 1.03 28.49
CA SER A 322 -1.60 -0.15 28.93
C SER A 322 -2.49 -1.07 29.80
N SER A 330 -4.00 -7.41 31.90
CA SER A 330 -3.91 -6.49 30.72
C SER A 330 -3.86 -7.29 29.42
N GLY A 331 -4.95 -7.16 28.65
CA GLY A 331 -5.02 -7.67 27.30
C GLY A 331 -3.79 -7.27 26.49
N TYR A 332 -3.40 -6.00 26.58
CA TYR A 332 -2.26 -5.46 25.87
C TYR A 332 -1.05 -6.41 26.01
N HIS A 333 -0.75 -6.84 27.24
CA HIS A 333 0.44 -7.63 27.49
C HIS A 333 0.27 -9.07 27.02
N TYR A 334 -0.95 -9.62 27.18
CA TYR A 334 -1.28 -10.92 26.61
C TYR A 334 -1.03 -10.86 25.10
N LEU A 335 -1.55 -9.79 24.49
CA LEU A 335 -1.46 -9.63 23.06
C LEU A 335 0.01 -9.48 22.67
N ARG A 336 0.76 -8.68 23.43
CA ARG A 336 2.15 -8.43 23.12
C ARG A 336 2.89 -9.77 23.11
N SER A 337 2.38 -10.75 23.88
CA SER A 337 3.03 -12.05 24.02
C SER A 337 2.73 -12.94 22.81
N THR A 338 1.64 -12.62 22.09
CA THR A 338 1.24 -13.40 20.93
C THR A 338 2.11 -13.03 19.73
N VAL A 339 2.84 -11.92 19.84
CA VAL A 339 3.78 -11.48 18.83
C VAL A 339 5.12 -12.15 19.14
N SER A 340 5.13 -13.48 19.02
CA SER A 340 6.31 -14.26 19.35
C SER A 340 6.44 -15.37 18.31
N ASP A 341 7.61 -16.01 18.29
CA ASP A 341 7.86 -17.14 17.43
C ASP A 341 7.05 -18.34 17.90
N ARG A 342 6.44 -18.26 19.09
CA ARG A 342 5.65 -19.39 19.54
C ARG A 342 4.36 -19.50 18.73
N TYR A 343 4.03 -18.43 18.02
CA TYR A 343 2.84 -18.41 17.18
C TYR A 343 3.20 -18.57 15.71
N LYS A 344 4.49 -18.57 15.38
CA LYS A 344 4.95 -18.82 14.03
C LYS A 344 5.04 -20.32 13.77
N VAL A 345 4.07 -20.85 13.02
CA VAL A 345 4.00 -22.28 12.76
C VAL A 345 5.18 -22.77 11.93
N PHE A 346 5.57 -22.02 10.91
CA PHE A 346 6.64 -22.43 10.01
C PHE A 346 7.95 -21.75 10.38
N VAL A 347 8.22 -21.64 11.68
CA VAL A 347 9.40 -20.93 12.14
C VAL A 347 10.64 -21.70 11.66
N ASP A 348 10.49 -23.01 11.48
CA ASP A 348 11.58 -23.83 10.98
C ASP A 348 12.04 -23.38 9.61
N LEU A 349 11.11 -22.91 8.77
CA LEU A 349 11.47 -22.48 7.43
C LEU A 349 12.29 -21.19 7.51
N PHE A 350 11.92 -20.30 8.43
CA PHE A 350 12.72 -19.10 8.63
C PHE A 350 14.12 -19.46 9.08
N ASN A 351 14.24 -20.49 9.93
CA ASN A 351 15.49 -20.73 10.64
C ASN A 351 16.49 -21.53 9.81
N LEU A 352 16.06 -22.01 8.64
CA LEU A 352 17.00 -22.64 7.73
C LEU A 352 18.07 -21.66 7.24
N SER A 353 17.81 -20.35 7.33
CA SER A 353 18.80 -19.32 7.03
C SER A 353 20.02 -19.45 7.92
N THR A 354 19.86 -19.99 9.13
CA THR A 354 21.00 -20.20 10.02
C THR A 354 22.05 -21.13 9.37
N TYR A 355 21.59 -22.11 8.57
CA TYR A 355 22.45 -23.18 8.10
C TYR A 355 22.85 -22.96 6.64
N LEU A 356 23.02 -21.69 6.25
CA LEU A 356 23.50 -21.41 4.91
C LEU A 356 25.00 -21.59 4.87
N ILE A 357 25.41 -22.32 3.83
CA ILE A 357 26.78 -22.69 3.55
C ILE A 357 27.17 -22.03 2.23
N PRO A 358 28.49 -21.93 1.91
CA PRO A 358 28.90 -21.52 0.58
C PRO A 358 28.27 -22.45 -0.45
N ARG A 359 27.97 -21.90 -1.63
CA ARG A 359 27.32 -22.64 -2.70
C ARG A 359 28.16 -23.86 -3.09
N HIS A 360 29.49 -23.68 -3.09
CA HIS A 360 30.39 -24.71 -3.58
C HIS A 360 30.39 -25.92 -2.65
N TRP A 361 29.89 -25.75 -1.42
CA TRP A 361 29.78 -26.86 -0.48
C TRP A 361 28.56 -27.70 -0.79
N ILE A 362 27.65 -27.20 -1.62
CA ILE A 362 26.38 -27.88 -1.81
C ILE A 362 26.60 -29.08 -2.72
N PRO A 363 26.19 -30.29 -2.28
CA PRO A 363 26.32 -31.50 -3.08
C PRO A 363 25.92 -31.27 -4.52
N LYS A 364 26.80 -31.70 -5.43
CA LYS A 364 26.69 -31.40 -6.86
C LYS A 364 25.49 -32.16 -7.42
N MET A 365 24.70 -31.45 -8.25
CA MET A 365 23.64 -32.04 -9.00
C MET A 365 24.09 -32.14 -10.45
N ASN A 366 24.94 -33.13 -10.75
CA ASN A 366 25.43 -33.35 -12.10
C ASN A 366 24.26 -33.78 -12.97
N PRO A 367 24.31 -33.55 -14.31
CA PRO A 367 23.31 -34.09 -15.24
C PRO A 367 22.91 -35.54 -14.93
N THR A 368 23.91 -36.37 -14.58
CA THR A 368 23.75 -37.75 -14.14
C THR A 368 22.55 -37.86 -13.19
N ILE A 369 22.61 -37.09 -12.10
CA ILE A 369 21.66 -37.20 -11.01
C ILE A 369 20.63 -36.06 -11.10
N HIS A 370 20.60 -35.33 -12.23
CA HIS A 370 19.65 -34.24 -12.43
C HIS A 370 18.30 -34.79 -12.93
N LYS A 371 18.33 -35.96 -13.55
CA LYS A 371 17.15 -36.43 -14.29
C LYS A 371 15.96 -36.61 -13.36
N PHE A 372 16.20 -37.10 -12.13
CA PHE A 372 15.14 -37.36 -11.16
C PHE A 372 14.45 -36.04 -10.75
N LEU A 373 15.07 -34.89 -11.03
CA LEU A 373 14.49 -33.59 -10.68
C LEU A 373 14.23 -32.73 -11.92
N GLU A 374 13.54 -33.28 -12.93
CA GLU A 374 13.55 -32.68 -14.25
C GLU A 374 12.15 -32.60 -14.89
N HIS A 375 11.21 -33.46 -14.48
CA HIS A 375 9.87 -33.47 -15.08
C HIS A 375 9.96 -33.33 -16.61
N GLY B 23 -24.96 -12.00 28.49
CA GLY B 23 -24.37 -10.76 27.93
C GLY B 23 -24.14 -10.90 26.42
N LEU B 24 -23.53 -9.85 25.85
CA LEU B 24 -23.32 -9.71 24.42
C LEU B 24 -22.11 -10.52 23.96
N ILE B 25 -22.25 -11.21 22.83
CA ILE B 25 -21.17 -11.98 22.22
C ILE B 25 -20.82 -11.32 20.88
N TYR B 26 -19.52 -11.30 20.56
CA TYR B 26 -18.98 -10.83 19.29
C TYR B 26 -19.88 -11.20 18.10
N GLY B 27 -20.04 -12.50 17.85
CA GLY B 27 -20.79 -12.99 16.70
C GLY B 27 -22.20 -12.40 16.61
N ASN B 28 -22.80 -12.14 17.77
CA ASN B 28 -24.16 -11.62 17.82
C ASN B 28 -24.15 -10.11 17.61
N TYR B 29 -23.20 -9.44 18.26
CA TYR B 29 -23.02 -8.01 18.12
C TYR B 29 -22.88 -7.67 16.64
N LEU B 30 -22.13 -8.52 15.92
CA LEU B 30 -21.85 -8.29 14.51
C LEU B 30 -22.80 -9.07 13.61
N HIS B 31 -23.83 -9.70 14.15
CA HIS B 31 -24.82 -10.39 13.32
C HIS B 31 -24.11 -11.23 12.25
N LEU B 32 -23.13 -12.01 12.69
CA LEU B 32 -22.37 -12.86 11.79
C LEU B 32 -23.22 -14.02 11.30
N GLU B 33 -24.34 -14.27 11.98
CA GLU B 33 -25.29 -15.29 11.53
C GLU B 33 -25.79 -14.92 10.15
N LYS B 34 -25.78 -13.62 9.86
CA LYS B 34 -26.14 -13.13 8.54
C LYS B 34 -24.91 -13.04 7.65
N VAL B 35 -23.88 -12.35 8.14
CA VAL B 35 -22.76 -11.94 7.32
C VAL B 35 -22.03 -13.18 6.80
N LEU B 36 -21.89 -14.19 7.65
CA LEU B 36 -21.10 -15.35 7.29
C LEU B 36 -21.98 -16.51 6.84
N ASN B 37 -23.26 -16.21 6.55
CA ASN B 37 -24.13 -17.16 5.85
C ASN B 37 -24.77 -16.44 4.68
N ALA B 38 -23.95 -15.74 3.89
CA ALA B 38 -24.44 -15.00 2.74
C ALA B 38 -23.67 -15.40 1.49
N GLN B 39 -22.94 -16.51 1.60
CA GLN B 39 -22.10 -16.96 0.50
C GLN B 39 -22.75 -18.14 -0.19
N GLU B 40 -23.35 -17.91 -1.38
CA GLU B 40 -23.99 -18.97 -2.14
C GLU B 40 -23.35 -19.03 -3.52
N LEU B 41 -22.48 -20.02 -3.72
CA LEU B 41 -21.85 -20.20 -5.02
C LEU B 41 -22.91 -20.66 -6.01
N GLN B 42 -23.13 -19.87 -7.05
CA GLN B 42 -24.08 -20.27 -8.08
C GLN B 42 -23.58 -21.51 -8.80
N SER B 43 -22.27 -21.59 -9.01
CA SER B 43 -21.68 -22.75 -9.64
C SER B 43 -22.05 -24.00 -8.83
N GLU B 44 -22.08 -23.87 -7.51
CA GLU B 44 -22.42 -24.96 -6.60
C GLU B 44 -23.92 -25.24 -6.63
N THR B 45 -24.72 -24.17 -6.66
CA THR B 45 -26.17 -24.29 -6.70
C THR B 45 -26.60 -25.03 -7.97
N LYS B 46 -25.82 -24.94 -9.04
CA LYS B 46 -26.14 -25.59 -10.30
C LYS B 46 -25.29 -26.86 -10.49
N GLY B 47 -24.68 -27.33 -9.40
CA GLY B 47 -24.09 -28.67 -9.33
C GLY B 47 -22.72 -28.78 -9.99
N ASN B 48 -21.93 -27.70 -9.95
CA ASN B 48 -20.62 -27.66 -10.58
C ASN B 48 -19.74 -26.64 -9.87
N LYS B 49 -19.59 -26.80 -8.56
CA LYS B 49 -18.90 -25.84 -7.73
C LYS B 49 -17.54 -25.49 -8.33
N ILE B 50 -17.26 -24.19 -8.41
CA ILE B 50 -15.98 -23.68 -8.86
C ILE B 50 -15.38 -22.88 -7.70
N HIS B 51 -14.12 -23.18 -7.38
CA HIS B 51 -13.50 -22.73 -6.15
C HIS B 51 -13.41 -21.21 -6.12
N ASP B 52 -13.00 -20.62 -7.25
CA ASP B 52 -12.68 -19.20 -7.25
C ASP B 52 -13.95 -18.36 -7.17
N GLU B 53 -15.13 -18.96 -7.35
CA GLU B 53 -16.34 -18.19 -7.27
C GLU B 53 -16.48 -17.60 -5.86
N HIS B 54 -16.04 -18.36 -4.87
CA HIS B 54 -16.15 -17.92 -3.50
C HIS B 54 -15.44 -16.59 -3.34
N LEU B 55 -14.23 -16.48 -3.91
CA LEU B 55 -13.44 -15.25 -3.83
C LEU B 55 -14.22 -14.08 -4.42
N PHE B 56 -14.81 -14.32 -5.58
CA PHE B 56 -15.54 -13.30 -6.32
C PHE B 56 -16.66 -12.77 -5.44
N ILE B 57 -17.31 -13.66 -4.69
CA ILE B 57 -18.45 -13.28 -3.89
C ILE B 57 -17.99 -12.42 -2.73
N ILE B 58 -17.00 -12.90 -2.01
CA ILE B 58 -16.51 -12.24 -0.82
C ILE B 58 -15.99 -10.86 -1.19
N THR B 59 -15.21 -10.78 -2.26
CA THR B 59 -14.63 -9.50 -2.66
C THR B 59 -15.75 -8.46 -2.72
N HIS B 60 -16.80 -8.77 -3.49
CA HIS B 60 -17.90 -7.86 -3.70
C HIS B 60 -18.57 -7.52 -2.37
N GLN B 61 -18.73 -8.54 -1.53
CA GLN B 61 -19.42 -8.33 -0.27
C GLN B 61 -18.64 -7.34 0.59
N ALA B 62 -17.32 -7.44 0.54
CA ALA B 62 -16.47 -6.53 1.29
C ALA B 62 -16.62 -5.11 0.76
N TYR B 63 -16.58 -4.99 -0.58
CA TYR B 63 -16.76 -3.71 -1.22
C TYR B 63 -18.07 -3.10 -0.72
N GLU B 64 -19.13 -3.90 -0.67
CA GLU B 64 -20.44 -3.37 -0.36
C GLU B 64 -20.48 -2.92 1.09
N LEU B 65 -19.80 -3.67 1.98
CA LEU B 65 -19.75 -3.27 3.37
C LEU B 65 -19.15 -1.85 3.44
N TRP B 66 -18.05 -1.66 2.72
CA TRP B 66 -17.30 -0.42 2.82
C TRP B 66 -18.07 0.73 2.14
N PHE B 67 -18.78 0.43 1.05
CA PHE B 67 -19.64 1.43 0.45
C PHE B 67 -20.66 1.90 1.48
N LYS B 68 -21.20 0.95 2.26
CA LYS B 68 -22.21 1.27 3.25
C LYS B 68 -21.60 2.23 4.27
N GLN B 69 -20.35 1.98 4.63
CA GLN B 69 -19.67 2.79 5.61
C GLN B 69 -19.44 4.17 5.03
N ILE B 70 -19.04 4.21 3.75
CA ILE B 70 -18.77 5.48 3.10
C ILE B 70 -20.06 6.29 3.07
N LEU B 71 -21.18 5.64 2.73
CA LEU B 71 -22.45 6.32 2.69
C LEU B 71 -22.79 6.87 4.06
N TRP B 72 -22.45 6.10 5.09
CA TRP B 72 -22.71 6.48 6.46
C TRP B 72 -21.96 7.76 6.78
N GLU B 73 -20.69 7.84 6.38
CA GLU B 73 -19.87 9.00 6.68
C GLU B 73 -20.42 10.17 5.86
N LEU B 74 -20.64 9.91 4.58
CA LEU B 74 -21.02 10.94 3.64
C LEU B 74 -22.36 11.56 4.01
N ASP B 75 -23.33 10.69 4.31
CA ASP B 75 -24.66 11.14 4.69
C ASP B 75 -24.56 11.97 5.97
N SER B 76 -23.66 11.59 6.89
CA SER B 76 -23.53 12.32 8.14
C SER B 76 -23.03 13.73 7.87
N VAL B 77 -22.12 13.85 6.90
CA VAL B 77 -21.50 15.13 6.60
C VAL B 77 -22.51 15.97 5.84
N ARG B 78 -23.25 15.35 4.93
CA ARG B 78 -24.31 16.07 4.24
C ARG B 78 -25.27 16.68 5.27
N GLU B 79 -25.62 15.93 6.31
CA GLU B 79 -26.58 16.41 7.29
C GLU B 79 -26.03 17.58 8.09
N ILE B 80 -24.72 17.56 8.38
CA ILE B 80 -24.07 18.63 9.14
C ILE B 80 -24.17 19.95 8.36
N PHE B 81 -24.19 19.84 7.04
CA PHE B 81 -24.30 20.99 6.18
C PHE B 81 -25.77 21.39 6.09
N GLN B 82 -26.62 20.43 5.67
CA GLN B 82 -28.03 20.68 5.40
C GLN B 82 -28.71 21.28 6.61
N ASN B 83 -28.21 20.98 7.82
CA ASN B 83 -28.87 21.39 9.04
C ASN B 83 -28.13 22.55 9.70
N GLY B 84 -27.14 23.12 9.01
CA GLY B 84 -26.48 24.34 9.44
C GLY B 84 -25.56 24.13 10.65
N HIS B 85 -25.17 22.89 10.94
CA HIS B 85 -24.26 22.66 12.04
C HIS B 85 -22.87 23.14 11.65
N VAL B 86 -22.59 23.12 10.35
CA VAL B 86 -21.30 23.52 9.83
C VAL B 86 -21.10 25.01 10.10
N ARG B 87 -22.18 25.75 10.33
CA ARG B 87 -22.07 27.15 10.66
C ARG B 87 -21.31 27.33 11.97
N ASP B 88 -21.48 26.38 12.89
CA ASP B 88 -20.70 26.37 14.11
C ASP B 88 -19.37 25.68 13.81
N GLU B 89 -18.29 26.44 13.81
CA GLU B 89 -17.02 25.98 13.27
C GLU B 89 -16.34 24.95 14.18
N ARG B 90 -16.91 24.66 15.35
CA ARG B 90 -16.43 23.55 16.18
C ARG B 90 -16.56 22.24 15.39
N ASN B 91 -17.50 22.23 14.45
CA ASN B 91 -17.88 21.00 13.78
C ASN B 91 -16.97 20.76 12.58
N MET B 92 -16.04 21.66 12.30
CA MET B 92 -15.20 21.52 11.12
C MET B 92 -14.24 20.34 11.26
N LEU B 93 -13.76 20.12 12.48
CA LEU B 93 -12.84 19.03 12.75
C LEU B 93 -13.52 17.71 12.40
N LYS B 94 -14.75 17.55 12.91
CA LYS B 94 -15.55 16.37 12.63
C LYS B 94 -15.74 16.16 11.13
N VAL B 95 -16.04 17.25 10.41
CA VAL B 95 -16.33 17.18 8.99
C VAL B 95 -15.10 16.69 8.23
N VAL B 96 -13.96 17.31 8.52
CA VAL B 96 -12.73 16.96 7.84
C VAL B 96 -12.30 15.54 8.17
N SER B 97 -12.49 15.12 9.43
CA SER B 97 -12.07 13.78 9.85
C SER B 97 -12.84 12.72 9.10
N ARG B 98 -14.13 12.95 8.92
CA ARG B 98 -14.98 11.97 8.29
C ARG B 98 -14.71 11.95 6.80
N MET B 99 -14.46 13.11 6.20
CA MET B 99 -14.12 13.13 4.79
C MET B 99 -12.79 12.43 4.60
N HIS B 100 -11.85 12.68 5.50
CA HIS B 100 -10.56 12.03 5.41
C HIS B 100 -10.73 10.52 5.56
N ARG B 101 -11.63 10.13 6.44
CA ARG B 101 -11.91 8.73 6.64
C ARG B 101 -12.43 8.12 5.36
N VAL B 102 -13.28 8.86 4.65
CA VAL B 102 -13.77 8.34 3.39
C VAL B 102 -12.59 8.08 2.46
N SER B 103 -11.65 9.03 2.40
CA SER B 103 -10.57 8.85 1.47
C SER B 103 -9.68 7.68 1.88
N VAL B 104 -9.59 7.41 3.19
CA VAL B 104 -8.81 6.27 3.66
C VAL B 104 -9.48 4.96 3.24
N ILE B 105 -10.81 4.92 3.33
CA ILE B 105 -11.51 3.72 2.94
C ILE B 105 -11.31 3.51 1.45
N LEU B 106 -11.41 4.58 0.66
CA LEU B 106 -11.32 4.45 -0.78
C LEU B 106 -9.94 3.96 -1.16
N LYS B 107 -8.92 4.43 -0.43
CA LYS B 107 -7.56 4.01 -0.70
C LYS B 107 -7.47 2.50 -0.56
N LEU B 108 -8.19 1.97 0.42
CA LEU B 108 -8.19 0.54 0.69
C LEU B 108 -8.90 -0.19 -0.42
N LEU B 109 -10.05 0.34 -0.84
CA LEU B 109 -10.87 -0.31 -1.85
C LEU B 109 -10.11 -0.40 -3.15
N VAL B 110 -9.23 0.55 -3.40
CA VAL B 110 -8.40 0.47 -4.57
C VAL B 110 -7.44 -0.72 -4.39
N GLN B 111 -6.84 -0.84 -3.20
CA GLN B 111 -5.87 -1.89 -2.99
C GLN B 111 -6.55 -3.24 -3.05
N GLN B 112 -7.83 -3.28 -2.71
CA GLN B 112 -8.56 -4.54 -2.61
C GLN B 112 -8.63 -5.25 -3.96
N PHE B 113 -8.45 -4.52 -5.06
CA PHE B 113 -8.46 -5.15 -6.38
C PHE B 113 -7.33 -6.16 -6.50
N SER B 114 -6.25 -5.93 -5.75
CA SER B 114 -5.11 -6.82 -5.78
C SER B 114 -5.52 -8.24 -5.39
N ILE B 115 -6.55 -8.36 -4.55
CA ILE B 115 -6.96 -9.67 -4.11
C ILE B 115 -7.61 -10.39 -5.27
N LEU B 116 -8.42 -9.66 -6.03
CA LEU B 116 -9.18 -10.29 -7.09
C LEU B 116 -8.28 -10.52 -8.32
N GLU B 117 -7.13 -9.85 -8.35
CA GLU B 117 -6.17 -10.09 -9.40
C GLU B 117 -5.52 -11.45 -9.20
N THR B 118 -5.77 -12.12 -8.05
CA THR B 118 -5.22 -13.44 -7.84
C THR B 118 -6.06 -14.47 -8.57
N MET B 119 -7.20 -14.06 -9.12
CA MET B 119 -8.05 -14.96 -9.90
C MET B 119 -7.69 -14.86 -11.37
N THR B 120 -7.40 -15.99 -12.04
CA THR B 120 -7.01 -15.86 -13.44
C THR B 120 -8.26 -15.68 -14.28
N ALA B 121 -8.09 -15.13 -15.49
CA ALA B 121 -9.19 -15.05 -16.42
C ALA B 121 -9.71 -16.44 -16.75
N LEU B 122 -8.78 -17.38 -16.89
CA LEU B 122 -9.11 -18.75 -17.23
C LEU B 122 -10.06 -19.34 -16.18
N ASP B 123 -9.79 -19.02 -14.92
CA ASP B 123 -10.52 -19.62 -13.82
C ASP B 123 -11.87 -18.91 -13.69
N PHE B 124 -11.87 -17.60 -13.95
CA PHE B 124 -13.10 -16.83 -13.85
C PHE B 124 -14.07 -17.31 -14.92
N ASN B 125 -13.50 -17.64 -16.08
CA ASN B 125 -14.27 -18.15 -17.20
C ASN B 125 -15.05 -19.39 -16.81
N ASP B 126 -14.65 -20.08 -15.74
CA ASP B 126 -15.28 -21.34 -15.40
C ASP B 126 -16.53 -21.16 -14.58
N PHE B 127 -16.91 -19.93 -14.25
CA PHE B 127 -18.15 -19.74 -13.49
C PHE B 127 -18.89 -18.50 -13.96
N ARG B 128 -18.35 -17.79 -14.97
CA ARG B 128 -18.94 -16.54 -15.41
C ARG B 128 -20.35 -16.79 -15.91
N GLU B 129 -20.57 -17.97 -16.48
CA GLU B 129 -21.86 -18.33 -17.06
C GLU B 129 -22.96 -18.30 -16.00
N TYR B 130 -22.64 -18.73 -14.77
CA TYR B 130 -23.64 -18.87 -13.73
C TYR B 130 -23.98 -17.51 -13.13
N LEU B 131 -23.33 -16.45 -13.62
CA LEU B 131 -23.55 -15.12 -13.07
C LEU B 131 -24.57 -14.34 -13.90
N SER B 132 -24.59 -14.60 -15.22
CA SER B 132 -25.52 -13.94 -16.12
C SER B 132 -26.93 -14.04 -15.56
N PRO B 133 -27.70 -12.92 -15.59
CA PRO B 133 -27.28 -11.69 -16.24
C PRO B 133 -26.89 -10.57 -15.30
N ALA B 134 -26.31 -10.92 -14.14
CA ALA B 134 -26.05 -9.94 -13.09
C ALA B 134 -24.75 -9.20 -13.38
N SER B 135 -24.63 -7.98 -12.85
CA SER B 135 -23.43 -7.17 -13.03
C SER B 135 -23.24 -6.22 -11.86
N GLY B 136 -22.01 -5.71 -11.71
CA GLY B 136 -21.69 -4.72 -10.69
C GLY B 136 -22.53 -3.46 -10.91
N PHE B 137 -22.93 -3.26 -12.18
CA PHE B 137 -23.76 -2.12 -12.56
C PHE B 137 -24.94 -2.01 -11.61
N GLN B 138 -25.36 -3.15 -11.04
CA GLN B 138 -26.56 -3.18 -10.22
C GLN B 138 -26.22 -2.89 -8.76
N SER B 139 -25.05 -2.29 -8.49
CA SER B 139 -24.70 -1.88 -7.14
C SER B 139 -25.47 -0.63 -6.77
N LEU B 140 -26.55 -0.80 -6.01
CA LEU B 140 -27.35 0.33 -5.58
C LEU B 140 -26.47 1.33 -4.85
N GLN B 141 -25.63 0.80 -3.97
CA GLN B 141 -24.83 1.65 -3.12
C GLN B 141 -23.81 2.44 -3.94
N PHE B 142 -23.20 1.80 -4.94
CA PHE B 142 -22.24 2.53 -5.73
C PHE B 142 -22.94 3.71 -6.38
N ARG B 143 -24.19 3.52 -6.80
CA ARG B 143 -24.92 4.58 -7.48
C ARG B 143 -25.29 5.66 -6.46
N LEU B 144 -25.75 5.23 -5.29
CA LEU B 144 -26.10 6.16 -4.23
C LEU B 144 -24.89 7.04 -3.93
N LEU B 145 -23.73 6.42 -3.94
CA LEU B 145 -22.50 7.12 -3.61
C LEU B 145 -22.19 8.15 -4.68
N GLU B 146 -22.27 7.74 -5.95
CA GLU B 146 -22.04 8.66 -7.06
C GLU B 146 -22.98 9.87 -6.90
N ASN B 147 -24.26 9.59 -6.65
CA ASN B 147 -25.30 10.60 -6.63
C ASN B 147 -25.08 11.56 -5.47
N LYS B 148 -24.77 10.99 -4.29
CA LYS B 148 -24.74 11.79 -3.08
C LYS B 148 -23.54 12.72 -3.12
N ILE B 149 -22.47 12.30 -3.80
CA ILE B 149 -21.31 13.15 -3.94
C ILE B 149 -21.69 14.29 -4.90
N GLY B 150 -22.31 13.94 -6.03
CA GLY B 150 -22.85 14.94 -6.92
C GLY B 150 -22.57 14.67 -8.40
N VAL B 151 -22.45 13.39 -8.80
CA VAL B 151 -22.38 13.02 -10.20
C VAL B 151 -23.71 13.35 -10.83
N LEU B 152 -23.68 14.12 -11.94
CA LEU B 152 -24.92 14.59 -12.54
C LEU B 152 -25.35 13.67 -13.68
N GLN B 153 -26.64 13.30 -13.68
CA GLN B 153 -27.16 12.41 -14.70
C GLN B 153 -27.02 13.01 -16.10
N ASN B 154 -27.18 14.34 -16.23
CA ASN B 154 -26.99 15.06 -17.47
C ASN B 154 -25.66 14.65 -18.13
N MET B 155 -24.67 14.32 -17.32
CA MET B 155 -23.33 14.08 -17.83
C MET B 155 -22.91 12.63 -17.57
N ARG B 156 -23.89 11.75 -17.40
CA ARG B 156 -23.60 10.34 -17.24
C ARG B 156 -23.56 9.67 -18.61
N VAL B 157 -22.46 8.96 -18.89
CA VAL B 157 -22.33 8.26 -20.17
C VAL B 157 -23.35 7.14 -20.19
N PRO B 158 -24.23 7.04 -21.22
CA PRO B 158 -25.18 5.95 -21.33
C PRO B 158 -24.48 4.64 -21.68
N TYR B 159 -24.97 3.53 -21.13
CA TYR B 159 -24.44 2.22 -21.49
C TYR B 159 -25.43 1.51 -22.40
N ASN B 160 -25.00 1.23 -23.65
CA ASN B 160 -25.82 0.51 -24.59
C ASN B 160 -27.20 1.14 -24.71
N ARG B 161 -27.24 2.48 -24.83
CA ARG B 161 -28.49 3.23 -24.91
C ARG B 161 -29.42 2.87 -23.73
N ARG B 162 -28.92 3.06 -22.50
CA ARG B 162 -29.76 2.86 -21.32
C ARG B 162 -29.46 3.93 -20.27
N HIS B 163 -30.47 4.27 -19.46
CA HIS B 163 -30.27 5.09 -18.27
C HIS B 163 -29.88 4.13 -17.14
N TYR B 164 -29.01 4.58 -16.23
CA TYR B 164 -28.48 3.69 -15.21
C TYR B 164 -29.61 3.20 -14.31
N ARG B 165 -30.59 4.09 -14.04
CA ARG B 165 -31.63 3.81 -13.07
C ARG B 165 -32.65 2.80 -13.62
N ASP B 166 -32.75 2.71 -14.96
CA ASP B 166 -33.78 1.89 -15.58
C ASP B 166 -33.50 0.42 -15.29
N ASN B 167 -32.32 0.10 -14.74
CA ASN B 167 -31.95 -1.26 -14.38
C ASN B 167 -32.39 -1.58 -12.95
N PHE B 168 -33.01 -0.62 -12.27
CA PHE B 168 -33.39 -0.79 -10.86
C PHE B 168 -34.90 -0.65 -10.75
N LYS B 169 -35.50 -1.36 -9.78
CA LYS B 169 -36.94 -1.32 -9.55
C LYS B 169 -37.26 -1.39 -8.06
N GLY B 170 -38.44 -0.87 -7.70
CA GLY B 170 -38.94 -0.98 -6.34
C GLY B 170 -38.38 0.15 -5.47
N GLU B 171 -38.28 -0.10 -4.15
CA GLU B 171 -37.70 0.87 -3.23
C GLU B 171 -36.30 1.28 -3.68
N GLU B 172 -35.57 0.35 -4.32
CA GLU B 172 -34.28 0.68 -4.90
C GLU B 172 -34.43 1.88 -5.84
N ASN B 173 -35.34 1.82 -6.80
CA ASN B 173 -35.52 2.92 -7.72
C ASN B 173 -35.92 4.16 -6.91
N GLU B 174 -36.72 3.95 -5.85
CA GLU B 174 -37.18 5.05 -5.01
C GLU B 174 -35.98 5.74 -4.35
N LEU B 175 -35.12 4.94 -3.71
CA LEU B 175 -33.94 5.43 -3.01
C LEU B 175 -33.07 6.21 -3.98
N LEU B 176 -32.85 5.65 -5.18
CA LEU B 176 -31.99 6.26 -6.18
C LEU B 176 -32.53 7.63 -6.55
N LEU B 177 -33.86 7.75 -6.64
CA LEU B 177 -34.48 9.01 -6.98
C LEU B 177 -34.19 10.01 -5.87
N LYS B 178 -34.49 9.61 -4.63
CA LYS B 178 -34.25 10.47 -3.49
C LYS B 178 -32.80 10.94 -3.52
N SER B 179 -31.87 10.02 -3.81
CA SER B 179 -30.45 10.34 -3.83
C SER B 179 -30.16 11.39 -4.88
N GLU B 180 -30.91 11.36 -6.00
CA GLU B 180 -30.72 12.30 -7.10
C GLU B 180 -31.30 13.66 -6.73
N GLN B 181 -32.42 13.65 -6.01
CA GLN B 181 -33.23 14.84 -5.77
C GLN B 181 -32.76 15.60 -4.53
N GLU B 182 -32.47 14.88 -3.44
CA GLU B 182 -31.91 15.48 -2.26
C GLU B 182 -30.56 16.13 -2.57
N LYS B 183 -30.18 17.05 -1.67
CA LYS B 183 -29.01 17.89 -1.86
C LYS B 183 -27.75 17.04 -1.84
N THR B 184 -26.89 17.26 -2.83
CA THR B 184 -25.62 16.56 -2.93
C THR B 184 -24.59 17.28 -2.08
N LEU B 185 -23.46 16.58 -1.86
CA LEU B 185 -22.34 17.17 -1.15
C LEU B 185 -21.84 18.40 -1.90
N LEU B 186 -21.74 18.31 -3.22
CA LEU B 186 -21.34 19.44 -4.04
C LEU B 186 -22.24 20.66 -3.76
N GLU B 187 -23.56 20.44 -3.77
CA GLU B 187 -24.51 21.52 -3.62
C GLU B 187 -24.37 22.16 -2.24
N LEU B 188 -24.11 21.31 -1.24
CA LEU B 188 -24.06 21.73 0.15
C LEU B 188 -22.77 22.48 0.43
N VAL B 189 -21.69 22.03 -0.20
CA VAL B 189 -20.39 22.69 -0.14
C VAL B 189 -20.48 24.03 -0.89
N GLU B 190 -21.15 24.03 -2.04
CA GLU B 190 -21.35 25.24 -2.80
C GLU B 190 -22.00 26.29 -1.90
N ALA B 191 -23.08 25.89 -1.23
CA ALA B 191 -23.84 26.78 -0.37
C ALA B 191 -22.93 27.39 0.68
N TRP B 192 -22.12 26.52 1.28
CA TRP B 192 -21.22 26.92 2.35
C TRP B 192 -20.13 27.84 1.82
N LEU B 193 -19.61 27.53 0.63
CA LEU B 193 -18.56 28.32 0.02
C LEU B 193 -19.06 29.73 -0.28
N GLU B 194 -20.35 29.86 -0.61
CA GLU B 194 -20.94 31.15 -0.93
C GLU B 194 -20.90 32.07 0.29
N ARG B 195 -20.93 31.47 1.48
CA ARG B 195 -20.93 32.20 2.74
C ARG B 195 -19.51 32.46 3.23
N THR B 196 -18.49 32.15 2.43
CA THR B 196 -17.11 32.32 2.86
C THR B 196 -16.88 33.78 3.22
N PRO B 197 -16.32 34.07 4.42
CA PRO B 197 -16.01 35.46 4.79
C PRO B 197 -14.91 36.07 3.93
N GLY B 198 -15.07 37.35 3.58
CA GLY B 198 -14.05 38.08 2.85
C GLY B 198 -14.51 38.52 1.47
N LEU B 199 -15.58 37.92 0.96
CA LEU B 199 -16.07 38.21 -0.38
C LEU B 199 -16.94 39.48 -0.36
N GLU B 200 -17.40 39.86 0.83
CA GLU B 200 -18.27 41.02 0.98
C GLU B 200 -17.61 42.22 0.30
N PRO B 201 -18.26 42.82 -0.73
CA PRO B 201 -17.70 43.98 -1.43
C PRO B 201 -17.49 45.16 -0.50
N HIS B 202 -18.39 45.27 0.49
CA HIS B 202 -18.29 46.33 1.48
C HIS B 202 -17.32 45.93 2.60
N GLY B 203 -16.66 44.77 2.47
CA GLY B 203 -15.81 44.19 3.52
C GLY B 203 -14.34 44.18 3.10
N PHE B 204 -13.75 42.98 2.92
CA PHE B 204 -12.38 42.87 2.43
C PHE B 204 -12.38 43.03 0.90
N ASN B 205 -13.53 42.80 0.26
CA ASN B 205 -13.66 42.92 -1.19
C ASN B 205 -12.50 42.18 -1.84
N PHE B 206 -12.46 40.86 -1.67
CA PHE B 206 -11.40 40.05 -2.22
C PHE B 206 -11.41 40.15 -3.75
N TRP B 207 -12.60 39.96 -4.33
CA TRP B 207 -12.70 39.87 -5.78
C TRP B 207 -12.21 41.18 -6.40
N GLY B 208 -12.62 42.31 -5.80
CA GLY B 208 -12.20 43.60 -6.29
C GLY B 208 -10.68 43.77 -6.20
N LYS B 209 -10.16 43.55 -4.99
CA LYS B 209 -8.75 43.72 -4.74
C LYS B 209 -7.97 42.81 -5.69
N LEU B 210 -8.52 41.62 -5.97
CA LEU B 210 -7.82 40.63 -6.77
C LEU B 210 -7.75 41.10 -8.22
N GLU B 211 -8.90 41.51 -8.76
CA GLU B 211 -8.98 42.01 -10.13
C GLU B 211 -7.96 43.14 -10.30
N LYS B 212 -8.00 44.09 -9.36
CA LYS B 212 -7.12 45.24 -9.40
C LYS B 212 -5.66 44.77 -9.43
N ASN B 213 -5.29 43.93 -8.45
CA ASN B 213 -3.90 43.57 -8.27
C ASN B 213 -3.42 42.80 -9.51
N ILE B 214 -4.30 41.97 -10.08
CA ILE B 214 -3.92 41.19 -11.25
C ILE B 214 -3.76 42.12 -12.45
N THR B 215 -4.75 42.99 -12.66
CA THR B 215 -4.71 43.89 -13.79
C THR B 215 -3.42 44.70 -13.70
N ARG B 216 -3.14 45.25 -12.51
CA ARG B 216 -1.95 46.05 -12.31
C ARG B 216 -0.70 45.23 -12.60
N GLY B 217 -0.62 44.05 -12.00
CA GLY B 217 0.56 43.20 -12.12
C GLY B 217 0.85 42.84 -13.58
N LEU B 218 -0.22 42.53 -14.32
CA LEU B 218 -0.07 42.14 -15.71
C LEU B 218 0.46 43.34 -16.51
N GLU B 219 -0.12 44.52 -16.29
CA GLU B 219 0.32 45.74 -16.94
C GLU B 219 1.82 45.89 -16.75
N GLU B 220 2.26 45.78 -15.49
CA GLU B 220 3.65 45.98 -15.12
C GLU B 220 4.53 45.03 -15.91
N GLU B 221 4.08 43.78 -16.02
CA GLU B 221 4.86 42.76 -16.70
C GLU B 221 4.98 43.13 -18.18
N PHE B 222 3.89 43.62 -18.77
CA PHE B 222 3.88 43.94 -20.18
C PHE B 222 4.93 45.00 -20.46
N ILE B 223 4.99 46.02 -19.59
CA ILE B 223 5.94 47.10 -19.74
C ILE B 223 7.34 46.49 -19.77
N ARG B 224 7.61 45.60 -18.81
CA ARG B 224 8.89 44.92 -18.72
C ARG B 224 9.25 44.30 -20.06
N ILE B 225 8.26 43.67 -20.72
CA ILE B 225 8.51 42.93 -21.95
C ILE B 225 8.67 43.90 -23.12
N GLN B 226 7.77 44.89 -23.18
CA GLN B 226 7.77 45.90 -24.22
C GLN B 226 9.16 46.52 -24.32
N ALA B 227 9.81 46.73 -23.17
CA ALA B 227 11.10 47.40 -23.14
C ALA B 227 12.17 46.55 -23.84
N LYS B 228 12.01 45.23 -23.76
CA LYS B 228 12.97 44.32 -24.36
C LYS B 228 13.08 44.59 -25.86
N GLU B 229 14.23 44.24 -26.45
CA GLU B 229 14.44 44.38 -27.88
C GLU B 229 13.82 43.18 -28.60
N GLU B 230 13.27 43.48 -29.80
CA GLU B 230 12.70 42.47 -30.68
C GLU B 230 13.64 41.26 -30.69
N SER B 231 13.08 40.06 -30.55
CA SER B 231 13.85 38.83 -30.48
C SER B 231 12.87 37.67 -30.58
N GLU B 232 13.36 36.46 -30.89
CA GLU B 232 12.46 35.32 -30.85
C GLU B 232 12.01 35.09 -29.40
N GLU B 233 12.92 35.35 -28.46
CA GLU B 233 12.59 35.29 -27.05
C GLU B 233 11.43 36.24 -26.74
N LYS B 234 11.57 37.53 -27.10
CA LYS B 234 10.55 38.52 -26.81
C LYS B 234 9.18 38.01 -27.25
N GLU B 235 9.14 37.45 -28.46
CA GLU B 235 7.90 36.92 -28.99
C GLU B 235 7.41 35.78 -28.10
N GLU B 236 8.31 34.85 -27.78
CA GLU B 236 7.96 33.71 -26.94
C GLU B 236 7.39 34.20 -25.61
N GLN B 237 7.96 35.28 -25.07
CA GLN B 237 7.45 35.87 -23.84
C GLN B 237 6.08 36.50 -24.09
N VAL B 238 5.97 37.34 -25.13
CA VAL B 238 4.71 38.03 -25.40
C VAL B 238 3.56 37.02 -25.58
N ALA B 239 3.84 35.95 -26.30
CA ALA B 239 2.86 34.90 -26.53
C ALA B 239 2.41 34.31 -25.19
N GLU B 240 3.38 34.00 -24.33
CA GLU B 240 3.08 33.46 -23.02
C GLU B 240 2.21 34.45 -22.25
N PHE B 241 2.62 35.72 -22.24
CA PHE B 241 1.93 36.75 -21.48
C PHE B 241 0.48 36.79 -21.92
N GLN B 242 0.25 36.74 -23.23
CA GLN B 242 -1.10 36.81 -23.76
C GLN B 242 -1.92 35.66 -23.18
N LYS B 243 -1.36 34.45 -23.21
CA LYS B 243 -2.03 33.27 -22.67
C LYS B 243 -2.38 33.48 -21.19
N GLN B 244 -1.39 33.88 -20.40
CA GLN B 244 -1.59 34.06 -18.96
C GLN B 244 -2.68 35.12 -18.74
N LYS B 245 -2.52 36.27 -19.40
CA LYS B 245 -3.45 37.38 -19.25
C LYS B 245 -4.86 36.88 -19.53
N GLU B 246 -5.02 36.10 -20.58
CA GLU B 246 -6.32 35.59 -20.99
C GLU B 246 -6.92 34.80 -19.84
N VAL B 247 -6.16 33.83 -19.35
CA VAL B 247 -6.62 32.93 -18.31
C VAL B 247 -7.01 33.76 -17.10
N LEU B 248 -6.05 34.56 -16.64
CA LEU B 248 -6.23 35.27 -15.39
C LEU B 248 -7.46 36.16 -15.44
N LEU B 249 -7.69 36.81 -16.57
CA LEU B 249 -8.78 37.74 -16.65
C LEU B 249 -10.09 37.00 -16.89
N SER B 250 -10.04 35.84 -17.52
CA SER B 250 -11.23 35.03 -17.76
C SER B 250 -11.91 34.70 -16.43
N LEU B 251 -11.15 34.78 -15.34
CA LEU B 251 -11.68 34.52 -14.02
C LEU B 251 -12.77 35.53 -13.65
N PHE B 252 -12.72 36.72 -14.23
CA PHE B 252 -13.64 37.77 -13.85
C PHE B 252 -14.80 37.87 -14.84
N ASP B 253 -14.91 36.92 -15.78
CA ASP B 253 -16.01 36.92 -16.73
C ASP B 253 -17.12 36.03 -16.19
N GLU B 254 -18.07 36.64 -15.46
CA GLU B 254 -19.13 35.90 -14.79
C GLU B 254 -19.99 35.17 -15.82
N LYS B 255 -20.13 35.76 -17.00
CA LYS B 255 -21.00 35.23 -18.02
C LYS B 255 -20.36 33.99 -18.66
N ARG B 256 -19.04 34.03 -18.86
CA ARG B 256 -18.31 32.88 -19.37
C ARG B 256 -18.57 31.70 -18.43
N HIS B 257 -18.52 32.01 -17.12
CA HIS B 257 -18.71 30.98 -16.10
C HIS B 257 -20.11 30.40 -16.20
N GLU B 258 -21.12 31.30 -16.25
CA GLU B 258 -22.52 30.89 -16.32
C GLU B 258 -22.71 30.00 -17.54
N HIS B 259 -21.98 30.30 -18.61
CA HIS B 259 -22.05 29.54 -19.84
C HIS B 259 -21.45 28.16 -19.64
N LEU B 260 -20.24 28.14 -19.07
CA LEU B 260 -19.54 26.88 -18.85
C LEU B 260 -20.29 26.05 -17.83
N LEU B 261 -21.05 26.72 -16.95
CA LEU B 261 -21.89 26.05 -15.96
C LEU B 261 -23.00 25.28 -16.69
N SER B 262 -23.68 25.94 -17.63
CA SER B 262 -24.77 25.31 -18.36
C SER B 262 -24.25 24.15 -19.19
N LYS B 263 -23.00 24.23 -19.65
CA LYS B 263 -22.41 23.18 -20.45
C LYS B 263 -21.93 22.03 -19.56
N GLY B 264 -21.92 22.25 -18.25
CA GLY B 264 -21.53 21.21 -17.31
C GLY B 264 -20.02 21.02 -17.26
N GLU B 265 -19.27 21.97 -17.80
CA GLU B 265 -17.81 21.93 -17.72
C GLU B 265 -17.37 22.53 -16.39
N ARG B 266 -18.25 23.31 -15.75
CA ARG B 266 -18.09 23.72 -14.37
C ARG B 266 -19.31 23.29 -13.57
N ARG B 267 -19.17 23.27 -12.23
CA ARG B 267 -20.24 22.82 -11.36
C ARG B 267 -20.60 23.84 -10.29
N LEU B 268 -19.63 24.64 -9.81
CA LEU B 268 -19.85 25.56 -8.70
C LEU B 268 -20.33 26.90 -9.24
N SER B 269 -21.23 27.52 -8.47
CA SER B 269 -21.62 28.90 -8.68
C SER B 269 -20.38 29.79 -8.72
N TYR B 270 -20.53 30.96 -9.35
CA TYR B 270 -19.44 31.91 -9.47
C TYR B 270 -19.02 32.36 -8.08
N ARG B 271 -19.98 32.52 -7.18
CA ARG B 271 -19.65 33.00 -5.85
C ARG B 271 -18.94 31.89 -5.06
N ALA B 272 -19.36 30.64 -5.24
CA ALA B 272 -18.71 29.55 -4.55
C ALA B 272 -17.25 29.46 -5.00
N LEU B 273 -17.02 29.75 -6.28
CA LEU B 273 -15.67 29.73 -6.83
C LEU B 273 -14.80 30.78 -6.13
N GLN B 274 -15.40 31.93 -5.83
CA GLN B 274 -14.72 33.01 -5.16
C GLN B 274 -14.35 32.57 -3.74
N GLY B 275 -15.30 31.95 -3.07
CA GLY B 275 -15.10 31.44 -1.72
C GLY B 275 -13.94 30.45 -1.68
N ALA B 276 -13.90 29.55 -2.67
CA ALA B 276 -12.89 28.50 -2.71
C ALA B 276 -11.51 29.12 -2.90
N LEU B 277 -11.42 30.10 -3.80
CA LEU B 277 -10.15 30.73 -4.10
C LEU B 277 -9.70 31.58 -2.91
N MET B 278 -10.67 32.19 -2.23
CA MET B 278 -10.42 32.89 -0.99
C MET B 278 -9.67 31.96 -0.04
N ILE B 279 -10.19 30.75 0.09
CA ILE B 279 -9.68 29.80 1.08
C ILE B 279 -8.31 29.35 0.63
N TYR B 280 -8.12 29.16 -0.68
CA TYR B 280 -6.83 28.73 -1.20
C TYR B 280 -5.77 29.74 -0.82
N PHE B 281 -6.05 31.01 -1.10
CA PHE B 281 -5.05 32.05 -1.02
C PHE B 281 -4.77 32.40 0.42
N TYR B 282 -5.78 32.32 1.29
CA TYR B 282 -5.61 32.69 2.69
C TYR B 282 -5.62 31.48 3.62
N ARG B 283 -5.14 30.33 3.14
CA ARG B 283 -5.35 29.05 3.81
C ARG B 283 -4.65 29.02 5.17
N GLU B 284 -3.55 29.77 5.29
CA GLU B 284 -2.79 29.79 6.53
C GLU B 284 -3.53 30.53 7.64
N GLU B 285 -4.45 31.45 7.26
CA GLU B 285 -5.24 32.15 8.26
C GLU B 285 -6.03 31.14 9.07
N PRO B 286 -6.01 31.23 10.42
CA PRO B 286 -6.58 30.19 11.26
C PRO B 286 -7.96 29.70 10.86
N ARG B 287 -8.85 30.62 10.48
CA ARG B 287 -10.24 30.25 10.25
C ARG B 287 -10.36 29.46 8.95
N PHE B 288 -9.32 29.53 8.10
CA PHE B 288 -9.30 28.86 6.81
C PHE B 288 -8.44 27.61 6.80
N GLN B 289 -7.76 27.29 7.90
CA GLN B 289 -6.84 26.16 7.92
C GLN B 289 -7.62 24.86 7.70
N VAL B 290 -8.68 24.62 8.49
CA VAL B 290 -9.40 23.38 8.35
C VAL B 290 -10.28 23.43 7.09
N PRO B 291 -10.92 24.55 6.74
CA PRO B 291 -11.60 24.66 5.45
C PRO B 291 -10.77 24.28 4.24
N PHE B 292 -9.50 24.64 4.27
CA PHE B 292 -8.60 24.29 3.19
C PHE B 292 -8.37 22.79 3.17
N GLN B 293 -8.26 22.20 4.37
CA GLN B 293 -8.13 20.77 4.50
C GLN B 293 -9.34 20.08 3.87
N LEU B 294 -10.52 20.64 4.10
CA LEU B 294 -11.75 20.06 3.56
C LEU B 294 -11.69 20.08 2.04
N LEU B 295 -11.22 21.19 1.46
CA LEU B 295 -11.18 21.30 0.02
C LEU B 295 -10.24 20.24 -0.55
N THR B 296 -9.12 20.06 0.13
CA THR B 296 -8.14 19.07 -0.27
C THR B 296 -8.76 17.69 -0.25
N SER B 297 -9.56 17.42 0.77
CA SER B 297 -10.16 16.11 0.95
C SER B 297 -11.21 15.85 -0.12
N LEU B 298 -11.94 16.90 -0.54
CA LEU B 298 -12.96 16.74 -1.54
C LEU B 298 -12.31 16.36 -2.87
N MET B 299 -11.18 16.99 -3.18
CA MET B 299 -10.43 16.64 -4.37
C MET B 299 -9.88 15.22 -4.26
N ASP B 300 -9.47 14.81 -3.06
CA ASP B 300 -8.91 13.49 -2.84
C ASP B 300 -9.98 12.43 -3.10
N ILE B 301 -11.22 12.72 -2.69
CA ILE B 301 -12.31 11.78 -2.87
C ILE B 301 -12.56 11.58 -4.35
N ASP B 302 -12.58 12.68 -5.11
CA ASP B 302 -12.79 12.61 -6.54
C ASP B 302 -11.68 11.75 -7.16
N SER B 303 -10.45 11.99 -6.76
CA SER B 303 -9.31 11.31 -7.34
C SER B 303 -9.41 9.81 -7.09
N LEU B 304 -9.74 9.45 -5.85
CA LEU B 304 -9.70 8.06 -5.44
C LEU B 304 -10.87 7.32 -6.07
N MET B 305 -12.00 8.01 -6.22
CA MET B 305 -13.16 7.42 -6.86
C MET B 305 -12.79 7.08 -8.30
N THR B 306 -12.06 7.97 -8.95
CA THR B 306 -11.71 7.72 -10.33
C THR B 306 -10.63 6.64 -10.39
N LYS B 307 -9.74 6.60 -9.40
CA LYS B 307 -8.73 5.54 -9.34
C LYS B 307 -9.42 4.19 -9.15
N TRP B 308 -10.54 4.20 -8.41
CA TRP B 308 -11.31 2.99 -8.25
C TRP B 308 -11.85 2.56 -9.62
N ARG B 309 -12.38 3.53 -10.37
CA ARG B 309 -12.97 3.23 -11.66
C ARG B 309 -11.92 2.68 -12.60
N TYR B 310 -10.70 3.23 -12.53
CA TYR B 310 -9.64 2.85 -13.44
C TYR B 310 -9.17 1.43 -13.10
N ASN B 311 -9.05 1.13 -11.80
CA ASN B 311 -8.54 -0.17 -11.41
C ASN B 311 -9.61 -1.22 -11.74
N HIS B 312 -10.88 -0.81 -11.72
CA HIS B 312 -11.95 -1.73 -12.08
C HIS B 312 -11.80 -2.08 -13.55
N VAL B 313 -11.68 -1.04 -14.38
CA VAL B 313 -11.49 -1.19 -15.82
C VAL B 313 -10.32 -2.11 -16.11
N CYS B 314 -9.15 -1.82 -15.51
CA CYS B 314 -7.93 -2.54 -15.80
C CYS B 314 -8.18 -4.03 -15.58
N MET B 315 -9.14 -4.36 -14.70
CA MET B 315 -9.36 -5.77 -14.37
C MET B 315 -10.34 -6.41 -15.34
N VAL B 316 -11.47 -5.74 -15.56
CA VAL B 316 -12.47 -6.22 -16.50
C VAL B 316 -11.79 -6.56 -17.83
N HIS B 317 -10.77 -5.77 -18.20
CA HIS B 317 -10.00 -6.05 -19.39
C HIS B 317 -9.27 -7.39 -19.25
N ARG B 318 -8.52 -7.56 -18.16
CA ARG B 318 -7.72 -8.77 -18.02
C ARG B 318 -8.65 -9.99 -18.02
N MET B 319 -9.91 -9.78 -17.60
CA MET B 319 -10.83 -10.88 -17.39
C MET B 319 -11.69 -11.16 -18.62
N LEU B 320 -12.27 -10.11 -19.22
CA LEU B 320 -13.19 -10.29 -20.34
C LEU B 320 -12.53 -9.96 -21.66
N GLY B 321 -11.38 -9.29 -21.67
CA GLY B 321 -10.80 -8.79 -22.93
C GLY B 321 -11.55 -7.54 -23.40
N SER B 322 -11.29 -7.10 -24.64
CA SER B 322 -11.89 -5.88 -25.17
C SER B 322 -12.87 -6.20 -26.31
N SER B 330 -16.79 -3.56 -25.16
CA SER B 330 -17.97 -2.66 -25.06
C SER B 330 -18.14 -2.20 -23.62
N GLY B 331 -18.34 -3.14 -22.68
CA GLY B 331 -18.26 -2.83 -21.26
C GLY B 331 -16.96 -2.08 -20.95
N TYR B 332 -15.85 -2.71 -21.34
CA TYR B 332 -14.51 -2.15 -21.20
C TYR B 332 -14.49 -0.68 -21.66
N HIS B 333 -15.06 -0.40 -22.84
CA HIS B 333 -14.97 0.92 -23.44
C HIS B 333 -15.90 1.90 -22.73
N TYR B 334 -17.09 1.43 -22.35
CA TYR B 334 -18.01 2.21 -21.52
C TYR B 334 -17.28 2.62 -20.26
N LEU B 335 -16.63 1.63 -19.63
CA LEU B 335 -15.97 1.84 -18.36
C LEU B 335 -14.81 2.82 -18.57
N ARG B 336 -14.07 2.64 -19.67
CA ARG B 336 -12.92 3.50 -19.92
C ARG B 336 -13.40 4.95 -20.02
N SER B 337 -14.68 5.13 -20.42
CA SER B 337 -15.23 6.46 -20.64
C SER B 337 -15.65 7.09 -19.31
N THR B 338 -15.84 6.27 -18.27
CA THR B 338 -16.23 6.76 -16.96
C THR B 338 -15.03 7.34 -16.24
N VAL B 339 -13.82 7.05 -16.75
CA VAL B 339 -12.59 7.59 -16.20
C VAL B 339 -12.32 8.91 -16.89
N SER B 340 -13.21 9.89 -16.69
CA SER B 340 -13.09 11.17 -17.37
C SER B 340 -13.47 12.28 -16.39
N ASP B 341 -13.21 13.52 -16.79
CA ASP B 341 -13.60 14.68 -15.99
C ASP B 341 -15.11 14.84 -15.96
N ARG B 342 -15.82 14.08 -16.80
CA ARG B 342 -17.26 14.10 -16.82
C ARG B 342 -17.82 13.54 -15.52
N TYR B 343 -16.99 12.79 -14.79
CA TYR B 343 -17.39 12.17 -13.54
C TYR B 343 -16.79 12.91 -12.35
N LYS B 344 -15.99 13.94 -12.59
CA LYS B 344 -15.28 14.64 -11.52
C LYS B 344 -16.15 15.76 -10.96
N VAL B 345 -16.76 15.52 -9.80
CA VAL B 345 -17.67 16.47 -9.18
C VAL B 345 -16.97 17.76 -8.76
N PHE B 346 -15.78 17.66 -8.16
CA PHE B 346 -15.13 18.84 -7.63
C PHE B 346 -14.04 19.33 -8.58
N VAL B 347 -14.32 19.25 -9.88
CA VAL B 347 -13.35 19.59 -10.89
C VAL B 347 -12.95 21.05 -10.74
N ASP B 348 -13.88 21.89 -10.26
CA ASP B 348 -13.60 23.30 -10.07
C ASP B 348 -12.45 23.49 -9.08
N LEU B 349 -12.37 22.64 -8.05
CA LEU B 349 -11.34 22.78 -7.03
C LEU B 349 -9.99 22.42 -7.63
N PHE B 350 -9.96 21.41 -8.49
CA PHE B 350 -8.73 21.05 -9.16
C PHE B 350 -8.27 22.19 -10.04
N ASN B 351 -9.21 22.89 -10.68
CA ASN B 351 -8.86 23.83 -11.73
C ASN B 351 -8.45 25.19 -11.17
N LEU B 352 -8.59 25.39 -9.88
CA LEU B 352 -8.09 26.62 -9.28
C LEU B 352 -6.56 26.74 -9.39
N SER B 353 -5.86 25.63 -9.62
CA SER B 353 -4.43 25.65 -9.95
C SER B 353 -4.14 26.48 -11.20
N THR B 354 -5.10 26.56 -12.12
CA THR B 354 -4.93 27.36 -13.33
C THR B 354 -4.73 28.84 -13.00
N TYR B 355 -5.36 29.31 -11.91
CA TYR B 355 -5.41 30.73 -11.62
C TYR B 355 -4.44 31.10 -10.51
N LEU B 356 -3.29 30.41 -10.46
CA LEU B 356 -2.25 30.80 -9.52
C LEU B 356 -1.50 32.00 -10.08
N ILE B 357 -1.33 32.97 -9.18
CA ILE B 357 -0.69 34.23 -9.42
C ILE B 357 0.53 34.28 -8.51
N PRO B 358 1.50 35.20 -8.75
CA PRO B 358 2.58 35.41 -7.78
C PRO B 358 1.97 35.76 -6.44
N ARG B 359 2.63 35.34 -5.36
CA ARG B 359 2.15 35.56 -3.99
C ARG B 359 1.94 37.05 -3.74
N HIS B 360 2.84 37.88 -4.27
CA HIS B 360 2.83 39.30 -3.97
C HIS B 360 1.62 39.98 -4.62
N TRP B 361 0.97 39.31 -5.58
CA TRP B 361 -0.24 39.83 -6.18
C TRP B 361 -1.45 39.60 -5.29
N ILE B 362 -1.31 38.74 -4.28
CA ILE B 362 -2.46 38.37 -3.47
C ILE B 362 -2.78 39.52 -2.52
N PRO B 363 -4.04 40.01 -2.51
CA PRO B 363 -4.45 41.09 -1.62
C PRO B 363 -3.94 40.86 -0.20
N LYS B 364 -3.27 41.87 0.37
CA LYS B 364 -2.67 41.73 1.67
C LYS B 364 -3.78 41.72 2.72
N MET B 365 -3.59 40.85 3.72
CA MET B 365 -4.52 40.77 4.84
C MET B 365 -4.12 41.72 5.98
N ASN B 366 -4.73 42.91 5.95
CA ASN B 366 -4.40 44.03 6.81
C ASN B 366 -4.66 43.63 8.26
N PRO B 367 -3.89 44.14 9.26
CA PRO B 367 -4.08 43.70 10.64
C PRO B 367 -5.53 43.78 11.11
N THR B 368 -6.17 44.95 10.86
CA THR B 368 -7.57 45.14 11.22
C THR B 368 -8.40 44.01 10.60
N ILE B 369 -8.25 43.90 9.28
CA ILE B 369 -8.94 42.91 8.49
C ILE B 369 -8.74 41.53 9.10
N HIS B 370 -7.46 41.12 9.29
CA HIS B 370 -7.14 39.78 9.74
C HIS B 370 -8.09 39.34 10.85
N LYS B 371 -8.48 40.28 11.73
CA LYS B 371 -9.33 39.97 12.87
C LYS B 371 -10.56 39.13 12.48
N PHE B 372 -11.10 39.34 11.27
CA PHE B 372 -12.29 38.62 10.84
C PHE B 372 -11.99 37.13 10.65
N LEU B 373 -10.71 36.74 10.62
CA LEU B 373 -10.32 35.34 10.47
C LEU B 373 -9.60 34.80 11.72
N GLU B 374 -10.24 34.98 12.89
CA GLU B 374 -9.75 34.50 14.17
C GLU B 374 -10.91 33.92 14.98
N HIS B 375 -10.61 33.14 16.02
CA HIS B 375 -11.64 32.47 16.82
C HIS B 375 -11.10 32.19 18.23
N GLY C 23 19.85 26.55 -21.07
CA GLY C 23 19.07 26.45 -19.82
C GLY C 23 19.29 25.09 -19.15
N LEU C 24 18.46 24.85 -18.11
CA LEU C 24 18.60 23.75 -17.18
C LEU C 24 18.10 22.43 -17.76
N ILE C 25 18.84 21.34 -17.50
CA ILE C 25 18.43 20.01 -17.92
C ILE C 25 18.10 19.18 -16.69
N TYR C 26 17.04 18.35 -16.79
CA TYR C 26 16.59 17.44 -15.76
C TYR C 26 17.77 16.74 -15.05
N GLY C 27 18.57 15.97 -15.81
CA GLY C 27 19.64 15.20 -15.22
C GLY C 27 20.61 16.05 -14.39
N ASN C 28 20.80 17.32 -14.79
CA ASN C 28 21.71 18.23 -14.13
C ASN C 28 21.04 18.83 -12.89
N TYR C 29 19.77 19.20 -13.04
CA TYR C 29 18.97 19.72 -11.94
C TYR C 29 19.02 18.72 -10.79
N LEU C 30 18.95 17.43 -11.13
CA LEU C 30 18.92 16.36 -10.15
C LEU C 30 20.31 15.77 -9.88
N HIS C 31 21.36 16.35 -10.44
CA HIS C 31 22.71 15.88 -10.21
C HIS C 31 22.77 14.36 -10.29
N LEU C 32 22.23 13.83 -11.38
CA LEU C 32 22.19 12.39 -11.56
C LEU C 32 23.58 11.86 -11.91
N GLU C 33 24.50 12.76 -12.28
CA GLU C 33 25.88 12.37 -12.49
C GLU C 33 26.43 11.76 -11.20
N LYS C 34 25.87 12.20 -10.06
CA LYS C 34 26.25 11.67 -8.77
C LYS C 34 25.36 10.49 -8.41
N VAL C 35 24.05 10.71 -8.48
CA VAL C 35 23.09 9.77 -7.93
C VAL C 35 23.19 8.44 -8.67
N LEU C 36 23.37 8.50 -9.99
CA LEU C 36 23.34 7.29 -10.79
C LEU C 36 24.74 6.80 -11.12
N ASN C 37 25.74 7.32 -10.40
CA ASN C 37 27.08 6.75 -10.41
C ASN C 37 27.54 6.56 -8.97
N ALA C 38 26.67 5.94 -8.16
CA ALA C 38 26.97 5.70 -6.75
C ALA C 38 26.81 4.23 -6.42
N GLN C 39 26.69 3.40 -7.46
CA GLN C 39 26.42 2.00 -7.24
C GLN C 39 27.70 1.19 -7.49
N GLU C 40 28.35 0.73 -6.40
CA GLU C 40 29.57 -0.06 -6.52
C GLU C 40 29.37 -1.40 -5.82
N LEU C 41 29.13 -2.46 -6.61
CA LEU C 41 28.96 -3.79 -6.07
C LEU C 41 30.32 -4.25 -5.54
N GLN C 42 30.39 -4.52 -4.23
CA GLN C 42 31.63 -5.02 -3.67
C GLN C 42 31.94 -6.40 -4.23
N SER C 43 30.89 -7.20 -4.48
CA SER C 43 31.07 -8.51 -5.07
C SER C 43 31.79 -8.37 -6.40
N GLU C 44 31.45 -7.32 -7.15
CA GLU C 44 32.05 -7.04 -8.44
C GLU C 44 33.46 -6.49 -8.28
N THR C 45 33.65 -5.62 -7.30
CA THR C 45 34.95 -5.03 -7.04
C THR C 45 35.97 -6.12 -6.69
N LYS C 46 35.50 -7.22 -6.10
CA LYS C 46 36.36 -8.32 -5.69
C LYS C 46 36.25 -9.49 -6.69
N GLY C 47 35.71 -9.22 -7.88
CA GLY C 47 35.82 -10.12 -9.03
C GLY C 47 34.86 -11.30 -8.98
N ASN C 48 33.66 -11.09 -8.42
CA ASN C 48 32.65 -12.13 -8.30
C ASN C 48 31.26 -11.50 -8.24
N LYS C 49 30.92 -10.66 -9.23
CA LYS C 49 29.69 -9.89 -9.20
C LYS C 49 28.50 -10.80 -8.87
N ILE C 50 27.68 -10.35 -7.92
CA ILE C 50 26.46 -11.03 -7.55
C ILE C 50 25.30 -10.07 -7.82
N HIS C 51 24.28 -10.58 -8.53
CA HIS C 51 23.26 -9.75 -9.16
C HIS C 51 22.47 -8.99 -8.10
N ASP C 52 22.10 -9.70 -7.03
CA ASP C 52 21.16 -9.15 -6.08
C ASP C 52 21.83 -8.06 -5.24
N GLU C 53 23.17 -7.96 -5.30
CA GLU C 53 23.83 -6.94 -4.50
C GLU C 53 23.36 -5.57 -4.94
N HIS C 54 23.11 -5.44 -6.24
CA HIS C 54 22.68 -4.16 -6.78
C HIS C 54 21.42 -3.70 -6.09
N LEU C 55 20.46 -4.62 -5.90
CA LEU C 55 19.20 -4.30 -5.24
C LEU C 55 19.45 -3.79 -3.82
N PHE C 56 20.34 -4.49 -3.11
CA PHE C 56 20.63 -4.19 -1.74
C PHE C 56 21.16 -2.76 -1.64
N ILE C 57 21.96 -2.38 -2.62
CA ILE C 57 22.58 -1.06 -2.60
C ILE C 57 21.53 0.01 -2.83
N ILE C 58 20.75 -0.17 -3.89
CA ILE C 58 19.75 0.82 -4.29
C ILE C 58 18.75 0.99 -3.15
N THR C 59 18.29 -0.12 -2.59
CA THR C 59 17.28 -0.03 -1.53
C THR C 59 17.77 0.94 -0.46
N HIS C 60 18.98 0.70 0.05
CA HIS C 60 19.54 1.52 1.11
C HIS C 60 19.67 2.96 0.66
N GLN C 61 20.08 3.15 -0.59
CA GLN C 61 20.29 4.50 -1.09
C GLN C 61 18.97 5.26 -1.10
N ALA C 62 17.90 4.56 -1.44
CA ALA C 62 16.58 5.17 -1.45
C ALA C 62 16.16 5.54 -0.04
N TYR C 63 16.39 4.61 0.90
CA TYR C 63 16.10 4.86 2.29
C TYR C 63 16.80 6.15 2.72
N GLU C 64 18.07 6.27 2.35
CA GLU C 64 18.86 7.38 2.82
C GLU C 64 18.34 8.69 2.20
N LEU C 65 17.92 8.65 0.93
CA LEU C 65 17.36 9.84 0.33
C LEU C 65 16.17 10.30 1.15
N TRP C 66 15.31 9.37 1.51
CA TRP C 66 14.08 9.72 2.19
C TRP C 66 14.35 10.16 3.63
N PHE C 67 15.33 9.55 4.28
CA PHE C 67 15.74 10.01 5.59
C PHE C 67 16.16 11.48 5.50
N LYS C 68 16.88 11.81 4.43
CA LYS C 68 17.38 13.17 4.24
C LYS C 68 16.20 14.11 4.18
N GLN C 69 15.17 13.68 3.45
CA GLN C 69 13.99 14.51 3.27
C GLN C 69 13.29 14.65 4.60
N ILE C 70 13.20 13.56 5.36
CA ILE C 70 12.53 13.60 6.65
C ILE C 70 13.27 14.58 7.56
N LEU C 71 14.61 14.50 7.57
CA LEU C 71 15.39 15.41 8.38
C LEU C 71 15.11 16.85 7.99
N TRP C 72 14.95 17.06 6.67
CA TRP C 72 14.68 18.37 6.12
C TRP C 72 13.36 18.91 6.67
N GLU C 73 12.34 18.06 6.69
CA GLU C 73 11.03 18.46 7.16
C GLU C 73 11.12 18.71 8.67
N LEU C 74 11.72 17.75 9.36
CA LEU C 74 11.75 17.75 10.80
C LEU C 74 12.54 18.96 11.33
N ASP C 75 13.70 19.19 10.72
CA ASP C 75 14.54 20.31 11.10
C ASP C 75 13.78 21.62 10.86
N SER C 76 12.98 21.68 9.79
CA SER C 76 12.23 22.88 9.48
C SER C 76 11.20 23.15 10.57
N VAL C 77 10.59 22.07 11.09
CA VAL C 77 9.54 22.19 12.09
C VAL C 77 10.18 22.56 13.42
N ARG C 78 11.32 21.94 13.72
CA ARG C 78 12.05 22.31 14.91
C ARG C 78 12.35 23.80 14.92
N GLU C 79 12.75 24.35 13.77
CA GLU C 79 13.10 25.75 13.65
C GLU C 79 11.88 26.64 13.91
N ILE C 80 10.70 26.23 13.45
CA ILE C 80 9.49 27.02 13.59
C ILE C 80 9.14 27.17 15.08
N PHE C 81 9.42 26.11 15.84
CA PHE C 81 9.24 26.13 17.28
C PHE C 81 10.33 26.99 17.93
N GLN C 82 11.59 26.68 17.60
CA GLN C 82 12.72 27.26 18.29
C GLN C 82 12.77 28.76 18.06
N ASN C 83 12.31 29.25 16.90
CA ASN C 83 12.38 30.66 16.57
C ASN C 83 11.07 31.39 16.93
N GLY C 84 10.14 30.67 17.57
CA GLY C 84 8.95 31.28 18.12
C GLY C 84 7.88 31.57 17.06
N HIS C 85 8.02 31.01 15.86
CA HIS C 85 7.03 31.25 14.82
C HIS C 85 5.74 30.52 15.14
N VAL C 86 5.87 29.42 15.86
CA VAL C 86 4.71 28.63 16.22
C VAL C 86 3.78 29.45 17.14
N ARG C 87 4.31 30.51 17.74
CA ARG C 87 3.49 31.38 18.56
C ARG C 87 2.42 32.04 17.70
N ASP C 88 2.76 32.32 16.45
CA ASP C 88 1.78 32.82 15.50
C ASP C 88 1.05 31.62 14.91
N GLU C 89 -0.23 31.48 15.23
CA GLU C 89 -0.96 30.24 14.96
C GLU C 89 -1.26 30.05 13.48
N ARG C 90 -0.95 31.04 12.64
CA ARG C 90 -1.10 30.85 11.22
C ARG C 90 -0.12 29.79 10.73
N ASN C 91 0.92 29.54 11.53
CA ASN C 91 1.97 28.62 11.12
C ASN C 91 1.61 27.18 11.44
N MET C 92 0.46 26.95 12.08
CA MET C 92 0.11 25.60 12.50
C MET C 92 -0.21 24.72 11.29
N LEU C 93 -0.78 25.30 10.24
CA LEU C 93 -1.11 24.53 9.05
C LEU C 93 0.16 23.95 8.47
N LYS C 94 1.18 24.81 8.32
CA LYS C 94 2.47 24.41 7.80
C LYS C 94 3.10 23.30 8.66
N VAL C 95 2.99 23.45 9.99
CA VAL C 95 3.58 22.51 10.91
C VAL C 95 2.95 21.13 10.75
N VAL C 96 1.62 21.09 10.75
CA VAL C 96 0.91 19.84 10.65
C VAL C 96 1.11 19.20 9.27
N SER C 97 1.19 20.01 8.21
CA SER C 97 1.40 19.50 6.86
C SER C 97 2.71 18.76 6.76
N ARG C 98 3.75 19.36 7.35
CA ARG C 98 5.08 18.81 7.22
C ARG C 98 5.20 17.57 8.09
N MET C 99 4.58 17.59 9.27
CA MET C 99 4.61 16.40 10.12
C MET C 99 3.85 15.29 9.42
N HIS C 100 2.73 15.63 8.79
CA HIS C 100 1.95 14.63 8.08
C HIS C 100 2.77 14.08 6.92
N ARG C 101 3.51 14.96 6.28
CA ARG C 101 4.37 14.56 5.18
C ARG C 101 5.39 13.55 5.68
N VAL C 102 5.92 13.79 6.87
CA VAL C 102 6.87 12.84 7.43
C VAL C 102 6.21 11.48 7.56
N SER C 103 4.97 11.46 8.07
CA SER C 103 4.27 10.21 8.26
C SER C 103 4.08 9.50 6.94
N VAL C 104 3.80 10.27 5.89
CA VAL C 104 3.56 9.68 4.58
C VAL C 104 4.84 9.05 4.03
N ILE C 105 5.97 9.72 4.26
CA ILE C 105 7.23 9.17 3.79
C ILE C 105 7.49 7.87 4.55
N LEU C 106 7.26 7.89 5.86
CA LEU C 106 7.58 6.73 6.68
C LEU C 106 6.71 5.55 6.24
N LYS C 107 5.47 5.85 5.87
CA LYS C 107 4.55 4.81 5.45
C LYS C 107 5.14 4.11 4.24
N LEU C 108 5.79 4.90 3.38
CA LEU C 108 6.38 4.39 2.16
C LEU C 108 7.57 3.52 2.52
N LEU C 109 8.40 4.02 3.44
CA LEU C 109 9.63 3.34 3.81
C LEU C 109 9.31 1.98 4.41
N VAL C 110 8.17 1.88 5.06
CA VAL C 110 7.74 0.59 5.56
C VAL C 110 7.45 -0.31 4.37
N GLN C 111 6.72 0.20 3.37
CA GLN C 111 6.33 -0.63 2.26
C GLN C 111 7.57 -1.04 1.46
N GLN C 112 8.61 -0.21 1.51
CA GLN C 112 9.78 -0.41 0.69
C GLN C 112 10.50 -1.71 1.04
N PHE C 113 10.25 -2.23 2.24
CA PHE C 113 10.88 -3.49 2.62
C PHE C 113 10.41 -4.63 1.70
N SER C 114 9.20 -4.48 1.17
CA SER C 114 8.65 -5.50 0.30
C SER C 114 9.55 -5.71 -0.91
N ILE C 115 10.30 -4.67 -1.30
CA ILE C 115 11.16 -4.81 -2.46
C ILE C 115 12.31 -5.74 -2.11
N LEU C 116 12.85 -5.57 -0.91
CA LEU C 116 14.03 -6.32 -0.53
C LEU C 116 13.64 -7.73 -0.12
N GLU C 117 12.35 -7.95 0.15
CA GLU C 117 11.87 -9.28 0.45
C GLU C 117 11.87 -10.11 -0.83
N THR C 118 12.12 -9.50 -1.98
CA THR C 118 12.20 -10.25 -3.21
C THR C 118 13.55 -10.94 -3.32
N MET C 119 14.48 -10.62 -2.41
CA MET C 119 15.80 -11.24 -2.40
C MET C 119 15.77 -12.44 -1.46
N THR C 120 16.18 -13.63 -1.91
CA THR C 120 16.14 -14.77 -1.02
C THR C 120 17.32 -14.71 -0.07
N ALA C 121 17.21 -15.41 1.06
CA ALA C 121 18.33 -15.51 1.97
C ALA C 121 19.49 -16.19 1.27
N LEU C 122 19.17 -17.20 0.45
CA LEU C 122 20.19 -17.97 -0.26
C LEU C 122 21.02 -17.04 -1.13
N ASP C 123 20.36 -16.08 -1.77
CA ASP C 123 21.01 -15.21 -2.73
C ASP C 123 21.78 -14.14 -1.98
N PHE C 124 21.23 -13.69 -0.86
CA PHE C 124 21.88 -12.66 -0.07
C PHE C 124 23.17 -13.22 0.50
N ASN C 125 23.12 -14.51 0.86
CA ASN C 125 24.26 -15.25 1.38
C ASN C 125 25.43 -15.17 0.40
N ASP C 126 25.17 -14.89 -0.87
CA ASP C 126 26.23 -14.99 -1.86
C ASP C 126 27.03 -13.69 -1.94
N PHE C 127 26.69 -12.66 -1.16
CA PHE C 127 27.48 -11.45 -1.19
C PHE C 127 27.62 -10.83 0.19
N ARG C 128 27.05 -11.49 1.21
CA ARG C 128 27.05 -10.95 2.56
C ARG C 128 28.49 -10.76 3.02
N GLU C 129 29.38 -11.64 2.57
CA GLU C 129 30.77 -11.63 3.01
C GLU C 129 31.44 -10.32 2.62
N TYR C 130 31.10 -9.77 1.45
CA TYR C 130 31.76 -8.60 0.93
C TYR C 130 31.29 -7.34 1.64
N LEU C 131 30.41 -7.50 2.63
CA LEU C 131 29.85 -6.37 3.34
C LEU C 131 30.58 -6.15 4.67
N SER C 132 31.10 -7.22 5.28
CA SER C 132 31.79 -7.12 6.56
C SER C 132 32.81 -5.99 6.55
N PRO C 133 32.82 -5.13 7.60
CA PRO C 133 31.94 -5.27 8.75
C PRO C 133 30.80 -4.25 8.80
N ALA C 134 30.27 -3.88 7.63
CA ALA C 134 29.37 -2.74 7.50
C ALA C 134 27.96 -3.13 7.90
N SER C 135 27.16 -2.14 8.33
CA SER C 135 25.84 -2.41 8.89
C SER C 135 24.95 -1.18 8.80
N GLY C 136 23.64 -1.41 8.87
CA GLY C 136 22.66 -0.34 8.89
C GLY C 136 22.86 0.53 10.12
N PHE C 137 23.43 -0.09 11.15
CA PHE C 137 23.73 0.57 12.42
C PHE C 137 24.45 1.88 12.14
N GLN C 138 25.19 1.92 11.02
CA GLN C 138 26.09 3.03 10.74
C GLN C 138 25.36 4.10 9.95
N SER C 139 24.02 4.08 9.95
CA SER C 139 23.26 5.12 9.27
C SER C 139 23.25 6.37 10.14
N LEU C 140 24.09 7.33 9.77
CA LEU C 140 24.18 8.57 10.51
C LEU C 140 22.79 9.22 10.57
N GLN C 141 22.13 9.23 9.41
CA GLN C 141 20.87 9.91 9.29
C GLN C 141 19.82 9.23 10.18
N PHE C 142 19.81 7.90 10.20
CA PHE C 142 18.81 7.22 11.01
C PHE C 142 18.99 7.66 12.47
N ARG C 143 20.25 7.83 12.89
CA ARG C 143 20.53 8.20 14.27
C ARG C 143 20.13 9.66 14.49
N LEU C 144 20.47 10.51 13.53
CA LEU C 144 20.11 11.92 13.63
C LEU C 144 18.60 12.04 13.78
N LEU C 145 17.88 11.19 13.06
CA LEU C 145 16.43 11.20 13.08
C LEU C 145 15.93 10.78 14.45
N GLU C 146 16.46 9.67 14.98
CA GLU C 146 16.11 9.21 16.32
C GLU C 146 16.31 10.35 17.33
N ASN C 147 17.48 10.99 17.25
CA ASN C 147 17.88 11.99 18.22
C ASN C 147 16.99 13.22 18.11
N LYS C 148 16.73 13.67 16.87
CA LYS C 148 16.05 14.93 16.66
C LYS C 148 14.59 14.81 17.10
N ILE C 149 14.03 13.60 16.98
CA ILE C 149 12.68 13.37 17.44
C ILE C 149 12.69 13.42 18.98
N GLY C 150 13.64 12.72 19.59
CA GLY C 150 13.84 12.83 21.03
C GLY C 150 14.10 11.49 21.73
N VAL C 151 14.67 10.52 21.01
CA VAL C 151 15.10 9.27 21.63
C VAL C 151 16.25 9.59 22.58
N LEU C 152 16.16 9.18 23.85
CA LEU C 152 17.19 9.54 24.81
C LEU C 152 18.26 8.44 24.90
N GLN C 153 19.53 8.87 24.90
CA GLN C 153 20.65 7.94 24.85
C GLN C 153 20.64 7.02 26.08
N ASN C 154 20.37 7.57 27.26
CA ASN C 154 20.42 6.77 28.48
C ASN C 154 19.38 5.66 28.38
N MET C 155 18.30 5.86 27.61
CA MET C 155 17.24 4.87 27.52
C MET C 155 17.45 3.95 26.31
N ARG C 156 18.60 4.05 25.63
CA ARG C 156 18.84 3.24 24.46
C ARG C 156 19.46 1.90 24.85
N VAL C 157 18.90 0.82 24.31
CA VAL C 157 19.39 -0.52 24.55
C VAL C 157 20.78 -0.63 23.92
N PRO C 158 21.81 -1.06 24.69
CA PRO C 158 23.14 -1.26 24.13
C PRO C 158 23.17 -2.49 23.24
N TYR C 159 23.94 -2.44 22.16
CA TYR C 159 24.21 -3.61 21.35
C TYR C 159 25.66 -4.02 21.60
N ASN C 160 25.87 -5.28 21.98
CA ASN C 160 27.23 -5.78 22.19
C ASN C 160 27.88 -4.91 23.28
N ARG C 161 27.11 -4.61 24.33
CA ARG C 161 27.57 -3.80 25.45
C ARG C 161 28.30 -2.53 24.98
N ARG C 162 27.75 -1.81 23.99
CA ARG C 162 28.46 -0.69 23.37
C ARG C 162 27.50 0.46 23.10
N HIS C 163 28.08 1.68 23.02
CA HIS C 163 27.33 2.89 22.76
C HIS C 163 27.17 3.05 21.25
N TYR C 164 26.03 3.60 20.81
CA TYR C 164 25.74 3.66 19.39
C TYR C 164 26.78 4.57 18.71
N ARG C 165 27.15 5.65 19.40
CA ARG C 165 27.99 6.70 18.83
C ARG C 165 29.44 6.24 18.66
N ASP C 166 29.84 5.21 19.42
CA ASP C 166 31.20 4.68 19.41
C ASP C 166 31.61 4.27 17.99
N ASN C 167 30.60 3.97 17.16
CA ASN C 167 30.84 3.48 15.81
C ASN C 167 31.09 4.63 14.83
N PHE C 168 30.95 5.87 15.30
CA PHE C 168 31.03 7.04 14.44
C PHE C 168 32.22 7.87 14.87
N LYS C 169 32.90 8.50 13.89
CA LYS C 169 34.04 9.37 14.15
C LYS C 169 34.01 10.58 13.20
N GLY C 170 34.68 11.65 13.63
CA GLY C 170 34.86 12.84 12.81
C GLY C 170 33.65 13.76 12.90
N GLU C 171 33.41 14.50 11.81
CA GLU C 171 32.25 15.38 11.68
C GLU C 171 30.96 14.63 12.03
N GLU C 172 30.91 13.34 11.67
CA GLU C 172 29.77 12.50 11.99
C GLU C 172 29.54 12.49 13.50
N ASN C 173 30.57 12.18 14.28
CA ASN C 173 30.41 12.12 15.72
C ASN C 173 29.98 13.50 16.21
N GLU C 174 30.52 14.56 15.57
CA GLU C 174 30.20 15.93 15.92
C GLU C 174 28.71 16.18 15.72
N LEU C 175 28.22 15.85 14.52
CA LEU C 175 26.82 16.05 14.16
C LEU C 175 25.93 15.33 15.15
N LEU C 176 26.27 14.07 15.47
CA LEU C 176 25.47 13.25 16.36
C LEU C 176 25.35 13.92 17.73
N LEU C 177 26.45 14.55 18.17
CA LEU C 177 26.45 15.23 19.45
C LEU C 177 25.51 16.42 19.39
N LYS C 178 25.69 17.26 18.37
CA LYS C 178 24.83 18.42 18.17
C LYS C 178 23.37 17.97 18.22
N SER C 179 23.07 16.84 17.53
CA SER C 179 21.71 16.33 17.45
C SER C 179 21.20 15.96 18.83
N GLU C 180 22.10 15.50 19.71
CA GLU C 180 21.74 15.10 21.07
C GLU C 180 21.53 16.33 21.95
N GLN C 181 22.34 17.36 21.72
CA GLN C 181 22.42 18.51 22.60
C GLN C 181 21.38 19.58 22.24
N GLU C 182 21.23 19.87 20.94
CA GLU C 182 20.21 20.80 20.47
C GLU C 182 18.82 20.27 20.85
N LYS C 183 17.85 21.19 20.89
CA LYS C 183 16.52 20.84 21.38
C LYS C 183 15.85 19.88 20.41
N THR C 184 15.25 18.84 21.01
CA THR C 184 14.54 17.83 20.26
C THR C 184 13.12 18.32 19.97
N LEU C 185 12.43 17.60 19.08
CA LEU C 185 11.04 17.87 18.80
C LEU C 185 10.21 17.73 20.07
N LEU C 186 10.48 16.67 20.84
CA LEU C 186 9.79 16.45 22.10
C LEU C 186 9.93 17.68 23.01
N GLU C 187 11.16 18.18 23.15
CA GLU C 187 11.44 19.28 24.07
C GLU C 187 10.69 20.53 23.62
N LEU C 188 10.64 20.73 22.29
CA LEU C 188 10.09 21.94 21.72
C LEU C 188 8.57 21.91 21.79
N VAL C 189 8.00 20.71 21.58
CA VAL C 189 6.57 20.49 21.75
C VAL C 189 6.19 20.62 23.21
N GLU C 190 7.01 20.07 24.10
CA GLU C 190 6.78 20.19 25.53
C GLU C 190 6.63 21.67 25.89
N ALA C 191 7.59 22.48 25.43
CA ALA C 191 7.63 23.90 25.73
C ALA C 191 6.32 24.56 25.29
N TRP C 192 5.90 24.20 24.08
CA TRP C 192 4.71 24.76 23.47
C TRP C 192 3.46 24.30 24.21
N LEU C 193 3.44 23.02 24.61
CA LEU C 193 2.31 22.46 25.34
C LEU C 193 2.11 23.16 26.67
N GLU C 194 3.22 23.60 27.29
CA GLU C 194 3.19 24.25 28.60
C GLU C 194 2.43 25.58 28.50
N ARG C 195 2.46 26.18 27.30
CA ARG C 195 1.84 27.47 27.07
C ARG C 195 0.41 27.31 26.58
N THR C 196 -0.13 26.08 26.62
CA THR C 196 -1.50 25.86 26.17
C THR C 196 -2.46 26.74 26.97
N PRO C 197 -3.36 27.51 26.33
CA PRO C 197 -4.35 28.30 27.07
C PRO C 197 -5.36 27.43 27.82
N GLY C 198 -5.72 27.87 29.03
CA GLY C 198 -6.73 27.15 29.80
C GLY C 198 -6.17 26.62 31.13
N LEU C 199 -4.84 26.51 31.21
CA LEU C 199 -4.19 25.92 32.37
C LEU C 199 -4.05 26.96 33.46
N GLU C 200 -4.06 28.26 33.08
CA GLU C 200 -4.01 29.35 34.04
C GLU C 200 -4.99 29.05 35.17
N PRO C 201 -4.51 28.93 36.43
CA PRO C 201 -5.40 28.70 37.57
C PRO C 201 -6.40 29.85 37.73
N HIS C 202 -5.94 31.05 37.39
CA HIS C 202 -6.74 32.25 37.42
C HIS C 202 -7.70 32.30 36.22
N GLY C 203 -7.50 31.40 35.24
CA GLY C 203 -8.27 31.36 34.02
C GLY C 203 -9.30 30.25 34.10
N PHE C 204 -9.43 29.47 33.04
CA PHE C 204 -10.40 28.38 33.00
C PHE C 204 -10.13 27.40 34.16
N ASN C 205 -8.91 27.45 34.72
CA ASN C 205 -8.52 26.55 35.80
C ASN C 205 -8.96 25.11 35.45
N PHE C 206 -8.39 24.57 34.37
CA PHE C 206 -8.80 23.27 33.87
C PHE C 206 -8.50 22.20 34.91
N TRP C 207 -7.27 22.19 35.41
CA TRP C 207 -6.79 21.09 36.23
C TRP C 207 -7.67 20.96 37.46
N GLY C 208 -7.98 22.08 38.10
CA GLY C 208 -8.86 22.03 39.27
C GLY C 208 -10.25 21.54 38.87
N LYS C 209 -10.86 22.24 37.90
CA LYS C 209 -12.20 21.88 37.44
C LYS C 209 -12.26 20.37 37.17
N LEU C 210 -11.13 19.85 36.67
CA LEU C 210 -11.05 18.45 36.32
C LEU C 210 -11.03 17.58 37.57
N GLU C 211 -10.11 17.87 38.49
CA GLU C 211 -10.00 17.12 39.73
C GLU C 211 -11.35 17.10 40.43
N LYS C 212 -11.97 18.28 40.56
CA LYS C 212 -13.27 18.40 41.19
C LYS C 212 -14.27 17.49 40.49
N ASN C 213 -14.42 17.65 39.17
CA ASN C 213 -15.48 16.94 38.46
C ASN C 213 -15.25 15.43 38.57
N ILE C 214 -13.98 15.02 38.52
CA ILE C 214 -13.67 13.59 38.60
C ILE C 214 -13.98 13.08 40.00
N THR C 215 -13.48 13.79 41.02
CA THR C 215 -13.69 13.37 42.39
C THR C 215 -15.19 13.21 42.63
N ARG C 216 -15.95 14.24 42.23
CA ARG C 216 -17.39 14.25 42.40
C ARG C 216 -18.01 13.03 41.71
N GLY C 217 -17.68 12.85 40.43
CA GLY C 217 -18.32 11.80 39.65
C GLY C 217 -18.01 10.41 40.23
N LEU C 218 -16.76 10.24 40.69
CA LEU C 218 -16.35 8.95 41.24
C LEU C 218 -17.17 8.65 42.49
N GLU C 219 -17.30 9.65 43.37
CA GLU C 219 -18.10 9.53 44.58
C GLU C 219 -19.49 9.02 44.21
N GLU C 220 -20.12 9.69 43.25
CA GLU C 220 -21.46 9.35 42.81
C GLU C 220 -21.53 7.89 42.37
N GLU C 221 -20.49 7.42 41.68
CA GLU C 221 -20.42 6.06 41.20
C GLU C 221 -20.41 5.09 42.40
N PHE C 222 -19.64 5.44 43.43
CA PHE C 222 -19.56 4.60 44.61
C PHE C 222 -20.93 4.46 45.25
N ILE C 223 -21.66 5.58 45.31
CA ILE C 223 -23.02 5.59 45.81
C ILE C 223 -23.82 4.49 45.12
N ARG C 224 -23.74 4.44 43.78
CA ARG C 224 -24.34 3.36 43.03
C ARG C 224 -23.84 2.01 43.58
N GLU C 233 -20.72 -9.83 41.20
CA GLU C 233 -20.79 -8.86 40.07
C GLU C 233 -20.57 -7.46 40.63
N LYS C 234 -21.47 -7.05 41.54
CA LYS C 234 -21.35 -5.77 42.22
C LYS C 234 -19.94 -5.62 42.78
N GLU C 235 -19.45 -6.69 43.41
CA GLU C 235 -18.10 -6.72 43.94
C GLU C 235 -17.10 -6.40 42.83
N GLU C 236 -17.18 -7.15 41.73
CA GLU C 236 -16.28 -6.95 40.61
C GLU C 236 -16.36 -5.51 40.12
N GLN C 237 -17.58 -4.98 40.03
CA GLN C 237 -17.77 -3.60 39.61
C GLN C 237 -17.07 -2.66 40.59
N VAL C 238 -17.30 -2.87 41.88
CA VAL C 238 -16.61 -2.12 42.92
C VAL C 238 -15.10 -2.32 42.80
N ALA C 239 -14.65 -3.55 42.57
CA ALA C 239 -13.24 -3.83 42.35
C ALA C 239 -12.71 -3.03 41.16
N GLU C 240 -13.46 -3.06 40.05
CA GLU C 240 -13.12 -2.26 38.89
C GLU C 240 -13.11 -0.78 39.26
N PHE C 241 -14.10 -0.31 39.99
CA PHE C 241 -14.19 1.10 40.36
C PHE C 241 -12.93 1.51 41.12
N GLN C 242 -12.48 0.65 42.03
CA GLN C 242 -11.28 0.95 42.81
C GLN C 242 -10.11 1.14 41.84
N LYS C 243 -9.95 0.21 40.89
CA LYS C 243 -8.91 0.26 39.89
C LYS C 243 -8.99 1.57 39.10
N GLN C 244 -10.19 1.88 38.60
CA GLN C 244 -10.46 3.10 37.86
C GLN C 244 -10.04 4.32 38.67
N LYS C 245 -10.58 4.41 39.89
CA LYS C 245 -10.37 5.53 40.78
C LYS C 245 -8.87 5.74 40.95
N GLU C 246 -8.13 4.64 41.14
CA GLU C 246 -6.68 4.69 41.33
C GLU C 246 -6.03 5.45 40.17
N VAL C 247 -6.34 4.97 38.96
CA VAL C 247 -5.75 5.51 37.76
C VAL C 247 -6.09 6.99 37.65
N LEU C 248 -7.38 7.28 37.70
CA LEU C 248 -7.85 8.64 37.44
C LEU C 248 -7.19 9.61 38.42
N LEU C 249 -7.07 9.21 39.69
CA LEU C 249 -6.56 10.11 40.69
C LEU C 249 -5.03 10.23 40.58
N SER C 250 -4.38 9.16 40.11
CA SER C 250 -2.94 9.17 39.88
C SER C 250 -2.54 10.33 38.97
N LEU C 251 -3.51 10.81 38.18
CA LEU C 251 -3.27 11.90 37.25
C LEU C 251 -2.86 13.17 38.00
N PHE C 252 -3.32 13.30 39.25
CA PHE C 252 -3.08 14.53 39.99
C PHE C 252 -1.90 14.37 40.94
N ASP C 253 -1.14 13.27 40.84
CA ASP C 253 0.03 13.08 41.68
C ASP C 253 1.26 13.63 40.96
N GLU C 254 1.56 14.91 41.17
CA GLU C 254 2.63 15.59 40.48
C GLU C 254 3.97 14.93 40.80
N LYS C 255 4.08 14.41 42.03
CA LYS C 255 5.33 13.87 42.52
C LYS C 255 5.57 12.51 41.86
N ARG C 256 4.50 11.72 41.73
CA ARG C 256 4.61 10.45 41.04
C ARG C 256 5.15 10.69 39.65
N HIS C 257 4.62 11.73 39.01
CA HIS C 257 4.99 12.08 37.64
C HIS C 257 6.47 12.45 37.60
N GLU C 258 6.89 13.36 38.50
CA GLU C 258 8.25 13.84 38.51
C GLU C 258 9.20 12.66 38.70
N HIS C 259 8.73 11.66 39.47
CA HIS C 259 9.51 10.46 39.73
C HIS C 259 9.62 9.63 38.47
N LEU C 260 8.47 9.39 37.83
CA LEU C 260 8.41 8.60 36.61
C LEU C 260 9.18 9.30 35.50
N LEU C 261 9.24 10.64 35.58
CA LEU C 261 9.98 11.45 34.62
C LEU C 261 11.47 11.14 34.75
N SER C 262 11.98 11.17 35.98
CA SER C 262 13.39 10.94 36.23
C SER C 262 13.78 9.53 35.82
N LYS C 263 12.84 8.58 35.91
CA LYS C 263 13.12 7.21 35.51
C LYS C 263 13.17 7.09 34.00
N GLY C 264 12.47 8.00 33.32
CA GLY C 264 12.36 7.93 31.88
C GLY C 264 11.16 7.09 31.42
N GLU C 265 10.22 6.80 32.33
CA GLU C 265 9.01 6.07 31.98
C GLU C 265 7.98 7.06 31.43
N ARG C 266 8.14 8.35 31.74
CA ARG C 266 7.43 9.43 31.07
C ARG C 266 8.46 10.42 30.55
N ARG C 267 8.02 11.32 29.66
CA ARG C 267 8.94 12.24 29.02
C ARG C 267 8.53 13.69 29.17
N LEU C 268 7.21 13.96 29.21
CA LEU C 268 6.71 15.32 29.21
C LEU C 268 6.60 15.84 30.64
N SER C 269 6.90 17.13 30.81
CA SER C 269 6.64 17.84 32.04
C SER C 269 5.18 17.66 32.45
N TYR C 270 4.92 17.83 33.74
CA TYR C 270 3.57 17.69 34.28
C TYR C 270 2.67 18.71 33.61
N ARG C 271 3.22 19.92 33.37
CA ARG C 271 2.42 20.99 32.81
C ARG C 271 2.12 20.69 31.35
N ALA C 272 3.10 20.15 30.61
CA ALA C 272 2.90 19.81 29.21
C ALA C 272 1.79 18.76 29.10
N LEU C 273 1.76 17.85 30.08
CA LEU C 273 0.75 16.79 30.11
C LEU C 273 -0.64 17.41 30.24
N GLN C 274 -0.74 18.47 31.04
CA GLN C 274 -2.00 19.16 31.26
C GLN C 274 -2.43 19.83 29.95
N GLY C 275 -1.47 20.48 29.28
CA GLY C 275 -1.74 21.12 28.00
C GLY C 275 -2.28 20.12 26.98
N ALA C 276 -1.67 18.93 26.93
CA ALA C 276 -2.03 17.90 25.97
C ALA C 276 -3.45 17.42 26.24
N LEU C 277 -3.78 17.22 27.51
CA LEU C 277 -5.09 16.70 27.87
C LEU C 277 -6.14 17.77 27.62
N MET C 278 -5.75 19.03 27.85
CA MET C 278 -6.59 20.17 27.51
C MET C 278 -7.02 20.03 26.05
N ILE C 279 -6.04 19.79 25.19
CA ILE C 279 -6.25 19.78 23.75
C ILE C 279 -7.10 18.58 23.39
N TYR C 280 -6.86 17.44 24.05
CA TYR C 280 -7.64 16.24 23.80
C TYR C 280 -9.11 16.52 24.02
N PHE C 281 -9.41 17.09 25.19
CA PHE C 281 -10.77 17.19 25.67
C PHE C 281 -11.52 18.29 24.91
N TYR C 282 -10.81 19.35 24.55
CA TYR C 282 -11.44 20.49 23.89
C TYR C 282 -11.05 20.59 22.42
N ARG C 283 -10.81 19.45 21.76
CA ARG C 283 -10.21 19.41 20.45
C ARG C 283 -11.10 20.06 19.40
N GLU C 284 -12.42 20.02 19.62
CA GLU C 284 -13.37 20.58 18.67
C GLU C 284 -13.32 22.11 18.68
N GLU C 285 -12.89 22.71 19.79
CA GLU C 285 -12.77 24.15 19.85
C GLU C 285 -11.80 24.63 18.77
N PRO C 286 -12.16 25.64 17.97
CA PRO C 286 -11.37 26.03 16.80
C PRO C 286 -9.87 26.14 17.02
N ARG C 287 -9.46 26.71 18.16
CA ARG C 287 -8.06 27.00 18.39
C ARG C 287 -7.28 25.71 18.62
N PHE C 288 -8.00 24.65 18.97
CA PHE C 288 -7.41 23.36 19.31
C PHE C 288 -7.55 22.33 18.19
N GLN C 289 -8.24 22.67 17.10
CA GLN C 289 -8.50 21.72 16.03
C GLN C 289 -7.18 21.26 15.40
N VAL C 290 -6.34 22.20 14.97
CA VAL C 290 -5.11 21.81 14.31
C VAL C 290 -4.10 21.31 15.34
N PRO C 291 -3.98 21.91 16.54
CA PRO C 291 -3.15 21.34 17.60
C PRO C 291 -3.42 19.88 17.91
N PHE C 292 -4.70 19.49 17.89
CA PHE C 292 -5.07 18.10 18.12
C PHE C 292 -4.56 17.24 16.97
N GLN C 293 -4.64 17.77 15.75
CA GLN C 293 -4.12 17.08 14.59
C GLN C 293 -2.63 16.82 14.76
N LEU C 294 -1.91 17.83 15.29
CA LEU C 294 -0.48 17.72 15.49
C LEU C 294 -0.19 16.58 16.46
N LEU C 295 -0.96 16.49 17.53
CA LEU C 295 -0.74 15.46 18.54
C LEU C 295 -0.92 14.09 17.93
N THR C 296 -1.95 13.97 17.10
CA THR C 296 -2.25 12.72 16.43
C THR C 296 -1.07 12.33 15.55
N SER C 297 -0.50 13.32 14.87
CA SER C 297 0.57 13.04 13.92
C SER C 297 1.85 12.66 14.66
N LEU C 298 2.07 13.23 15.85
CA LEU C 298 3.26 12.88 16.62
C LEU C 298 3.18 11.42 17.05
N MET C 299 2.00 10.99 17.46
CA MET C 299 1.78 9.58 17.79
C MET C 299 1.95 8.70 16.54
N ASP C 300 1.51 9.20 15.37
CA ASP C 300 1.62 8.45 14.13
C ASP C 300 3.09 8.24 13.78
N ILE C 301 3.92 9.26 14.03
CA ILE C 301 5.33 9.15 13.71
C ILE C 301 5.98 8.11 14.60
N ASP C 302 5.65 8.11 15.89
CA ASP C 302 6.13 7.08 16.81
C ASP C 302 5.74 5.69 16.29
N SER C 303 4.48 5.55 15.91
CA SER C 303 3.96 4.26 15.45
C SER C 303 4.73 3.79 14.23
N LEU C 304 4.94 4.68 13.27
CA LEU C 304 5.50 4.32 11.99
C LEU C 304 6.98 4.02 12.15
N MET C 305 7.65 4.77 13.03
CA MET C 305 9.05 4.50 13.31
C MET C 305 9.18 3.11 13.90
N THR C 306 8.25 2.74 14.78
CA THR C 306 8.33 1.43 15.38
C THR C 306 8.03 0.36 14.33
N LYS C 307 7.10 0.66 13.42
CA LYS C 307 6.75 -0.28 12.38
C LYS C 307 7.93 -0.50 11.46
N TRP C 308 8.73 0.55 11.26
CA TRP C 308 9.94 0.41 10.46
C TRP C 308 10.88 -0.57 11.15
N ARG C 309 11.03 -0.39 12.46
CA ARG C 309 11.93 -1.22 13.25
C ARG C 309 11.48 -2.69 13.17
N TYR C 310 10.16 -2.92 13.26
CA TYR C 310 9.61 -4.26 13.29
C TYR C 310 9.82 -4.92 11.94
N ASN C 311 9.57 -4.18 10.86
CA ASN C 311 9.65 -4.76 9.53
C ASN C 311 11.12 -5.05 9.25
N HIS C 312 12.03 -4.26 9.81
CA HIS C 312 13.45 -4.52 9.65
C HIS C 312 13.80 -5.85 10.32
N VAL C 313 13.32 -6.02 11.56
CA VAL C 313 13.54 -7.24 12.31
C VAL C 313 13.01 -8.45 11.54
N CYS C 314 11.72 -8.39 11.15
CA CYS C 314 11.05 -9.50 10.51
C CYS C 314 11.86 -9.96 9.29
N MET C 315 12.77 -9.10 8.80
CA MET C 315 13.54 -9.42 7.61
C MET C 315 14.89 -10.01 7.99
N VAL C 316 15.63 -9.30 8.85
CA VAL C 316 16.91 -9.80 9.33
C VAL C 316 16.75 -11.26 9.78
N HIS C 317 15.58 -11.61 10.33
CA HIS C 317 15.28 -12.98 10.72
C HIS C 317 15.30 -13.90 9.52
N ARG C 318 14.60 -13.51 8.45
CA ARG C 318 14.48 -14.40 7.29
C ARG C 318 15.84 -14.48 6.61
N MET C 319 16.69 -13.46 6.78
CA MET C 319 17.95 -13.40 6.08
C MET C 319 19.11 -14.05 6.86
N LEU C 320 19.26 -13.71 8.15
CA LEU C 320 20.41 -14.17 8.93
C LEU C 320 20.03 -15.30 9.89
N GLY C 321 18.73 -15.51 10.12
CA GLY C 321 18.26 -16.45 11.15
C GLY C 321 18.54 -15.98 12.58
N SER C 322 19.27 -16.82 13.35
CA SER C 322 19.88 -16.44 14.62
C SER C 322 21.21 -17.18 14.80
N SER C 330 20.81 -12.69 18.16
CA SER C 330 21.36 -11.53 18.89
C SER C 330 20.93 -10.24 18.20
N GLY C 331 21.27 -10.09 16.91
CA GLY C 331 20.78 -8.97 16.13
C GLY C 331 19.25 -8.93 16.17
N TYR C 332 18.66 -10.05 15.76
CA TYR C 332 17.21 -10.25 15.79
C TYR C 332 16.66 -9.84 17.16
N HIS C 333 17.30 -10.30 18.25
CA HIS C 333 16.77 -10.06 19.59
C HIS C 333 17.04 -8.63 20.04
N TYR C 334 18.23 -8.10 19.69
CA TYR C 334 18.54 -6.69 19.96
C TYR C 334 17.48 -5.85 19.28
N LEU C 335 17.21 -6.20 18.02
CA LEU C 335 16.25 -5.46 17.22
C LEU C 335 14.86 -5.65 17.84
N ARG C 336 14.54 -6.86 18.30
CA ARG C 336 13.24 -7.07 18.94
C ARG C 336 13.13 -6.17 20.16
N SER C 337 14.26 -5.76 20.74
CA SER C 337 14.28 -4.91 21.91
C SER C 337 14.06 -3.44 21.53
N THR C 338 14.23 -3.10 20.26
CA THR C 338 14.01 -1.74 19.79
C THR C 338 12.51 -1.50 19.59
N VAL C 339 11.71 -2.57 19.57
CA VAL C 339 10.26 -2.45 19.50
C VAL C 339 9.68 -2.19 20.90
N SER C 340 10.52 -1.79 21.85
CA SER C 340 10.08 -1.45 23.19
C SER C 340 9.60 0.01 23.22
N ASP C 341 8.80 0.32 24.23
CA ASP C 341 8.29 1.67 24.44
C ASP C 341 9.42 2.58 24.93
N ARG C 342 10.61 2.03 25.15
CA ARG C 342 11.78 2.84 25.48
C ARG C 342 12.13 3.74 24.30
N TYR C 343 11.60 3.41 23.11
CA TYR C 343 11.89 4.14 21.89
C TYR C 343 10.72 5.03 21.49
N LYS C 344 9.60 4.95 22.23
CA LYS C 344 8.42 5.77 21.96
C LYS C 344 8.56 7.14 22.64
N VAL C 345 8.93 8.16 21.86
CA VAL C 345 9.17 9.49 22.41
C VAL C 345 7.88 10.11 22.94
N PHE C 346 6.77 9.97 22.21
CA PHE C 346 5.53 10.62 22.61
C PHE C 346 4.61 9.63 23.32
N VAL C 347 5.19 8.77 24.15
CA VAL C 347 4.44 7.71 24.80
C VAL C 347 3.37 8.32 25.70
N ASP C 348 3.65 9.52 26.22
CA ASP C 348 2.71 10.24 27.06
C ASP C 348 1.39 10.47 26.32
N LEU C 349 1.46 10.76 25.02
CA LEU C 349 0.29 11.08 24.23
C LEU C 349 -0.55 9.83 24.04
N PHE C 350 0.12 8.68 23.83
CA PHE C 350 -0.59 7.43 23.72
C PHE C 350 -1.34 7.13 25.00
N ASN C 351 -0.72 7.46 26.15
CA ASN C 351 -1.21 6.95 27.41
C ASN C 351 -2.30 7.84 27.98
N LEU C 352 -2.59 8.97 27.35
CA LEU C 352 -3.71 9.79 27.76
C LEU C 352 -5.05 9.06 27.55
N SER C 353 -5.08 8.03 26.69
CA SER C 353 -6.27 7.19 26.55
C SER C 353 -6.60 6.48 27.86
N THR C 354 -5.59 6.22 28.68
CA THR C 354 -5.79 5.55 29.96
C THR C 354 -6.65 6.43 30.88
N TYR C 355 -6.49 7.75 30.77
CA TYR C 355 -7.14 8.69 31.69
C TYR C 355 -8.37 9.30 31.02
N LEU C 356 -9.30 8.43 30.60
CA LEU C 356 -10.50 8.87 29.90
C LEU C 356 -11.69 8.84 30.86
N ILE C 357 -12.44 9.94 30.86
CA ILE C 357 -13.60 10.12 31.71
C ILE C 357 -14.85 10.21 30.83
N PRO C 358 -16.06 10.01 31.38
CA PRO C 358 -17.29 10.34 30.65
C PRO C 358 -17.24 11.80 30.20
N ARG C 359 -17.82 12.08 29.04
CA ARG C 359 -17.86 13.43 28.48
C ARG C 359 -18.51 14.40 29.46
N HIS C 360 -19.54 13.95 30.18
CA HIS C 360 -20.31 14.84 31.03
C HIS C 360 -19.48 15.30 32.23
N TRP C 361 -18.38 14.59 32.51
CA TRP C 361 -17.46 14.99 33.58
C TRP C 361 -16.54 16.12 33.10
N ILE C 362 -16.49 16.37 31.79
CA ILE C 362 -15.49 17.28 31.27
C ILE C 362 -15.93 18.70 31.55
N PRO C 363 -15.09 19.52 32.23
CA PRO C 363 -15.43 20.91 32.54
C PRO C 363 -16.04 21.62 31.34
N LYS C 364 -17.20 22.25 31.52
CA LYS C 364 -17.96 22.81 30.41
C LYS C 364 -17.25 24.06 29.90
N MET C 365 -17.21 24.19 28.58
CA MET C 365 -16.64 25.35 27.92
C MET C 365 -17.77 26.17 27.32
N ASN C 366 -18.53 26.91 28.15
CA ASN C 366 -19.54 27.83 27.62
C ASN C 366 -18.84 28.93 26.83
N PRO C 367 -19.47 29.48 25.76
CA PRO C 367 -18.80 30.45 24.89
C PRO C 367 -18.08 31.56 25.64
N THR C 368 -18.69 32.04 26.74
CA THR C 368 -18.08 33.07 27.59
C THR C 368 -16.65 32.68 27.94
N ILE C 369 -16.44 31.46 28.44
CA ILE C 369 -15.12 30.98 28.84
C ILE C 369 -14.42 30.26 27.69
N HIS C 370 -15.10 30.11 26.54
CA HIS C 370 -14.52 29.56 25.31
C HIS C 370 -13.87 30.68 24.50
N LYS C 371 -14.15 31.94 24.85
CA LYS C 371 -13.78 33.09 24.03
C LYS C 371 -12.29 33.08 23.65
N PHE C 372 -11.42 32.65 24.57
CA PHE C 372 -10.01 32.34 24.32
C PHE C 372 -9.25 33.51 23.70
N GLY D 23 37.83 -1.41 8.16
CA GLY D 23 37.06 -2.21 7.19
C GLY D 23 36.23 -1.31 6.29
N LEU D 24 35.20 -1.89 5.66
CA LEU D 24 34.21 -1.16 4.87
C LEU D 24 33.19 -0.44 5.75
N ILE D 25 32.86 0.80 5.39
CA ILE D 25 31.87 1.57 6.15
C ILE D 25 30.64 1.77 5.27
N TYR D 26 29.46 1.64 5.89
CA TYR D 26 28.16 1.79 5.26
C TYR D 26 28.15 2.98 4.28
N GLY D 27 28.39 4.19 4.79
CA GLY D 27 28.29 5.39 3.95
C GLY D 27 29.15 5.31 2.70
N ASN D 28 30.31 4.62 2.81
CA ASN D 28 31.25 4.52 1.70
C ASN D 28 30.78 3.43 0.74
N TYR D 29 30.33 2.29 1.29
CA TYR D 29 29.80 1.22 0.49
C TYR D 29 28.68 1.73 -0.41
N LEU D 30 27.86 2.65 0.14
CA LEU D 30 26.73 3.20 -0.57
C LEU D 30 27.06 4.53 -1.25
N HIS D 31 28.32 4.96 -1.23
CA HIS D 31 28.71 6.16 -1.93
C HIS D 31 27.75 7.29 -1.62
N LEU D 32 27.47 7.48 -0.32
CA LEU D 32 26.55 8.51 0.11
C LEU D 32 27.17 9.89 -0.04
N GLU D 33 28.50 9.93 -0.22
CA GLU D 33 29.18 11.18 -0.49
C GLU D 33 28.61 11.78 -1.78
N LYS D 34 28.12 10.91 -2.65
CA LYS D 34 27.48 11.34 -3.88
C LYS D 34 25.98 11.54 -3.66
N VAL D 35 25.34 10.50 -3.13
CA VAL D 35 23.90 10.42 -3.11
C VAL D 35 23.34 11.57 -2.27
N LEU D 36 24.00 11.87 -1.14
CA LEU D 36 23.46 12.82 -0.20
C LEU D 36 24.15 14.18 -0.34
N ASN D 37 24.85 14.37 -1.46
CA ASN D 37 25.31 15.69 -1.87
C ASN D 37 24.89 15.94 -3.31
N ALA D 38 23.62 15.66 -3.61
CA ALA D 38 23.09 15.84 -4.96
C ALA D 38 21.84 16.71 -4.93
N GLN D 39 21.63 17.37 -3.80
CA GLN D 39 20.42 18.15 -3.63
C GLN D 39 20.76 19.63 -3.69
N GLU D 40 20.45 20.28 -4.83
CA GLU D 40 20.71 21.69 -5.01
C GLU D 40 19.40 22.38 -5.36
N LEU D 41 18.82 23.08 -4.39
CA LEU D 41 17.58 23.82 -4.63
C LEU D 41 17.87 24.98 -5.56
N GLN D 42 17.24 24.99 -6.73
CA GLN D 42 17.43 26.09 -7.66
C GLN D 42 16.87 27.38 -7.08
N SER D 43 15.76 27.27 -6.35
CA SER D 43 15.19 28.42 -5.69
C SER D 43 16.22 29.06 -4.76
N GLU D 44 17.02 28.21 -4.10
CA GLU D 44 18.06 28.65 -3.18
C GLU D 44 19.26 29.21 -3.96
N THR D 45 19.62 28.54 -5.05
CA THR D 45 20.73 28.98 -5.89
C THR D 45 20.47 30.38 -6.43
N LYS D 46 19.19 30.74 -6.62
CA LYS D 46 18.80 32.03 -7.16
C LYS D 46 18.30 32.95 -6.05
N GLY D 47 18.59 32.59 -4.79
CA GLY D 47 18.48 33.50 -3.66
C GLY D 47 17.05 33.65 -3.13
N ASN D 48 16.24 32.59 -3.23
CA ASN D 48 14.86 32.61 -2.78
C ASN D 48 14.40 31.20 -2.42
N LYS D 49 15.13 30.56 -1.52
CA LYS D 49 14.91 29.16 -1.17
C LYS D 49 13.43 28.91 -0.88
N ILE D 50 12.90 27.86 -1.50
CA ILE D 50 11.54 27.41 -1.25
C ILE D 50 11.62 26.00 -0.68
N HIS D 51 10.93 25.78 0.45
CA HIS D 51 11.11 24.58 1.26
C HIS D 51 10.75 23.32 0.47
N ASP D 52 9.60 23.36 -0.23
CA ASP D 52 9.07 22.15 -0.84
C ASP D 52 9.90 21.76 -2.06
N GLU D 53 10.80 22.61 -2.53
CA GLU D 53 11.61 22.22 -3.68
C GLU D 53 12.43 21.00 -3.32
N HIS D 54 12.87 20.94 -2.06
CA HIS D 54 13.69 19.83 -1.61
C HIS D 54 12.96 18.52 -1.86
N LEU D 55 11.67 18.48 -1.51
CA LEU D 55 10.86 17.29 -1.70
C LEU D 55 10.83 16.88 -3.16
N PHE D 56 10.63 17.86 -4.04
CA PHE D 56 10.49 17.64 -5.45
C PHE D 56 11.76 16.97 -5.96
N ILE D 57 12.90 17.40 -5.42
CA ILE D 57 14.18 16.90 -5.89
C ILE D 57 14.35 15.44 -5.46
N ILE D 58 14.13 15.20 -4.18
CA ILE D 58 14.34 13.88 -3.60
C ILE D 58 13.41 12.87 -4.29
N THR D 59 12.14 13.25 -4.46
CA THR D 59 11.19 12.33 -5.05
C THR D 59 11.75 11.81 -6.35
N HIS D 60 12.15 12.73 -7.24
CA HIS D 60 12.65 12.37 -8.55
C HIS D 60 13.89 11.51 -8.41
N GLN D 61 14.76 11.85 -7.46
CA GLN D 61 16.00 11.13 -7.32
C GLN D 61 15.72 9.67 -6.93
N ALA D 62 14.69 9.48 -6.10
CA ALA D 62 14.31 8.14 -5.70
C ALA D 62 13.75 7.38 -6.90
N TYR D 63 12.88 8.04 -7.68
CA TYR D 63 12.35 7.46 -8.90
C TYR D 63 13.51 6.97 -9.76
N GLU D 64 14.52 7.82 -9.90
CA GLU D 64 15.59 7.50 -10.82
C GLU D 64 16.40 6.31 -10.31
N LEU D 65 16.58 6.24 -8.98
CA LEU D 65 17.30 5.11 -8.39
C LEU D 65 16.57 3.83 -8.78
N TRP D 66 15.24 3.85 -8.64
CA TRP D 66 14.46 2.66 -8.85
C TRP D 66 14.37 2.30 -10.33
N PHE D 67 14.32 3.32 -11.20
CA PHE D 67 14.38 3.05 -12.63
C PHE D 67 15.68 2.32 -12.95
N LYS D 68 16.78 2.75 -12.30
CA LYS D 68 18.07 2.17 -12.56
C LYS D 68 18.02 0.69 -12.18
N GLN D 69 17.35 0.40 -11.06
CA GLN D 69 17.26 -0.96 -10.56
C GLN D 69 16.41 -1.76 -11.54
N ILE D 70 15.33 -1.16 -12.03
CA ILE D 70 14.46 -1.86 -12.95
C ILE D 70 15.24 -2.20 -14.21
N LEU D 71 16.02 -1.24 -14.72
CA LEU D 71 16.80 -1.49 -15.91
C LEU D 71 17.77 -2.64 -15.67
N TRP D 72 18.31 -2.67 -14.44
CA TRP D 72 19.26 -3.68 -14.04
C TRP D 72 18.62 -5.07 -14.12
N GLU D 73 17.39 -5.16 -13.61
CA GLU D 73 16.69 -6.43 -13.61
C GLU D 73 16.36 -6.79 -15.06
N LEU D 74 15.80 -5.82 -15.76
CA LEU D 74 15.28 -6.04 -17.09
C LEU D 74 16.39 -6.43 -18.06
N ASP D 75 17.50 -5.71 -17.99
CA ASP D 75 18.64 -6.01 -18.83
C ASP D 75 19.17 -7.42 -18.53
N SER D 76 19.12 -7.81 -17.26
CA SER D 76 19.60 -9.13 -16.88
C SER D 76 18.74 -10.22 -17.52
N VAL D 77 17.44 -9.96 -17.59
CA VAL D 77 16.49 -10.93 -18.11
C VAL D 77 16.62 -10.97 -19.62
N ARG D 78 16.78 -9.79 -20.23
CA ARG D 78 17.01 -9.75 -21.66
C ARG D 78 18.23 -10.60 -22.02
N GLU D 79 19.30 -10.53 -21.23
CA GLU D 79 20.52 -11.25 -21.52
C GLU D 79 20.30 -12.76 -21.43
N ILE D 80 19.49 -13.21 -20.47
CA ILE D 80 19.23 -14.62 -20.27
C ILE D 80 18.53 -15.21 -21.48
N PHE D 81 17.67 -14.38 -22.10
CA PHE D 81 16.97 -14.75 -23.31
C PHE D 81 17.93 -14.71 -24.48
N GLN D 82 18.63 -13.58 -24.63
CA GLN D 82 19.43 -13.33 -25.81
C GLN D 82 20.56 -14.34 -25.93
N ASN D 83 21.07 -14.83 -24.79
CA ASN D 83 22.19 -15.74 -24.79
C ASN D 83 21.72 -17.20 -24.73
N GLY D 84 20.40 -17.43 -24.81
CA GLY D 84 19.83 -18.75 -24.91
C GLY D 84 19.87 -19.51 -23.58
N HIS D 85 20.09 -18.83 -22.45
CA HIS D 85 20.10 -19.52 -21.16
C HIS D 85 18.70 -19.95 -20.80
N VAL D 86 17.71 -19.19 -21.27
CA VAL D 86 16.33 -19.49 -20.99
C VAL D 86 15.94 -20.85 -21.58
N ARG D 87 16.73 -21.35 -22.54
CA ARG D 87 16.48 -22.67 -23.09
C ARG D 87 16.61 -23.72 -21.98
N ASP D 88 17.52 -23.48 -21.04
CA ASP D 88 17.67 -24.34 -19.89
C ASP D 88 16.67 -23.89 -18.84
N GLU D 89 15.69 -24.75 -18.57
CA GLU D 89 14.50 -24.38 -17.80
C GLU D 89 14.80 -24.14 -16.32
N ARG D 90 16.03 -24.44 -15.87
CA ARG D 90 16.39 -24.14 -14.50
C ARG D 90 16.43 -22.64 -14.31
N ASN D 91 16.51 -21.89 -15.41
CA ASN D 91 16.65 -20.45 -15.34
C ASN D 91 15.30 -19.76 -15.17
N MET D 92 14.20 -20.54 -15.20
CA MET D 92 12.89 -19.93 -15.24
C MET D 92 12.57 -19.26 -13.90
N LEU D 93 13.01 -19.87 -12.81
CA LEU D 93 12.72 -19.32 -11.50
C LEU D 93 13.33 -17.94 -11.40
N LYS D 94 14.60 -17.83 -11.80
CA LYS D 94 15.32 -16.57 -11.77
C LYS D 94 14.62 -15.51 -12.63
N VAL D 95 14.16 -15.92 -13.82
CA VAL D 95 13.55 -14.99 -14.75
C VAL D 95 12.26 -14.44 -14.15
N VAL D 96 11.41 -15.34 -13.66
CA VAL D 96 10.14 -14.93 -13.08
C VAL D 96 10.35 -14.09 -11.81
N SER D 97 11.36 -14.42 -10.99
CA SER D 97 11.62 -13.69 -9.75
C SER D 97 11.98 -12.25 -10.07
N ARG D 98 12.81 -12.06 -11.09
CA ARG D 98 13.30 -10.73 -11.40
C ARG D 98 12.18 -9.93 -12.05
N MET D 99 11.38 -10.58 -12.90
CA MET D 99 10.25 -9.88 -13.49
C MET D 99 9.26 -9.50 -12.39
N HIS D 100 9.04 -10.41 -11.46
CA HIS D 100 8.14 -10.14 -10.37
C HIS D 100 8.67 -9.00 -9.52
N ARG D 101 9.99 -9.00 -9.34
CA ARG D 101 10.64 -7.94 -8.59
C ARG D 101 10.40 -6.62 -9.29
N VAL D 102 10.45 -6.60 -10.62
CA VAL D 102 10.19 -5.36 -11.32
C VAL D 102 8.79 -4.89 -10.98
N SER D 103 7.82 -5.80 -10.98
CA SER D 103 6.46 -5.35 -10.76
C SER D 103 6.31 -4.90 -9.31
N VAL D 104 7.08 -5.45 -8.37
CA VAL D 104 7.01 -5.00 -7.00
C VAL D 104 7.59 -3.58 -6.86
N ILE D 105 8.66 -3.31 -7.60
CA ILE D 105 9.24 -1.98 -7.56
C ILE D 105 8.23 -1.00 -8.14
N LEU D 106 7.58 -1.39 -9.24
CA LEU D 106 6.69 -0.47 -9.90
C LEU D 106 5.53 -0.18 -8.98
N LYS D 107 5.10 -1.18 -8.23
CA LYS D 107 3.98 -1.02 -7.32
C LYS D 107 4.35 0.09 -6.32
N LEU D 108 5.62 0.11 -5.92
CA LEU D 108 6.11 1.08 -4.96
C LEU D 108 6.13 2.46 -5.61
N LEU D 109 6.62 2.53 -6.83
CA LEU D 109 6.75 3.79 -7.53
C LEU D 109 5.39 4.44 -7.73
N VAL D 110 4.37 3.60 -7.86
CA VAL D 110 3.02 4.12 -7.93
C VAL D 110 2.68 4.75 -6.59
N GLN D 111 3.00 4.07 -5.49
CA GLN D 111 2.61 4.56 -4.19
C GLN D 111 3.38 5.84 -3.89
N GLN D 112 4.56 5.96 -4.47
CA GLN D 112 5.46 7.05 -4.15
C GLN D 112 4.86 8.40 -4.53
N PHE D 113 3.88 8.41 -5.43
CA PHE D 113 3.23 9.65 -5.81
C PHE D 113 2.53 10.29 -4.61
N SER D 114 2.12 9.44 -3.67
CA SER D 114 1.42 9.91 -2.49
C SER D 114 2.31 10.90 -1.72
N ILE D 115 3.62 10.75 -1.84
CA ILE D 115 4.52 11.63 -1.10
C ILE D 115 4.44 13.02 -1.71
N LEU D 116 4.40 13.07 -3.05
CA LEU D 116 4.48 14.35 -3.72
C LEU D 116 3.10 15.00 -3.70
N GLU D 117 2.06 14.23 -3.41
CA GLU D 117 0.74 14.78 -3.25
C GLU D 117 0.66 15.59 -1.98
N THR D 118 1.69 15.51 -1.12
CA THR D 118 1.70 16.30 0.10
C THR D 118 2.13 17.73 -0.21
N MET D 119 2.60 17.98 -1.44
CA MET D 119 2.99 19.31 -1.90
C MET D 119 1.79 19.98 -2.55
N THR D 120 1.42 21.19 -2.09
CA THR D 120 0.24 21.83 -2.67
C THR D 120 0.66 22.46 -4.00
N ALA D 121 -0.33 22.70 -4.87
CA ALA D 121 -0.07 23.40 -6.10
C ALA D 121 0.43 24.80 -5.78
N LEU D 122 -0.15 25.41 -4.73
CA LEU D 122 0.20 26.77 -4.32
C LEU D 122 1.71 26.83 -4.01
N ASP D 123 2.22 25.79 -3.36
CA ASP D 123 3.59 25.78 -2.88
C ASP D 123 4.51 25.46 -4.04
N PHE D 124 4.04 24.59 -4.94
CA PHE D 124 4.83 24.21 -6.09
C PHE D 124 5.02 25.42 -6.99
N ASN D 125 3.95 26.21 -7.06
CA ASN D 125 3.95 27.45 -7.83
C ASN D 125 5.09 28.36 -7.42
N ASP D 126 5.62 28.19 -6.21
CA ASP D 126 6.60 29.14 -5.71
C ASP D 126 8.00 28.81 -6.20
N PHE D 127 8.20 27.72 -6.92
CA PHE D 127 9.54 27.41 -7.39
C PHE D 127 9.52 26.85 -8.81
N ARG D 128 8.33 26.75 -9.41
CA ARG D 128 8.18 26.15 -10.72
C ARG D 128 9.04 26.91 -11.72
N GLU D 129 9.14 28.24 -11.52
CA GLU D 129 9.83 29.11 -12.45
C GLU D 129 11.30 28.72 -12.55
N TYR D 130 11.90 28.30 -11.43
CA TYR D 130 13.34 28.05 -11.38
C TYR D 130 13.65 26.70 -12.02
N LEU D 131 12.64 26.01 -12.54
CA LEU D 131 12.84 24.68 -13.12
C LEU D 131 12.99 24.78 -14.64
N SER D 132 12.28 25.74 -15.25
CA SER D 132 12.29 25.90 -16.69
C SER D 132 13.72 25.96 -17.20
N PRO D 133 14.05 25.25 -18.30
CA PRO D 133 13.06 24.55 -19.10
C PRO D 133 13.08 23.04 -18.97
N ALA D 134 13.39 22.54 -17.76
CA ALA D 134 13.60 21.11 -17.56
C ALA D 134 12.26 20.43 -17.36
N SER D 135 12.20 19.13 -17.71
CA SER D 135 11.00 18.34 -17.52
C SER D 135 11.36 16.88 -17.26
N GLY D 136 10.40 16.13 -16.71
CA GLY D 136 10.55 14.70 -16.51
C GLY D 136 10.79 14.01 -17.85
N PHE D 137 10.29 14.65 -18.90
CA PHE D 137 10.43 14.18 -20.27
C PHE D 137 11.88 13.78 -20.52
N GLN D 138 12.80 14.45 -19.83
CA GLN D 138 14.21 14.29 -20.14
C GLN D 138 14.81 13.14 -19.33
N SER D 139 13.97 12.28 -18.74
CA SER D 139 14.45 11.10 -18.05
C SER D 139 14.92 10.08 -19.07
N LEU D 140 16.25 10.01 -19.25
CA LEU D 140 16.83 9.06 -20.15
C LEU D 140 16.39 7.64 -19.76
N GLN D 141 16.44 7.37 -18.45
CA GLN D 141 16.15 6.05 -17.93
C GLN D 141 14.70 5.66 -18.24
N PHE D 142 13.77 6.60 -18.04
CA PHE D 142 12.38 6.27 -18.28
C PHE D 142 12.24 5.82 -19.73
N ARG D 143 12.98 6.47 -20.63
CA ARG D 143 12.85 6.18 -22.05
C ARG D 143 13.51 4.83 -22.32
N LEU D 144 14.68 4.62 -21.72
CA LEU D 144 15.38 3.35 -21.89
C LEU D 144 14.46 2.22 -21.46
N LEU D 145 13.71 2.46 -20.39
CA LEU D 145 12.82 1.45 -19.85
C LEU D 145 11.68 1.17 -20.84
N GLU D 146 11.06 2.24 -21.36
CA GLU D 146 10.00 2.09 -22.35
C GLU D 146 10.52 1.24 -23.50
N ASN D 147 11.71 1.60 -24.00
CA ASN D 147 12.27 1.00 -25.20
C ASN D 147 12.62 -0.47 -24.95
N LYS D 148 13.24 -0.75 -23.80
CA LYS D 148 13.78 -2.07 -23.53
C LYS D 148 12.64 -3.06 -23.35
N ILE D 149 11.51 -2.58 -22.82
CA ILE D 149 10.34 -3.43 -22.69
C ILE D 149 9.79 -3.72 -24.08
N GLY D 150 9.66 -2.67 -24.90
CA GLY D 150 9.33 -2.86 -26.31
C GLY D 150 8.30 -1.86 -26.85
N VAL D 151 8.27 -0.64 -26.28
CA VAL D 151 7.48 0.43 -26.86
C VAL D 151 8.09 0.79 -28.21
N LEU D 152 7.27 0.80 -29.27
CA LEU D 152 7.79 1.10 -30.60
C LEU D 152 7.66 2.58 -30.93
N GLN D 153 8.71 3.16 -31.50
CA GLN D 153 8.73 4.57 -31.85
C GLN D 153 7.60 4.94 -32.82
N ASN D 154 7.33 4.07 -33.79
CA ASN D 154 6.32 4.35 -34.80
C ASN D 154 4.96 4.52 -34.11
N MET D 155 4.78 3.80 -32.99
CA MET D 155 3.49 3.80 -32.32
C MET D 155 3.46 4.81 -31.17
N ARG D 156 4.47 5.68 -31.09
CA ARG D 156 4.53 6.66 -30.03
C ARG D 156 3.74 7.91 -30.43
N VAL D 157 2.91 8.36 -29.49
CA VAL D 157 2.24 9.64 -29.59
C VAL D 157 3.31 10.72 -29.64
N PRO D 158 3.27 11.60 -30.68
CA PRO D 158 4.22 12.69 -30.81
C PRO D 158 3.96 13.75 -29.74
N TYR D 159 5.04 14.35 -29.22
CA TYR D 159 4.93 15.50 -28.36
C TYR D 159 5.33 16.73 -29.16
N ASN D 160 4.46 17.73 -29.20
CA ASN D 160 4.79 18.98 -29.88
C ASN D 160 5.14 18.67 -31.34
N ARG D 161 4.31 17.81 -31.94
CA ARG D 161 4.47 17.37 -33.33
C ARG D 161 5.88 16.87 -33.64
N ARG D 162 6.56 16.17 -32.71
CA ARG D 162 7.94 15.77 -32.89
C ARG D 162 8.20 14.47 -32.13
N HIS D 163 9.37 13.89 -32.41
CA HIS D 163 9.77 12.59 -31.89
C HIS D 163 10.41 12.75 -30.52
N TYR D 164 10.27 11.75 -29.65
CA TYR D 164 10.66 11.88 -28.26
C TYR D 164 12.17 12.13 -28.17
N ARG D 165 12.93 11.50 -29.08
CA ARG D 165 14.38 11.50 -29.00
C ARG D 165 14.97 12.84 -29.38
N ASP D 166 14.22 13.69 -30.10
CA ASP D 166 14.71 14.99 -30.54
C ASP D 166 15.11 15.86 -29.35
N ASN D 167 14.61 15.51 -28.15
CA ASN D 167 14.90 16.25 -26.93
C ASN D 167 16.27 15.87 -26.36
N PHE D 168 16.89 14.81 -26.90
CA PHE D 168 18.10 14.25 -26.31
C PHE D 168 19.25 14.42 -27.28
N LYS D 169 20.46 14.56 -26.73
CA LYS D 169 21.65 14.83 -27.51
C LYS D 169 22.84 14.08 -26.94
N GLY D 170 23.81 13.76 -27.82
CA GLY D 170 25.08 13.19 -27.41
C GLY D 170 24.96 11.69 -27.17
N GLU D 171 25.79 11.20 -26.25
CA GLU D 171 25.79 9.78 -25.88
C GLU D 171 24.39 9.33 -25.48
N GLU D 172 23.63 10.24 -24.86
CA GLU D 172 22.24 9.96 -24.51
C GLU D 172 21.45 9.55 -25.76
N ASN D 173 21.50 10.38 -26.82
CA ASN D 173 20.75 10.05 -28.02
C ASN D 173 21.24 8.70 -28.53
N GLU D 174 22.55 8.46 -28.41
CA GLU D 174 23.16 7.22 -28.88
C GLU D 174 22.59 6.03 -28.12
N LEU D 175 22.59 6.12 -26.78
CA LEU D 175 22.07 5.07 -25.93
C LEU D 175 20.61 4.78 -26.27
N LEU D 176 19.82 5.83 -26.48
CA LEU D 176 18.40 5.68 -26.77
C LEU D 176 18.22 4.91 -28.07
N LEU D 177 19.11 5.15 -29.03
CA LEU D 177 19.05 4.46 -30.30
C LEU D 177 19.34 2.98 -30.08
N LYS D 178 20.46 2.70 -29.40
CA LYS D 178 20.84 1.34 -29.09
C LYS D 178 19.64 0.64 -28.46
N SER D 179 18.98 1.32 -27.52
CA SER D 179 17.87 0.75 -26.78
C SER D 179 16.73 0.40 -27.75
N GLU D 180 16.56 1.21 -28.80
CA GLU D 180 15.49 1.01 -29.77
C GLU D 180 15.84 -0.14 -30.70
N GLN D 181 17.13 -0.26 -31.05
CA GLN D 181 17.59 -1.15 -32.10
C GLN D 181 17.90 -2.56 -31.56
N GLU D 182 18.57 -2.64 -30.41
CA GLU D 182 18.81 -3.91 -29.74
C GLU D 182 17.47 -4.60 -29.41
N LYS D 183 17.55 -5.90 -29.19
CA LYS D 183 16.37 -6.72 -29.02
C LYS D 183 15.63 -6.33 -27.73
N THR D 184 14.32 -6.11 -27.85
CA THR D 184 13.48 -5.77 -26.71
C THR D 184 13.06 -7.04 -26.00
N LEU D 185 12.49 -6.85 -24.81
CA LEU D 185 11.93 -7.95 -24.05
C LEU D 185 10.83 -8.62 -24.86
N LEU D 186 9.97 -7.82 -25.49
CA LEU D 186 8.92 -8.34 -26.33
C LEU D 186 9.48 -9.27 -27.40
N GLU D 187 10.53 -8.80 -28.10
CA GLU D 187 11.11 -9.55 -29.20
C GLU D 187 11.67 -10.88 -28.70
N LEU D 188 12.29 -10.84 -27.51
CA LEU D 188 12.99 -11.98 -26.96
C LEU D 188 12.00 -13.01 -26.43
N VAL D 189 10.91 -12.51 -25.83
CA VAL D 189 9.81 -13.35 -25.39
C VAL D 189 9.08 -13.96 -26.60
N GLU D 190 8.89 -13.14 -27.64
CA GLU D 190 8.30 -13.63 -28.87
C GLU D 190 9.08 -14.85 -29.36
N ALA D 191 10.41 -14.69 -29.45
CA ALA D 191 11.29 -15.73 -29.95
C ALA D 191 11.09 -17.01 -29.15
N TRP D 192 11.06 -16.84 -27.82
CA TRP D 192 10.92 -17.95 -26.90
C TRP D 192 9.55 -18.60 -27.03
N LEU D 193 8.51 -17.78 -27.19
CA LEU D 193 7.15 -18.28 -27.33
C LEU D 193 7.00 -19.14 -28.58
N GLU D 194 7.74 -18.77 -29.64
CA GLU D 194 7.68 -19.47 -30.91
C GLU D 194 8.17 -20.91 -30.75
N ARG D 195 9.07 -21.12 -29.77
CA ARG D 195 9.67 -22.42 -29.53
C ARG D 195 8.84 -23.23 -28.54
N THR D 196 7.66 -22.75 -28.14
CA THR D 196 6.86 -23.46 -27.17
C THR D 196 6.54 -24.86 -27.69
N PRO D 197 6.77 -25.94 -26.90
CA PRO D 197 6.39 -27.30 -27.30
C PRO D 197 4.88 -27.47 -27.41
N GLY D 198 4.44 -28.24 -28.40
CA GLY D 198 3.03 -28.59 -28.54
C GLY D 198 2.43 -28.08 -29.85
N LEU D 199 3.13 -27.14 -30.49
CA LEU D 199 2.66 -26.50 -31.71
C LEU D 199 3.00 -27.38 -32.91
N GLU D 200 3.98 -28.28 -32.75
CA GLU D 200 4.42 -29.16 -33.82
C GLU D 200 3.20 -29.83 -34.44
N PRO D 201 2.95 -29.61 -35.75
CA PRO D 201 1.84 -30.28 -36.45
C PRO D 201 2.02 -31.79 -36.44
N HIS D 202 3.28 -32.22 -36.47
CA HIS D 202 3.63 -33.63 -36.40
C HIS D 202 3.50 -34.16 -34.97
N GLY D 203 3.27 -33.27 -34.00
CA GLY D 203 3.22 -33.61 -32.58
C GLY D 203 1.81 -33.54 -32.01
N PHE D 204 1.60 -32.69 -31.00
CA PHE D 204 0.30 -32.56 -30.36
C PHE D 204 -0.65 -31.79 -31.30
N ASN D 205 -0.10 -31.03 -32.25
CA ASN D 205 -0.90 -30.24 -33.18
C ASN D 205 -2.01 -29.52 -32.41
N PHE D 206 -1.60 -28.60 -31.53
CA PHE D 206 -2.54 -27.88 -30.69
C PHE D 206 -3.49 -27.05 -31.55
N TRP D 207 -2.92 -26.27 -32.48
CA TRP D 207 -3.70 -25.33 -33.26
C TRP D 207 -4.77 -26.10 -34.05
N GLY D 208 -4.36 -27.23 -34.64
CA GLY D 208 -5.29 -28.03 -35.40
C GLY D 208 -6.41 -28.56 -34.52
N LYS D 209 -6.03 -29.21 -33.41
CA LYS D 209 -7.00 -29.80 -32.51
C LYS D 209 -7.93 -28.71 -32.02
N LEU D 210 -7.39 -27.50 -31.81
CA LEU D 210 -8.17 -26.40 -31.26
C LEU D 210 -9.23 -25.94 -32.28
N GLU D 211 -8.80 -25.70 -33.51
CA GLU D 211 -9.72 -25.29 -34.57
C GLU D 211 -10.87 -26.30 -34.67
N LYS D 212 -10.50 -27.59 -34.74
CA LYS D 212 -11.48 -28.65 -34.88
C LYS D 212 -12.45 -28.61 -33.69
N ASN D 213 -11.89 -28.61 -32.47
CA ASN D 213 -12.71 -28.74 -31.28
C ASN D 213 -13.63 -27.53 -31.18
N ILE D 214 -13.15 -26.34 -31.57
CA ILE D 214 -13.98 -25.15 -31.50
C ILE D 214 -15.09 -25.23 -32.55
N THR D 215 -14.74 -25.59 -33.78
CA THR D 215 -15.72 -25.76 -34.83
C THR D 215 -16.84 -26.67 -34.31
N ARG D 216 -16.42 -27.83 -33.79
CA ARG D 216 -17.35 -28.83 -33.32
C ARG D 216 -18.20 -28.26 -32.19
N GLY D 217 -17.54 -27.66 -31.20
CA GLY D 217 -18.20 -27.16 -30.01
C GLY D 217 -19.25 -26.12 -30.37
N LEU D 218 -18.92 -25.24 -31.32
CA LEU D 218 -19.84 -24.19 -31.73
C LEU D 218 -21.09 -24.82 -32.33
N GLU D 219 -20.88 -25.78 -33.23
CA GLU D 219 -21.98 -26.51 -33.85
C GLU D 219 -22.92 -27.05 -32.76
N GLU D 220 -22.32 -27.75 -31.79
CA GLU D 220 -23.06 -28.38 -30.71
C GLU D 220 -23.91 -27.35 -29.97
N GLU D 221 -23.34 -26.16 -29.77
CA GLU D 221 -24.04 -25.09 -29.07
C GLU D 221 -25.25 -24.67 -29.90
N PHE D 222 -25.07 -24.53 -31.22
CA PHE D 222 -26.16 -24.10 -32.08
C PHE D 222 -27.32 -25.09 -31.96
N ILE D 223 -26.99 -26.39 -31.96
CA ILE D 223 -28.01 -27.42 -31.81
C ILE D 223 -28.80 -27.16 -30.53
N ARG D 224 -28.07 -26.93 -29.43
CA ARG D 224 -28.69 -26.57 -28.17
C ARG D 224 -29.62 -25.37 -28.37
N ILE D 225 -29.11 -24.33 -29.05
CA ILE D 225 -29.86 -23.10 -29.22
C ILE D 225 -31.07 -23.37 -30.12
N GLN D 226 -30.84 -24.10 -31.23
CA GLN D 226 -31.91 -24.38 -32.17
C GLN D 226 -33.10 -25.00 -31.44
N ALA D 227 -32.84 -25.78 -30.37
CA ALA D 227 -33.90 -26.25 -29.47
C ALA D 227 -34.74 -25.09 -28.91
N GLU D 230 -38.44 -20.86 -30.11
CA GLU D 230 -38.45 -19.38 -30.23
C GLU D 230 -38.82 -18.76 -28.88
N SER D 231 -38.05 -17.75 -28.45
CA SER D 231 -38.29 -17.06 -27.19
C SER D 231 -37.42 -15.81 -27.16
N GLU D 232 -37.63 -14.94 -26.18
CA GLU D 232 -36.77 -13.78 -26.00
C GLU D 232 -35.35 -14.26 -25.72
N GLU D 233 -35.26 -15.25 -24.81
CA GLU D 233 -34.01 -15.88 -24.48
C GLU D 233 -33.28 -16.30 -25.76
N LYS D 234 -33.98 -17.10 -26.58
CA LYS D 234 -33.40 -17.66 -27.79
C LYS D 234 -32.76 -16.53 -28.60
N GLU D 235 -33.49 -15.42 -28.75
CA GLU D 235 -33.02 -14.30 -29.52
C GLU D 235 -31.67 -13.83 -28.96
N GLU D 236 -31.61 -13.66 -27.63
CA GLU D 236 -30.39 -13.24 -26.98
C GLU D 236 -29.28 -14.26 -27.26
N GLN D 237 -29.58 -15.55 -26.99
CA GLN D 237 -28.56 -16.59 -27.06
C GLN D 237 -27.85 -16.55 -28.42
N VAL D 238 -28.66 -16.48 -29.48
CA VAL D 238 -28.13 -16.60 -30.82
C VAL D 238 -27.23 -15.40 -31.10
N ALA D 239 -27.63 -14.19 -30.69
CA ALA D 239 -26.81 -13.02 -30.92
C ALA D 239 -25.43 -13.19 -30.29
N GLU D 240 -25.41 -13.65 -29.03
CA GLU D 240 -24.17 -13.97 -28.35
C GLU D 240 -23.33 -14.96 -29.16
N PHE D 241 -24.00 -16.05 -29.57
CA PHE D 241 -23.33 -17.13 -30.27
C PHE D 241 -22.62 -16.59 -31.50
N GLN D 242 -23.34 -15.73 -32.24
CA GLN D 242 -22.85 -15.21 -33.50
C GLN D 242 -21.49 -14.56 -33.27
N LYS D 243 -21.43 -13.66 -32.29
CA LYS D 243 -20.22 -12.86 -32.07
C LYS D 243 -19.10 -13.80 -31.62
N GLN D 244 -19.43 -14.68 -30.65
CA GLN D 244 -18.46 -15.62 -30.13
C GLN D 244 -17.88 -16.44 -31.28
N LYS D 245 -18.74 -16.97 -32.14
CA LYS D 245 -18.31 -17.72 -33.32
C LYS D 245 -17.32 -16.88 -34.14
N GLU D 246 -17.69 -15.62 -34.36
CA GLU D 246 -16.89 -14.73 -35.19
C GLU D 246 -15.52 -14.60 -34.56
N VAL D 247 -15.54 -14.24 -33.27
CA VAL D 247 -14.32 -13.99 -32.53
C VAL D 247 -13.44 -15.22 -32.57
N LEU D 248 -14.02 -16.35 -32.15
CA LEU D 248 -13.25 -17.56 -31.98
C LEU D 248 -12.61 -17.97 -33.30
N LEU D 249 -13.33 -17.80 -34.42
CA LEU D 249 -12.80 -18.25 -35.68
C LEU D 249 -11.76 -17.26 -36.21
N SER D 250 -11.93 -15.97 -35.86
CA SER D 250 -10.99 -14.95 -36.26
C SER D 250 -9.57 -15.31 -35.81
N LEU D 251 -9.48 -16.17 -34.80
CA LEU D 251 -8.20 -16.56 -34.24
C LEU D 251 -7.39 -17.33 -35.27
N PHE D 252 -8.06 -17.98 -36.22
CA PHE D 252 -7.37 -18.84 -37.16
C PHE D 252 -7.14 -18.13 -38.49
N ASP D 253 -7.43 -16.82 -38.56
CA ASP D 253 -7.13 -16.04 -39.74
C ASP D 253 -5.75 -15.41 -39.57
N GLU D 254 -4.72 -16.10 -40.07
CA GLU D 254 -3.35 -15.64 -39.95
C GLU D 254 -3.18 -14.32 -40.71
N LYS D 255 -3.98 -14.11 -41.76
CA LYS D 255 -3.88 -12.91 -42.58
C LYS D 255 -4.40 -11.69 -41.82
N ARG D 256 -5.51 -11.88 -41.12
CA ARG D 256 -6.07 -10.83 -40.29
C ARG D 256 -5.01 -10.40 -39.29
N HIS D 257 -4.32 -11.40 -38.72
CA HIS D 257 -3.30 -11.16 -37.72
C HIS D 257 -2.17 -10.35 -38.32
N GLU D 258 -1.65 -10.81 -39.45
CA GLU D 258 -0.51 -10.16 -40.09
C GLU D 258 -0.89 -8.71 -40.40
N HIS D 259 -2.17 -8.49 -40.72
CA HIS D 259 -2.67 -7.16 -41.02
C HIS D 259 -2.69 -6.31 -39.76
N LEU D 260 -3.26 -6.87 -38.69
CA LEU D 260 -3.35 -6.16 -37.42
C LEU D 260 -1.95 -5.93 -36.85
N LEU D 261 -1.02 -6.80 -37.23
CA LEU D 261 0.36 -6.68 -36.82
C LEU D 261 0.97 -5.43 -37.46
N SER D 262 0.76 -5.27 -38.77
CA SER D 262 1.30 -4.13 -39.49
C SER D 262 0.68 -2.83 -38.99
N LYS D 263 -0.57 -2.89 -38.51
CA LYS D 263 -1.23 -1.70 -37.99
C LYS D 263 -0.78 -1.42 -36.57
N GLY D 264 -0.03 -2.34 -35.96
CA GLY D 264 0.50 -2.15 -34.63
C GLY D 264 -0.57 -2.35 -33.54
N GLU D 265 -1.70 -2.94 -33.93
CA GLU D 265 -2.78 -3.20 -32.99
C GLU D 265 -2.51 -4.53 -32.30
N ARG D 266 -1.64 -5.35 -32.89
CA ARG D 266 -1.03 -6.50 -32.24
C ARG D 266 0.48 -6.38 -32.36
N ARG D 267 1.21 -7.18 -31.57
CA ARG D 267 2.66 -7.08 -31.53
C ARG D 267 3.35 -8.42 -31.78
N LEU D 268 2.73 -9.52 -31.32
CA LEU D 268 3.39 -10.82 -31.34
C LEU D 268 3.11 -11.51 -32.67
N SER D 269 4.13 -12.25 -33.15
CA SER D 269 3.98 -13.14 -34.28
C SER D 269 2.80 -14.09 -34.05
N TYR D 270 2.24 -14.59 -35.14
CA TYR D 270 1.12 -15.51 -35.03
C TYR D 270 1.57 -16.77 -34.30
N ARG D 271 2.82 -17.19 -34.51
CA ARG D 271 3.29 -18.40 -33.88
C ARG D 271 3.49 -18.15 -32.37
N ALA D 272 3.99 -16.97 -32.02
CA ALA D 272 4.19 -16.64 -30.61
C ALA D 272 2.83 -16.67 -29.91
N LEU D 273 1.81 -16.20 -30.61
CA LEU D 273 0.45 -16.16 -30.06
C LEU D 273 -0.02 -17.57 -29.75
N GLN D 274 0.34 -18.52 -30.61
CA GLN D 274 -0.04 -19.92 -30.43
C GLN D 274 0.66 -20.47 -29.19
N GLY D 275 1.96 -20.17 -29.08
CA GLY D 275 2.73 -20.58 -27.92
C GLY D 275 2.11 -20.07 -26.62
N ALA D 276 1.70 -18.81 -26.62
CA ALA D 276 1.15 -18.16 -25.43
C ALA D 276 -0.16 -18.82 -25.03
N LEU D 277 -1.00 -19.12 -26.01
CA LEU D 277 -2.30 -19.71 -25.74
C LEU D 277 -2.12 -21.15 -25.28
N MET D 278 -1.11 -21.81 -25.84
CA MET D 278 -0.72 -23.14 -25.41
C MET D 278 -0.49 -23.10 -23.90
N ILE D 279 0.30 -22.10 -23.46
CA ILE D 279 0.73 -22.01 -22.08
C ILE D 279 -0.48 -21.68 -21.23
N TYR D 280 -1.37 -20.82 -21.72
CA TYR D 280 -2.56 -20.46 -20.97
C TYR D 280 -3.37 -21.71 -20.63
N PHE D 281 -3.63 -22.51 -21.68
CA PHE D 281 -4.59 -23.59 -21.60
C PHE D 281 -3.99 -24.75 -20.82
N TYR D 282 -2.68 -24.97 -20.94
CA TYR D 282 -2.03 -26.09 -20.28
C TYR D 282 -1.14 -25.67 -19.10
N ARG D 283 -1.51 -24.58 -18.42
CA ARG D 283 -0.65 -23.91 -17.47
C ARG D 283 -0.33 -24.80 -16.27
N GLU D 284 -1.26 -25.70 -15.94
CA GLU D 284 -1.08 -26.56 -14.77
C GLU D 284 -0.06 -27.65 -15.07
N GLU D 285 0.20 -27.97 -16.33
CA GLU D 285 1.19 -28.98 -16.68
C GLU D 285 2.54 -28.46 -16.20
N PRO D 286 3.33 -29.29 -15.48
CA PRO D 286 4.53 -28.81 -14.79
C PRO D 286 5.47 -27.92 -15.60
N ARG D 287 5.66 -28.25 -16.89
CA ARG D 287 6.62 -27.53 -17.69
C ARG D 287 6.15 -26.12 -18.01
N PHE D 288 4.83 -25.90 -17.86
CA PHE D 288 4.20 -24.64 -18.19
C PHE D 288 3.84 -23.82 -16.95
N GLN D 289 4.06 -24.34 -15.74
CA GLN D 289 3.64 -23.65 -14.53
C GLN D 289 4.38 -22.32 -14.37
N VAL D 290 5.71 -22.33 -14.44
CA VAL D 290 6.45 -21.09 -14.27
C VAL D 290 6.34 -20.24 -15.54
N PRO D 291 6.36 -20.81 -16.75
CA PRO D 291 6.08 -20.02 -17.95
C PRO D 291 4.79 -19.23 -17.92
N PHE D 292 3.75 -19.80 -17.32
CA PHE D 292 2.49 -19.08 -17.18
C PHE D 292 2.65 -17.92 -16.21
N GLN D 293 3.43 -18.16 -15.15
CA GLN D 293 3.74 -17.11 -14.19
C GLN D 293 4.44 -15.95 -14.89
N LEU D 294 5.33 -16.26 -15.84
CA LEU D 294 6.07 -15.25 -16.55
C LEU D 294 5.10 -14.37 -17.34
N LEU D 295 4.14 -15.01 -17.99
CA LEU D 295 3.18 -14.29 -18.83
C LEU D 295 2.38 -13.34 -17.95
N THR D 296 1.99 -13.82 -16.79
CA THR D 296 1.23 -13.03 -15.85
C THR D 296 2.04 -11.83 -15.43
N SER D 297 3.35 -12.02 -15.22
CA SER D 297 4.21 -10.96 -14.74
C SER D 297 4.41 -9.90 -15.81
N LEU D 298 4.49 -10.34 -17.08
CA LEU D 298 4.67 -9.41 -18.19
C LEU D 298 3.45 -8.48 -18.28
N MET D 299 2.27 -9.07 -18.12
CA MET D 299 1.04 -8.30 -18.11
C MET D 299 1.01 -7.37 -16.89
N ASP D 300 1.54 -7.81 -15.75
CA ASP D 300 1.56 -7.01 -14.54
C ASP D 300 2.43 -5.78 -14.76
N ILE D 301 3.54 -5.95 -15.45
CA ILE D 301 4.46 -4.84 -15.68
C ILE D 301 3.79 -3.82 -16.58
N ASP D 302 3.10 -4.28 -17.63
CA ASP D 302 2.34 -3.38 -18.49
C ASP D 302 1.32 -2.61 -17.67
N SER D 303 0.59 -3.32 -16.80
CA SER D 303 -0.47 -2.73 -16.02
C SER D 303 0.09 -1.66 -15.10
N LEU D 304 1.21 -1.96 -14.46
CA LEU D 304 1.76 -1.07 -13.45
C LEU D 304 2.39 0.13 -14.10
N MET D 305 2.98 -0.07 -15.28
CA MET D 305 3.51 1.04 -16.04
C MET D 305 2.37 1.99 -16.40
N THR D 306 1.22 1.45 -16.77
CA THR D 306 0.10 2.29 -17.14
C THR D 306 -0.41 3.00 -15.90
N LYS D 307 -0.39 2.32 -14.76
CA LYS D 307 -0.86 2.91 -13.52
C LYS D 307 0.07 4.06 -13.12
N TRP D 308 1.36 3.92 -13.42
CA TRP D 308 2.30 4.98 -13.16
C TRP D 308 1.94 6.17 -14.02
N ARG D 309 1.63 5.92 -15.28
CA ARG D 309 1.33 6.99 -16.21
C ARG D 309 0.07 7.72 -15.78
N TYR D 310 -0.92 6.97 -15.29
CA TYR D 310 -2.19 7.55 -14.88
C TYR D 310 -1.98 8.40 -13.62
N ASN D 311 -1.20 7.89 -12.68
CA ASN D 311 -1.01 8.60 -11.42
C ASN D 311 -0.19 9.85 -11.72
N HIS D 312 0.66 9.81 -12.75
CA HIS D 312 1.45 10.95 -13.11
C HIS D 312 0.52 12.04 -13.64
N VAL D 313 -0.31 11.65 -14.60
CA VAL D 313 -1.28 12.56 -15.20
C VAL D 313 -2.16 13.19 -14.13
N CYS D 314 -2.70 12.37 -13.21
CA CYS D 314 -3.59 12.84 -12.17
C CYS D 314 -2.91 13.92 -11.35
N MET D 315 -1.58 13.83 -11.19
CA MET D 315 -0.88 14.80 -10.35
C MET D 315 -0.58 16.08 -11.12
N VAL D 316 -0.08 15.92 -12.33
CA VAL D 316 0.21 17.08 -13.16
C VAL D 316 -1.05 17.95 -13.27
N HIS D 317 -2.22 17.30 -13.29
CA HIS D 317 -3.49 18.02 -13.31
C HIS D 317 -3.67 18.85 -12.05
N ARG D 318 -3.40 18.23 -10.90
CA ARG D 318 -3.62 18.91 -9.63
C ARG D 318 -2.62 20.06 -9.51
N MET D 319 -1.48 19.94 -10.18
CA MET D 319 -0.41 20.91 -10.02
C MET D 319 -0.46 22.03 -11.06
N LEU D 320 -0.64 21.68 -12.34
CA LEU D 320 -0.58 22.67 -13.39
C LEU D 320 -1.98 23.09 -13.87
N GLY D 321 -3.01 22.28 -13.58
CA GLY D 321 -4.37 22.64 -13.96
C GLY D 321 -4.62 22.36 -15.45
N SER D 322 -5.82 22.69 -15.91
CA SER D 322 -6.18 22.65 -17.33
C SER D 322 -6.56 24.07 -17.78
N SER D 330 -0.98 21.89 -23.02
CA SER D 330 -1.48 20.79 -22.17
C SER D 330 -0.66 19.51 -22.45
N GLY D 331 0.58 19.49 -21.93
CA GLY D 331 1.25 18.26 -21.58
C GLY D 331 0.29 17.29 -20.90
N TYR D 332 -0.62 17.78 -20.02
CA TYR D 332 -1.74 17.01 -19.49
C TYR D 332 -2.37 16.14 -20.58
N HIS D 333 -2.71 16.73 -21.73
CA HIS D 333 -3.40 16.03 -22.80
C HIS D 333 -2.47 15.05 -23.50
N TYR D 334 -1.20 15.46 -23.71
CA TYR D 334 -0.19 14.56 -24.24
C TYR D 334 -0.09 13.34 -23.32
N LEU D 335 0.00 13.62 -22.02
CA LEU D 335 0.18 12.58 -21.03
C LEU D 335 -1.05 11.69 -21.03
N ARG D 336 -2.24 12.31 -21.10
CA ARG D 336 -3.47 11.55 -21.06
C ARG D 336 -3.49 10.58 -22.23
N SER D 337 -2.78 10.92 -23.31
CA SER D 337 -2.77 10.11 -24.52
C SER D 337 -1.83 8.91 -24.37
N THR D 338 -0.88 9.01 -23.43
CA THR D 338 0.09 7.93 -23.21
C THR D 338 -0.56 6.82 -22.40
N VAL D 339 -1.72 7.10 -21.80
CA VAL D 339 -2.47 6.10 -21.05
C VAL D 339 -3.38 5.37 -22.04
N SER D 340 -2.78 4.65 -22.98
CA SER D 340 -3.53 3.99 -24.01
C SER D 340 -2.86 2.66 -24.31
N ASP D 341 -3.56 1.85 -25.12
CA ASP D 341 -3.07 0.55 -25.53
C ASP D 341 -1.86 0.69 -26.46
N ARG D 342 -1.59 1.91 -26.91
CA ARG D 342 -0.48 2.13 -27.83
C ARG D 342 0.83 1.89 -27.07
N TYR D 343 0.76 1.97 -25.74
CA TYR D 343 1.93 1.86 -24.89
C TYR D 343 1.98 0.50 -24.20
N LYS D 344 0.92 -0.33 -24.38
CA LYS D 344 0.87 -1.65 -23.76
C LYS D 344 1.58 -2.67 -24.66
N VAL D 345 2.80 -3.04 -24.32
CA VAL D 345 3.63 -3.90 -25.16
C VAL D 345 3.06 -5.32 -25.24
N PHE D 346 2.59 -5.87 -24.13
CA PHE D 346 2.11 -7.24 -24.12
C PHE D 346 0.59 -7.27 -24.19
N VAL D 347 0.01 -6.38 -25.00
CA VAL D 347 -1.43 -6.27 -25.08
C VAL D 347 -2.01 -7.58 -25.61
N ASP D 348 -1.22 -8.29 -26.42
CA ASP D 348 -1.62 -9.59 -26.93
C ASP D 348 -1.95 -10.56 -25.80
N LEU D 349 -1.19 -10.51 -24.70
CA LEU D 349 -1.39 -11.44 -23.60
C LEU D 349 -2.69 -11.10 -22.90
N PHE D 350 -2.99 -9.81 -22.75
CA PHE D 350 -4.26 -9.41 -22.17
C PHE D 350 -5.41 -9.90 -23.02
N ASN D 351 -5.26 -9.88 -24.35
CA ASN D 351 -6.38 -10.09 -25.25
C ASN D 351 -6.65 -11.57 -25.48
N LEU D 352 -5.79 -12.44 -24.98
CA LEU D 352 -6.08 -13.87 -25.05
C LEU D 352 -7.32 -14.24 -24.23
N SER D 353 -7.71 -13.39 -23.26
CA SER D 353 -8.95 -13.56 -22.52
C SER D 353 -10.16 -13.54 -23.45
N THR D 354 -10.06 -12.86 -24.59
CA THR D 354 -11.15 -12.81 -25.55
C THR D 354 -11.48 -14.22 -26.07
N TYR D 355 -10.46 -15.07 -26.19
CA TYR D 355 -10.62 -16.35 -26.88
C TYR D 355 -10.73 -17.49 -25.87
N LEU D 356 -11.36 -17.24 -24.72
CA LEU D 356 -11.58 -18.30 -23.75
C LEU D 356 -12.77 -19.13 -24.18
N ILE D 357 -12.54 -20.43 -24.10
CA ILE D 357 -13.47 -21.45 -24.48
C ILE D 357 -13.83 -22.26 -23.23
N PRO D 358 -14.94 -23.02 -23.22
CA PRO D 358 -15.19 -24.00 -22.16
C PRO D 358 -13.99 -24.94 -22.06
N ARG D 359 -13.70 -25.40 -20.83
CA ARG D 359 -12.56 -26.27 -20.56
C ARG D 359 -12.64 -27.55 -21.39
N HIS D 360 -13.87 -28.06 -21.55
CA HIS D 360 -14.06 -29.34 -22.21
C HIS D 360 -13.73 -29.26 -23.70
N TRP D 361 -13.66 -28.04 -24.24
CA TRP D 361 -13.27 -27.85 -25.64
C TRP D 361 -11.76 -27.94 -25.82
N ILE D 362 -11.02 -27.88 -24.71
CA ILE D 362 -9.58 -27.77 -24.80
C ILE D 362 -9.02 -29.14 -25.18
N PRO D 363 -8.21 -29.25 -26.26
CA PRO D 363 -7.61 -30.52 -26.65
C PRO D 363 -7.04 -31.27 -25.45
N LYS D 364 -7.43 -32.54 -25.29
CA LYS D 364 -7.05 -33.28 -24.09
C LYS D 364 -5.57 -33.63 -24.18
N MET D 365 -4.83 -33.44 -23.09
CA MET D 365 -3.38 -33.44 -23.14
C MET D 365 -2.99 -34.90 -23.06
N ASN D 366 -2.54 -35.48 -24.19
CA ASN D 366 -2.44 -36.94 -24.30
C ASN D 366 -1.66 -37.51 -23.13
N PRO D 367 -2.27 -38.27 -22.18
CA PRO D 367 -1.49 -39.06 -21.21
C PRO D 367 -0.33 -39.81 -21.87
N THR D 368 -0.59 -40.32 -23.09
CA THR D 368 0.40 -40.94 -23.96
C THR D 368 1.69 -40.13 -23.96
N ILE D 369 1.59 -38.87 -24.42
CA ILE D 369 2.80 -38.08 -24.67
C ILE D 369 2.97 -37.04 -23.56
N HIS D 370 2.13 -37.10 -22.52
CA HIS D 370 2.08 -36.07 -21.49
C HIS D 370 3.50 -35.79 -20.99
N LYS D 371 4.34 -36.82 -21.01
CA LYS D 371 5.69 -36.73 -20.46
C LYS D 371 6.49 -35.63 -21.16
N PHE D 372 6.18 -35.27 -22.43
CA PHE D 372 6.86 -34.18 -23.12
C PHE D 372 6.60 -32.85 -22.39
N LEU D 373 5.57 -32.78 -21.53
CA LEU D 373 5.21 -31.57 -20.80
C LEU D 373 4.93 -31.89 -19.33
#